data_6UE5
#
_entry.id   6UE5
#
_cell.length_a   81.692
_cell.length_b   94.237
_cell.length_c   267.578
_cell.angle_alpha   90.000
_cell.angle_beta   90.000
_cell.angle_gamma   90.000
#
_symmetry.space_group_name_H-M   'P 21 21 21'
#
loop_
_entity.id
_entity.type
_entity.pdbx_description
1 polymer 'DDB1- and CUL4-associated factor 15'
2 polymer 'DNA damage-binding protein 1,DNA damage-binding protein 1'
3 polymer RBM39
4 polymer 'DET1- and DDB1-associated protein 1'
5 non-polymer 4-(aminomethyl)-N-(3-cyano-4-methyl-1H-indol-7-yl)benzene-1-sulfonamide
6 non-polymer GLYCEROL
7 water water
#
loop_
_entity_poly.entity_id
_entity_poly.type
_entity_poly.pdbx_seq_one_letter_code
_entity_poly.pdbx_strand_id
1 'polypeptide(L)'
;GPAPSSKSERNSGAGSGGGGPGGAGGKRAAGRRREHVLKQLERVKISGQLSPRLFRKLPPRVCVSLKNIVDEDFLYAGHI
FLGFSKCGRYVLSYTSSSGDDDFSFYIYHLYWWEFNVHSKLKLVRQVRLFQDEEIYSDLYLTVCEWPSDASKVIVFGFNT
RSANGMLMNMMMMSDENHRDIYVSTVAVPPPGRCAACQDASRAHPGDPNAQCLRHGFMLHTKYQVVYPFPTFQPAFQLKK
DQVVLLNTSYSLVACAVSVHSAGDRSFCQILYDHSTCPLAPASPPEPQSPELPPALPSFCPEAAPARSSGSPEPSPAIAK
AKEFVADIFRRAKEAKGGVPEEARPALCPGPSGSRCRAHSEPLALCGETAPRDSPPASEAPASEPGYVNYTKLYYVLESG
EGTEPEDELEDDKISLPFVVTDLRGRNLRPMRERTAVQGQYLTVEQLTLDFEYVINEVIRHDATWGHQFCSFSDYDIVIL
EVCPETNQVLINIGLLLLAFPSPTEEGQLRPKTYHTSLKVAWDLNTGIFETVSVGDLTEVKGQTSGSVWSSYRKSCVDMV
MKWLVPESSGRYVNRMTNEALHKGCSLKVLADSERYTWIVL
;
A
2 'polypeptide(L)'
;MSYNYVVTAQKPTAVNGCVTGHFTSAEDLNLLIAKNTRLEIYVVTAEGLRPVKEVGMYGKIAVMELFRPKGESKDLLFIL
TAKYNACILEYKQSGESIDIITRAHGNVQDRIGRPSETGIIGIIDPECRMIGLRLYDGLFKVIPLDRDNKELKAFNIRLE
ELHVIDVKFLYGCQAPTICFVYQDPQGRHVKTYEVSLREKEFNKGPWKQENVEAEASMVIAVPEPFGGAIIIGQESITYH
NGDKYLAIAPPIIKQSTIVCHNRVDPNGSRYLLGDMEGRLFMLLLEKEEQMDGTVTLKDLRVELLGETSIAECLTYLDNG
VVFVGSRLGDSQLVKLNVDSNEQGSYVVAMETFTNLGPIVDMCVVDLERQGQGQLVTCSGAFKEGSLRIIRNGIGGNGNS
GEIQKLHIRTVPLYESPRKICYQEVSQCFGVLSSRIEVQDTSGGTTALRPSASTQALSSSVSSSKLFSSSTAPHETSFGE
EVEVHNLLIIDQHTFEVLHAHQFLQNEYALSLVSCKLGKDPNTYFIVGTAMVYPEEAEPKQGRIVVFQYSDGKLQTVAEK
EVKGAVYSMVEFNGKLLASINSTVRLYEWTTEKELRTECNHYNNIMALYLKTKGDFILVGDLMRSVLLLAYKPMEGNFEE
IARDFNPNWMSAVEILDDDNFLGAENAFNLFVCQKDSAATTDEERQHLQEVGLFHLGEFVNVFCHGSLVMQNLGETSTPT
QGSVLFGTVNGMIGLVTSLSESWYNLLLDMQNRLNKVIKSVGKIEHSFWRSFHTERKTEPATGFIDGDLIESFLDISRPK
MQEVVANLQYDDGSGMKREATADDLIKVVEELTRIH
;
B
3 'polypeptide(L)'
;GPMRLYVGSLHFNITEDMLRGIFEPFGRIESIQLMMDSETGRSKGYGFITFSDSECAKKALEQLNGFELAGRPMKVGHVT
E
;
C
4 'polypeptide(L)'
;ADFLKGLPVYNKSNFSRFHADSVCKASNRRPSVYLPTREYPSEQIIVTEKTNILLRYLHQQWDKKNAAKKRDQEQVELEG
ESSAPPRKVARTDSPDMHEDT
;
D
#
# COMPACT_ATOMS: atom_id res chain seq x y z
N ARG A 33 22.20 8.72 2.85
CA ARG A 33 22.63 7.32 2.79
C ARG A 33 21.54 6.44 2.20
N ARG A 34 21.89 5.64 1.18
CA ARG A 34 20.96 4.72 0.52
C ARG A 34 21.35 3.29 0.88
N GLU A 35 20.37 2.50 1.29
CA GLU A 35 20.61 1.11 1.63
C GLU A 35 20.70 0.27 0.35
N HIS A 36 21.47 -0.81 0.41
CA HIS A 36 21.69 -1.76 -0.68
C HIS A 36 20.40 -2.53 -0.95
N VAL A 37 20.21 -2.95 -2.20
CA VAL A 37 19.01 -3.67 -2.67
C VAL A 37 18.85 -5.04 -2.02
N LEU A 38 19.96 -5.74 -1.79
CA LEU A 38 19.92 -7.07 -1.17
C LEU A 38 19.53 -7.01 0.28
N LYS A 39 19.91 -5.92 0.96
CA LYS A 39 19.58 -5.67 2.36
C LYS A 39 18.08 -5.50 2.50
N GLN A 40 17.44 -4.77 1.55
CA GLN A 40 15.99 -4.56 1.52
C GLN A 40 15.27 -5.86 1.29
N LEU A 41 15.77 -6.69 0.33
CA LEU A 41 15.20 -8.00 0.00
C LEU A 41 15.27 -8.96 1.16
N GLU A 42 16.39 -8.94 1.92
CA GLU A 42 16.60 -9.75 3.13
C GLU A 42 15.54 -9.43 4.16
N ARG A 43 15.24 -8.13 4.37
CA ARG A 43 14.25 -7.65 5.33
C ARG A 43 12.84 -8.13 5.01
N VAL A 44 12.51 -8.30 3.72
CA VAL A 44 11.19 -8.73 3.26
C VAL A 44 10.90 -10.15 3.75
N LYS A 45 11.93 -11.00 3.75
CA LYS A 45 11.84 -12.39 4.18
C LYS A 45 11.43 -12.54 5.63
N ILE A 46 12.01 -11.71 6.52
CA ILE A 46 11.78 -11.76 7.96
C ILE A 46 10.62 -10.89 8.45
N SER A 47 10.23 -9.87 7.68
CA SER A 47 9.15 -8.96 8.10
C SER A 47 7.80 -9.19 7.43
N GLY A 48 7.82 -9.64 6.18
CA GLY A 48 6.63 -9.87 5.38
C GLY A 48 5.99 -8.58 4.88
N GLN A 49 6.77 -7.48 4.88
CA GLN A 49 6.32 -6.18 4.43
C GLN A 49 7.07 -5.79 3.15
N LEU A 50 6.38 -5.92 2.02
CA LEU A 50 6.90 -5.63 0.69
C LEU A 50 5.90 -4.76 -0.03
N SER A 51 6.32 -3.58 -0.46
CA SER A 51 5.45 -2.63 -1.15
C SER A 51 6.23 -1.70 -2.06
N PRO A 52 5.59 -1.12 -3.11
CA PRO A 52 6.29 -0.13 -3.95
C PRO A 52 6.63 1.11 -3.13
N ARG A 53 5.75 1.52 -2.16
CA ARG A 53 5.96 2.67 -1.28
C ARG A 53 7.20 2.53 -0.40
N LEU A 54 7.56 1.28 -0.06
CA LEU A 54 8.75 0.94 0.71
C LEU A 54 9.99 1.09 -0.17
N PHE A 55 9.91 0.65 -1.44
CA PHE A 55 10.99 0.65 -2.42
C PHE A 55 11.06 1.92 -3.26
N ARG A 56 10.34 2.99 -2.85
CA ARG A 56 10.30 4.25 -3.61
C ARG A 56 11.68 4.88 -3.87
N LYS A 57 12.60 4.89 -2.87
CA LYS A 57 13.94 5.47 -2.99
C LYS A 57 14.84 4.67 -3.92
N LEU A 58 14.42 3.45 -4.28
CA LEU A 58 15.15 2.55 -5.17
C LEU A 58 15.15 3.04 -6.62
N PRO A 59 16.34 3.07 -7.28
CA PRO A 59 16.41 3.48 -8.70
C PRO A 59 15.60 2.54 -9.62
N PRO A 60 15.33 2.96 -10.89
CA PRO A 60 14.58 2.08 -11.81
C PRO A 60 15.29 0.76 -12.06
N ARG A 61 14.50 -0.31 -12.24
CA ARG A 61 15.05 -1.65 -12.45
C ARG A 61 15.51 -1.87 -13.87
N VAL A 62 14.74 -1.38 -14.84
CA VAL A 62 15.01 -1.51 -16.26
C VAL A 62 14.60 -0.24 -17.01
N CYS A 63 15.45 0.20 -17.94
CA CYS A 63 15.23 1.37 -18.79
C CYS A 63 15.70 1.02 -20.18
N VAL A 64 14.76 0.91 -21.12
CA VAL A 64 15.03 0.57 -22.50
C VAL A 64 14.98 1.80 -23.39
N SER A 65 15.91 1.90 -24.36
CA SER A 65 15.92 3.00 -25.32
C SER A 65 14.72 2.82 -26.21
N LEU A 66 14.05 3.92 -26.57
CA LEU A 66 12.89 3.88 -27.46
C LEU A 66 13.31 3.32 -28.80
N LYS A 67 14.52 3.69 -29.28
CA LYS A 67 15.11 3.24 -30.54
C LYS A 67 15.30 1.72 -30.59
N ASN A 68 15.57 1.08 -29.43
CA ASN A 68 15.79 -0.36 -29.32
C ASN A 68 14.52 -1.21 -29.34
N ILE A 69 13.36 -0.60 -29.01
CA ILE A 69 12.09 -1.31 -28.94
C ILE A 69 11.16 -0.94 -30.10
N VAL A 70 11.43 0.16 -30.80
CA VAL A 70 10.61 0.55 -31.94
C VAL A 70 11.12 -0.21 -33.17
N ASP A 71 10.22 -0.52 -34.10
CA ASP A 71 10.53 -1.23 -35.34
C ASP A 71 10.26 -0.36 -36.57
N GLU A 72 10.71 -0.82 -37.78
CA GLU A 72 10.54 -0.14 -39.07
C GLU A 72 10.90 1.33 -38.88
N ASP A 73 12.10 1.57 -38.31
CA ASP A 73 12.64 2.87 -37.91
C ASP A 73 12.78 3.88 -39.04
N PHE A 74 14.00 4.12 -39.55
CA PHE A 74 14.30 5.14 -40.56
C PHE A 74 13.84 6.50 -40.00
N LEU A 75 12.82 7.13 -40.61
CA LEU A 75 12.28 8.41 -40.16
C LEU A 75 10.83 8.24 -39.70
N TYR A 76 10.41 6.96 -39.51
CA TYR A 76 9.07 6.48 -39.12
C TYR A 76 8.17 7.55 -38.52
N ALA A 77 7.48 8.28 -39.43
CA ALA A 77 6.51 9.34 -39.19
C ALA A 77 6.92 10.34 -38.11
N GLY A 78 5.91 10.88 -37.42
CA GLY A 78 6.06 11.84 -36.33
C GLY A 78 5.36 11.35 -35.09
N HIS A 79 5.76 10.15 -34.61
CA HIS A 79 5.19 9.54 -33.41
C HIS A 79 5.65 10.23 -32.15
N ILE A 80 4.69 10.90 -31.49
CA ILE A 80 4.95 11.61 -30.24
C ILE A 80 4.39 10.71 -29.15
N PHE A 81 5.29 9.98 -28.46
CA PHE A 81 4.93 9.04 -27.41
C PHE A 81 4.44 9.76 -26.18
N LEU A 82 3.32 9.27 -25.63
CA LEU A 82 2.68 9.88 -24.47
C LEU A 82 3.13 9.32 -23.14
N GLY A 83 3.06 8.01 -23.02
CA GLY A 83 3.45 7.31 -21.80
C GLY A 83 2.70 6.01 -21.58
N PHE A 84 3.06 5.31 -20.51
CA PHE A 84 2.45 4.04 -20.12
C PHE A 84 1.03 4.24 -19.67
N SER A 85 0.27 3.14 -19.68
CA SER A 85 -1.09 3.14 -19.17
C SER A 85 -0.94 2.81 -17.68
N LYS A 86 -2.02 2.90 -16.91
CA LYS A 86 -2.01 2.60 -15.47
C LYS A 86 -1.71 1.13 -15.18
N CYS A 87 -2.13 0.23 -16.10
CA CYS A 87 -1.89 -1.21 -16.01
C CYS A 87 -0.43 -1.58 -16.31
N GLY A 88 0.26 -0.72 -17.07
CA GLY A 88 1.66 -0.86 -17.46
C GLY A 88 1.89 -1.80 -18.63
N ARG A 89 0.79 -2.19 -19.32
CA ARG A 89 0.81 -3.09 -20.47
C ARG A 89 0.84 -2.32 -21.80
N TYR A 90 0.20 -1.14 -21.83
CA TYR A 90 0.12 -0.33 -23.04
C TYR A 90 0.92 0.95 -22.95
N VAL A 91 1.50 1.35 -24.08
CA VAL A 91 2.26 2.60 -24.23
C VAL A 91 1.56 3.32 -25.38
N LEU A 92 1.13 4.56 -25.13
CA LEU A 92 0.40 5.37 -26.09
C LEU A 92 1.30 6.37 -26.79
N SER A 93 0.85 6.81 -27.97
CA SER A 93 1.50 7.80 -28.81
C SER A 93 0.48 8.41 -29.74
N TYR A 94 0.82 9.55 -30.32
CA TYR A 94 -0.05 10.22 -31.28
C TYR A 94 0.77 10.87 -32.38
N THR A 95 0.12 11.23 -33.49
CA THR A 95 0.75 11.91 -34.62
C THR A 95 -0.11 13.09 -35.05
N SER A 96 0.55 14.19 -35.44
CA SER A 96 -0.10 15.40 -35.91
C SER A 96 0.41 15.71 -37.32
N SER A 97 -0.29 15.18 -38.33
CA SER A 97 0.06 15.41 -39.73
C SER A 97 -0.65 16.66 -40.22
N SER A 98 0.13 17.65 -40.71
CA SER A 98 -0.38 18.93 -41.19
C SER A 98 -0.98 18.85 -42.59
N GLY A 99 -0.17 18.43 -43.57
CA GLY A 99 -0.58 18.39 -44.97
C GLY A 99 -0.40 19.80 -45.49
N ASP A 100 0.86 20.15 -45.81
CA ASP A 100 1.29 21.48 -46.26
C ASP A 100 0.86 21.86 -47.70
N ASP A 101 -0.45 22.07 -47.89
CA ASP A 101 -1.05 22.44 -49.18
C ASP A 101 -1.98 23.66 -49.06
N PHE A 103 -3.68 26.92 -46.97
CA PHE A 103 -4.79 26.12 -46.44
C PHE A 103 -4.36 25.38 -45.17
N SER A 104 -4.17 24.04 -45.27
CA SER A 104 -3.75 23.09 -44.24
C SER A 104 -4.78 22.87 -43.12
N PHE A 105 -5.23 21.62 -42.98
CA PHE A 105 -6.13 21.16 -41.93
C PHE A 105 -5.48 19.91 -41.34
N TYR A 106 -5.28 19.89 -40.01
CA TYR A 106 -4.61 18.79 -39.31
C TYR A 106 -5.51 17.58 -39.06
N ILE A 107 -4.85 16.43 -38.89
CA ILE A 107 -5.48 15.14 -38.59
C ILE A 107 -4.71 14.54 -37.41
N TYR A 108 -5.45 14.20 -36.35
CA TYR A 108 -4.88 13.62 -35.15
C TYR A 108 -5.22 12.15 -35.00
N HIS A 109 -4.17 11.32 -34.87
CA HIS A 109 -4.31 9.87 -34.75
C HIS A 109 -3.73 9.35 -33.45
N LEU A 110 -4.48 8.45 -32.80
CA LEU A 110 -4.09 7.83 -31.54
C LEU A 110 -3.67 6.38 -31.74
N TYR A 111 -2.63 5.94 -31.01
CA TYR A 111 -2.10 4.58 -31.13
C TYR A 111 -1.95 3.89 -29.78
N TRP A 112 -2.01 2.56 -29.78
CA TRP A 112 -1.87 1.69 -28.61
C TRP A 112 -0.79 0.64 -28.92
N TRP A 113 0.27 0.60 -28.11
CA TRP A 113 1.39 -0.32 -28.34
C TRP A 113 1.54 -1.36 -27.25
N GLU A 114 2.20 -2.47 -27.58
CA GLU A 114 2.42 -3.61 -26.71
C GLU A 114 3.81 -3.62 -26.09
N PHE A 115 3.89 -3.42 -24.76
CA PHE A 115 5.17 -3.46 -24.05
C PHE A 115 5.52 -4.88 -23.60
N ASN A 116 6.68 -5.38 -24.03
CA ASN A 116 7.17 -6.71 -23.66
C ASN A 116 8.64 -6.62 -23.25
N VAL A 117 8.96 -5.62 -22.39
CA VAL A 117 10.30 -5.38 -21.82
C VAL A 117 11.32 -5.09 -22.97
N HIS A 118 12.31 -5.98 -23.16
CA HIS A 118 13.38 -5.86 -24.16
C HIS A 118 12.94 -6.17 -25.59
N SER A 119 11.75 -6.76 -25.78
CA SER A 119 11.23 -7.06 -27.13
C SER A 119 10.72 -5.79 -27.83
N LYS A 120 10.47 -5.90 -29.15
CA LYS A 120 9.98 -4.81 -29.99
C LYS A 120 8.51 -4.53 -29.67
N LEU A 121 8.09 -3.25 -29.82
CA LEU A 121 6.72 -2.79 -29.61
C LEU A 121 5.85 -3.32 -30.74
N LYS A 122 4.68 -3.82 -30.38
CA LYS A 122 3.72 -4.36 -31.34
C LYS A 122 2.45 -3.54 -31.27
N LEU A 123 2.11 -2.91 -32.40
CA LEU A 123 0.92 -2.07 -32.54
C LEU A 123 -0.34 -2.90 -32.36
N VAL A 124 -1.31 -2.42 -31.56
CA VAL A 124 -2.55 -3.15 -31.29
C VAL A 124 -3.82 -2.35 -31.69
N ARG A 125 -3.72 -1.01 -31.81
CA ARG A 125 -4.86 -0.17 -32.18
C ARG A 125 -4.44 1.17 -32.77
N GLN A 126 -5.12 1.55 -33.87
CA GLN A 126 -4.96 2.82 -34.57
C GLN A 126 -6.35 3.43 -34.70
N VAL A 127 -6.49 4.69 -34.30
CA VAL A 127 -7.76 5.42 -34.30
C VAL A 127 -7.61 6.87 -34.77
N ARG A 128 -8.57 7.35 -35.60
CA ARG A 128 -8.62 8.75 -36.02
C ARG A 128 -9.45 9.50 -34.97
N LEU A 129 -8.97 10.68 -34.58
CA LEU A 129 -9.60 11.50 -33.57
C LEU A 129 -10.28 12.76 -34.13
N PHE A 130 -11.46 13.09 -33.56
CA PHE A 130 -12.31 14.23 -33.93
C PHE A 130 -12.63 14.14 -35.39
N GLN A 131 -13.34 13.07 -35.78
CA GLN A 131 -13.69 12.82 -37.16
C GLN A 131 -14.57 13.92 -37.73
N ASP A 132 -14.29 14.30 -38.99
CA ASP A 132 -14.99 15.33 -39.77
C ASP A 132 -14.88 16.70 -39.09
N GLU A 133 -13.70 16.98 -38.53
CA GLU A 133 -13.38 18.24 -37.86
C GLU A 133 -12.26 18.95 -38.57
N GLU A 134 -12.46 20.24 -38.80
CA GLU A 134 -11.49 21.11 -39.47
C GLU A 134 -10.64 21.84 -38.42
N ILE A 135 -9.42 21.33 -38.22
CA ILE A 135 -8.47 21.88 -37.24
C ILE A 135 -7.48 22.81 -37.94
N TYR A 136 -7.67 24.13 -37.75
CA TYR A 136 -6.82 25.16 -38.35
C TYR A 136 -5.47 25.28 -37.66
N SER A 137 -5.47 25.47 -36.33
CA SER A 137 -4.26 25.62 -35.54
C SER A 137 -3.87 24.32 -34.87
N ASP A 138 -2.59 24.16 -34.52
CA ASP A 138 -2.09 22.96 -33.85
C ASP A 138 -2.62 22.90 -32.43
N LEU A 139 -3.18 21.74 -32.07
CA LEU A 139 -3.79 21.53 -30.75
C LEU A 139 -2.84 20.97 -29.71
N TYR A 140 -3.04 21.40 -28.46
CA TYR A 140 -2.31 20.90 -27.30
C TYR A 140 -3.26 19.83 -26.82
N LEU A 141 -2.93 18.55 -27.09
CA LEU A 141 -3.79 17.46 -26.69
C LEU A 141 -3.26 16.72 -25.45
N THR A 142 -4.20 16.20 -24.63
CA THR A 142 -3.91 15.47 -23.39
C THR A 142 -4.78 14.22 -23.32
N VAL A 143 -4.15 13.06 -23.09
CA VAL A 143 -4.86 11.80 -22.94
C VAL A 143 -4.93 11.46 -21.46
N CYS A 144 -6.14 11.13 -20.98
CA CYS A 144 -6.41 10.81 -19.59
C CYS A 144 -7.07 9.45 -19.38
N GLU A 145 -6.92 8.92 -18.16
CA GLU A 145 -7.53 7.68 -17.72
C GLU A 145 -8.31 7.96 -16.47
N TRP A 146 -9.46 7.28 -16.31
CA TRP A 146 -10.29 7.43 -15.12
C TRP A 146 -9.63 6.66 -13.97
N PRO A 147 -9.88 7.08 -12.70
CA PRO A 147 -9.24 6.40 -11.55
C PRO A 147 -9.31 4.87 -11.52
N SER A 148 -10.49 4.27 -11.73
CA SER A 148 -10.66 2.82 -11.67
C SER A 148 -11.30 2.19 -12.92
N ASP A 149 -11.78 3.04 -13.86
CA ASP A 149 -12.37 2.54 -15.10
C ASP A 149 -11.33 2.56 -16.22
N ALA A 150 -10.74 1.38 -16.49
CA ALA A 150 -9.71 1.21 -17.50
C ALA A 150 -10.24 0.84 -18.90
N SER A 151 -11.58 0.69 -19.05
CA SER A 151 -12.20 0.30 -20.32
C SER A 151 -12.20 1.39 -21.40
N LYS A 152 -11.90 2.64 -21.03
CA LYS A 152 -11.88 3.77 -21.94
C LYS A 152 -10.91 4.87 -21.51
N VAL A 153 -10.51 5.70 -22.47
CA VAL A 153 -9.63 6.84 -22.28
C VAL A 153 -10.29 8.08 -22.85
N ILE A 154 -9.94 9.26 -22.29
CA ILE A 154 -10.46 10.54 -22.77
C ILE A 154 -9.30 11.40 -23.27
N VAL A 155 -9.54 12.13 -24.37
CA VAL A 155 -8.54 12.98 -25.01
C VAL A 155 -9.07 14.41 -25.14
N PHE A 156 -8.44 15.34 -24.42
CA PHE A 156 -8.76 16.76 -24.50
C PHE A 156 -7.82 17.36 -25.51
N GLY A 157 -8.26 18.43 -26.17
CA GLY A 157 -7.49 19.13 -27.18
C GLY A 157 -7.97 20.56 -27.34
N PHE A 158 -7.05 21.51 -27.30
CA PHE A 158 -7.39 22.92 -27.43
C PHE A 158 -6.32 23.69 -28.17
N ASN A 159 -6.72 24.79 -28.80
CA ASN A 159 -5.80 25.67 -29.53
C ASN A 159 -5.62 26.94 -28.71
N THR A 160 -4.58 27.74 -29.03
CA THR A 160 -4.29 29.01 -28.36
C THR A 160 -5.47 29.96 -28.53
N ARG A 161 -5.94 30.10 -29.78
CA ARG A 161 -7.06 30.97 -30.14
C ARG A 161 -7.90 30.29 -31.23
N SER A 162 -9.18 30.70 -31.35
CA SER A 162 -10.08 30.16 -32.36
C SER A 162 -9.74 30.70 -33.72
N ALA A 163 -10.05 29.94 -34.78
CA ALA A 163 -9.82 30.38 -36.15
C ALA A 163 -10.87 31.43 -36.47
N ASN A 164 -10.46 32.58 -37.03
CA ASN A 164 -11.38 33.67 -37.39
C ASN A 164 -12.26 33.31 -38.61
N GLY A 165 -12.76 34.33 -39.29
CA GLY A 165 -13.58 34.23 -40.49
C GLY A 165 -13.07 35.17 -41.54
N MET A 166 -11.72 35.31 -41.64
CA MET A 166 -11.06 36.19 -42.61
C MET A 166 -9.75 35.58 -43.10
N LEU A 167 -8.76 36.36 -43.54
CA LEU A 167 -7.48 35.82 -44.01
C LEU A 167 -6.57 36.98 -44.23
N MET A 168 -5.30 36.84 -43.85
CA MET A 168 -4.34 37.91 -44.04
C MET A 168 -3.04 37.42 -44.65
N ASN A 169 -3.12 36.92 -45.90
CA ASN A 169 -2.04 36.37 -46.74
C ASN A 169 -1.27 35.21 -46.10
N MET A 170 -0.53 35.49 -45.02
CA MET A 170 0.27 34.56 -44.25
C MET A 170 -0.51 33.35 -43.78
N MET A 171 -1.73 33.58 -43.24
CA MET A 171 -2.64 32.54 -42.76
C MET A 171 -4.05 33.12 -42.58
N MET A 172 -4.97 32.25 -42.12
CA MET A 172 -6.37 32.55 -41.84
C MET A 172 -6.54 33.60 -40.71
N MET A 173 -5.53 33.67 -39.81
CA MET A 173 -5.49 34.52 -38.63
C MET A 173 -6.36 33.96 -37.50
N SER A 174 -6.22 34.54 -36.31
CA SER A 174 -6.92 34.08 -35.12
C SER A 174 -7.90 35.08 -34.51
N ASP A 175 -8.85 34.55 -33.73
CA ASP A 175 -9.81 35.36 -33.01
C ASP A 175 -9.33 35.42 -31.57
N GLU A 176 -9.03 36.63 -31.10
CA GLU A 176 -8.54 36.89 -29.75
C GLU A 176 -9.59 36.70 -28.65
N ASN A 177 -10.87 36.58 -28.99
CA ASN A 177 -11.94 36.43 -27.98
C ASN A 177 -12.47 35.01 -27.80
N HIS A 178 -12.07 34.08 -28.66
CA HIS A 178 -12.55 32.71 -28.60
C HIS A 178 -11.45 31.65 -28.63
N ARG A 179 -11.77 30.46 -28.10
CA ARG A 179 -10.89 29.31 -28.04
C ARG A 179 -11.74 28.06 -28.29
N ASP A 180 -11.16 27.08 -29.00
CA ASP A 180 -11.84 25.83 -29.31
C ASP A 180 -11.39 24.72 -28.37
N ILE A 181 -12.36 23.92 -27.91
CA ILE A 181 -12.14 22.78 -27.01
C ILE A 181 -12.68 21.53 -27.68
N TYR A 182 -11.83 20.53 -27.86
CA TYR A 182 -12.17 19.26 -28.48
C TYR A 182 -11.99 18.17 -27.46
N VAL A 183 -13.08 17.47 -27.15
CA VAL A 183 -13.09 16.39 -26.17
C VAL A 183 -13.51 15.12 -26.89
N SER A 184 -12.80 14.01 -26.65
CA SER A 184 -13.14 12.73 -27.26
C SER A 184 -12.85 11.57 -26.33
N THR A 185 -13.75 10.59 -26.30
CA THR A 185 -13.63 9.38 -25.50
C THR A 185 -13.48 8.20 -26.44
N VAL A 186 -12.42 7.40 -26.23
CA VAL A 186 -12.12 6.24 -27.04
C VAL A 186 -12.04 5.01 -26.12
N ALA A 187 -12.47 3.83 -26.64
CA ALA A 187 -12.43 2.57 -25.89
C ALA A 187 -11.04 1.96 -25.96
N VAL A 188 -10.60 1.36 -24.84
CA VAL A 188 -9.29 0.72 -24.73
C VAL A 188 -9.43 -0.70 -25.33
N PRO A 189 -8.39 -1.20 -26.07
CA PRO A 189 -8.46 -2.58 -26.60
C PRO A 189 -8.79 -3.59 -25.51
N PRO A 190 -9.53 -4.66 -25.84
CA PRO A 190 -9.91 -5.64 -24.82
C PRO A 190 -8.72 -6.43 -24.26
N PRO A 191 -8.76 -6.86 -22.97
CA PRO A 191 -7.66 -7.66 -22.41
C PRO A 191 -7.50 -9.00 -23.13
N GLY A 192 -8.57 -9.46 -23.79
CA GLY A 192 -8.57 -10.70 -24.55
C GLY A 192 -9.87 -11.46 -24.49
N ARG A 193 -10.08 -12.35 -25.48
CA ARG A 193 -11.23 -13.24 -25.62
C ARG A 193 -12.56 -12.51 -25.74
N CYS A 194 -13.50 -12.85 -24.84
CA CYS A 194 -14.86 -12.32 -24.70
C CYS A 194 -15.74 -12.69 -25.91
N ALA A 195 -16.84 -11.94 -26.14
CA ALA A 195 -17.79 -12.19 -27.24
C ALA A 195 -17.15 -11.94 -28.63
N ALA A 196 -16.62 -13.02 -29.23
CA ALA A 196 -16.00 -13.00 -30.56
C ALA A 196 -17.03 -13.29 -31.67
N CYS A 197 -18.02 -12.40 -31.79
CA CYS A 197 -19.06 -12.50 -32.80
C CYS A 197 -18.69 -11.58 -33.97
N GLN A 198 -17.73 -12.05 -34.78
CA GLN A 198 -17.22 -11.32 -35.92
C GLN A 198 -17.94 -11.75 -37.19
N ASP A 199 -18.78 -10.86 -37.74
CA ASP A 199 -19.52 -11.12 -38.96
C ASP A 199 -18.74 -10.52 -40.11
N ALA A 200 -17.72 -11.28 -40.58
CA ALA A 200 -16.83 -10.88 -41.67
C ALA A 200 -17.59 -10.72 -42.96
N GLN A 211 -11.14 -8.91 -36.99
CA GLN A 211 -11.44 -7.64 -37.65
C GLN A 211 -11.93 -6.57 -36.67
N CYS A 212 -13.26 -6.54 -36.38
CA CYS A 212 -13.93 -5.54 -35.53
C CYS A 212 -14.76 -6.21 -34.46
N LEU A 213 -15.06 -5.49 -33.36
CA LEU A 213 -15.77 -6.10 -32.22
C LEU A 213 -16.80 -5.18 -31.47
N ARG A 214 -17.23 -5.65 -30.29
CA ARG A 214 -18.19 -5.07 -29.35
C ARG A 214 -17.85 -3.68 -28.83
N HIS A 215 -16.67 -3.53 -28.20
CA HIS A 215 -16.20 -2.29 -27.59
C HIS A 215 -15.10 -1.63 -28.38
N GLY A 216 -15.54 -0.96 -29.42
CA GLY A 216 -14.71 -0.19 -30.31
C GLY A 216 -15.49 1.02 -30.70
N PHE A 217 -16.00 1.74 -29.68
CA PHE A 217 -16.79 2.94 -29.86
C PHE A 217 -15.93 4.18 -29.66
N MET A 218 -16.43 5.31 -30.15
CA MET A 218 -15.79 6.58 -30.16
C MET A 218 -16.85 7.62 -30.03
N LEU A 219 -16.52 8.63 -29.28
CA LEU A 219 -17.43 9.71 -29.05
C LEU A 219 -16.58 10.90 -29.26
N HIS A 220 -17.16 11.97 -29.75
N HIS A 220 -17.20 11.96 -29.71
CA HIS A 220 -16.50 13.25 -30.01
CA HIS A 220 -16.50 13.21 -29.99
C HIS A 220 -17.47 14.42 -29.82
C HIS A 220 -17.44 14.45 -29.94
N THR A 221 -16.90 15.54 -29.38
CA THR A 221 -17.60 16.78 -29.17
C THR A 221 -16.66 17.95 -29.35
N LYS A 222 -17.24 19.14 -29.47
CA LYS A 222 -16.54 20.39 -29.65
C LYS A 222 -17.40 21.54 -29.15
N TYR A 223 -16.78 22.45 -28.38
CA TYR A 223 -17.43 23.66 -27.89
C TYR A 223 -16.45 24.82 -27.82
N GLN A 224 -16.99 26.04 -27.90
CA GLN A 224 -16.22 27.28 -27.83
C GLN A 224 -16.35 27.90 -26.47
N VAL A 225 -15.27 28.58 -26.03
CA VAL A 225 -15.18 29.26 -24.74
C VAL A 225 -14.75 30.71 -24.93
N VAL A 226 -15.19 31.57 -24.01
CA VAL A 226 -14.88 33.00 -24.01
C VAL A 226 -13.94 33.34 -22.85
N TYR A 227 -13.53 34.61 -22.77
CA TYR A 227 -12.66 35.13 -21.72
C TYR A 227 -13.47 35.39 -20.40
N PRO A 228 -12.92 35.12 -19.20
CA PRO A 228 -11.62 34.48 -18.92
C PRO A 228 -11.70 32.99 -19.26
N PHE A 229 -10.87 32.51 -20.20
CA PHE A 229 -10.91 31.11 -20.64
C PHE A 229 -10.83 30.13 -19.49
N PRO A 230 -11.86 29.25 -19.35
CA PRO A 230 -11.89 28.28 -18.24
C PRO A 230 -10.59 27.50 -18.07
N THR A 231 -10.27 27.24 -16.81
CA THR A 231 -9.07 26.52 -16.42
C THR A 231 -9.25 25.04 -16.70
N PHE A 232 -8.12 24.37 -16.99
CA PHE A 232 -8.08 22.94 -17.26
CA PHE A 232 -8.08 22.95 -17.26
C PHE A 232 -7.70 22.21 -15.98
N GLN A 233 -8.66 21.49 -15.40
CA GLN A 233 -8.49 20.76 -14.15
C GLN A 233 -8.75 19.25 -14.37
N PRO A 234 -7.85 18.51 -15.07
CA PRO A 234 -8.12 17.09 -15.34
C PRO A 234 -8.27 16.18 -14.12
N ALA A 235 -7.54 16.46 -13.01
CA ALA A 235 -7.65 15.63 -11.78
C ALA A 235 -9.05 15.72 -11.16
N PHE A 236 -9.70 16.91 -11.23
CA PHE A 236 -11.05 17.08 -10.71
C PHE A 236 -12.09 16.67 -11.73
N GLN A 237 -11.94 17.13 -13.01
CA GLN A 237 -12.86 16.85 -14.12
C GLN A 237 -13.16 15.36 -14.32
N LEU A 238 -12.22 14.47 -13.96
CA LEU A 238 -12.38 13.04 -14.10
C LEU A 238 -12.31 12.27 -12.77
N LYS A 239 -12.52 12.96 -11.62
CA LYS A 239 -12.44 12.32 -10.30
C LYS A 239 -13.48 11.21 -10.12
N LYS A 240 -14.61 11.31 -10.82
CA LYS A 240 -15.66 10.31 -10.82
C LYS A 240 -15.56 9.51 -12.11
N ASP A 241 -15.48 8.18 -11.98
CA ASP A 241 -15.38 7.25 -13.11
C ASP A 241 -16.54 7.40 -14.08
N GLN A 242 -16.24 7.21 -15.38
CA GLN A 242 -17.17 7.27 -16.52
C GLN A 242 -17.82 8.65 -16.72
N VAL A 243 -17.40 9.66 -15.93
CA VAL A 243 -17.94 11.02 -15.98
C VAL A 243 -16.81 12.00 -16.29
N VAL A 244 -17.19 13.17 -16.84
CA VAL A 244 -16.31 14.27 -17.18
C VAL A 244 -17.02 15.59 -16.94
N LEU A 245 -16.39 16.49 -16.16
CA LEU A 245 -16.96 17.80 -15.91
C LEU A 245 -16.35 18.77 -16.91
N LEU A 246 -17.20 19.43 -17.71
CA LEU A 246 -16.73 20.36 -18.74
C LEU A 246 -17.19 21.79 -18.53
N ASN A 247 -16.24 22.74 -18.48
CA ASN A 247 -16.57 24.15 -18.32
C ASN A 247 -16.62 24.80 -19.70
N THR A 248 -17.81 25.27 -20.08
CA THR A 248 -18.09 25.90 -21.37
C THR A 248 -18.38 27.39 -21.22
N SER A 249 -17.84 28.03 -20.15
CA SER A 249 -18.01 29.44 -19.77
C SER A 249 -19.42 29.74 -19.24
N TYR A 250 -20.46 29.33 -20.01
CA TYR A 250 -21.86 29.59 -19.70
C TYR A 250 -22.50 28.57 -18.75
N SER A 251 -21.91 27.35 -18.67
CA SER A 251 -22.41 26.29 -17.81
C SER A 251 -21.39 25.15 -17.65
N LEU A 252 -21.62 24.32 -16.62
CA LEU A 252 -20.81 23.14 -16.31
C LEU A 252 -21.62 21.93 -16.71
N VAL A 253 -21.04 21.04 -17.52
CA VAL A 253 -21.73 19.85 -18.03
C VAL A 253 -21.08 18.57 -17.48
N ALA A 254 -21.91 17.67 -16.92
CA ALA A 254 -21.44 16.39 -16.42
C ALA A 254 -21.89 15.34 -17.43
N CYS A 255 -20.92 14.80 -18.19
CA CYS A 255 -21.18 13.80 -19.23
C CYS A 255 -20.75 12.41 -18.84
N ALA A 256 -21.71 11.46 -18.83
CA ALA A 256 -21.44 10.04 -18.52
C ALA A 256 -21.72 9.16 -19.71
N VAL A 257 -20.75 8.29 -20.02
CA VAL A 257 -20.81 7.36 -21.14
C VAL A 257 -20.59 5.97 -20.60
N SER A 258 -21.57 5.08 -20.83
CA SER A 258 -21.51 3.71 -20.32
C SER A 258 -22.19 2.71 -21.25
N VAL A 259 -21.68 1.49 -21.23
CA VAL A 259 -22.19 0.36 -22.03
C VAL A 259 -22.79 -0.68 -21.08
N HIS A 260 -23.91 -1.28 -21.50
CA HIS A 260 -24.60 -2.30 -20.69
C HIS A 260 -24.99 -3.48 -21.58
N SER A 261 -25.24 -4.65 -20.97
CA SER A 261 -25.58 -5.85 -21.71
C SER A 261 -27.06 -6.28 -21.55
N ALA A 262 -27.32 -7.61 -21.51
CA ALA A 262 -28.63 -8.26 -21.41
C ALA A 262 -29.41 -7.89 -20.15
N GLY A 263 -28.75 -7.92 -18.99
CA GLY A 263 -29.34 -7.59 -17.69
C GLY A 263 -29.71 -6.12 -17.54
N ASP A 264 -30.59 -5.82 -16.57
CA ASP A 264 -31.10 -4.47 -16.34
C ASP A 264 -31.04 -4.12 -14.84
N ARG A 265 -29.81 -4.04 -14.29
CA ARG A 265 -29.60 -3.72 -12.88
C ARG A 265 -29.07 -2.30 -12.72
N SER A 266 -27.98 -1.96 -13.44
CA SER A 266 -27.38 -0.63 -13.39
C SER A 266 -27.99 0.27 -14.47
N PHE A 267 -28.57 1.40 -14.03
CA PHE A 267 -29.19 2.39 -14.90
C PHE A 267 -29.00 3.79 -14.31
N CYS A 268 -28.61 4.76 -15.17
CA CYS A 268 -28.39 6.19 -14.84
C CYS A 268 -27.30 6.46 -13.78
N GLN A 269 -26.15 7.03 -14.21
CA GLN A 269 -25.06 7.40 -13.28
C GLN A 269 -25.41 8.71 -12.67
N ILE A 270 -25.70 9.65 -13.58
CA ILE A 270 -26.04 11.02 -13.31
C ILE A 270 -27.56 11.12 -13.24
N LEU A 271 -28.05 12.00 -12.37
CA LEU A 271 -29.48 12.24 -12.11
C LEU A 271 -30.10 10.91 -11.67
N TYR A 272 -29.74 10.48 -10.45
CA TYR A 272 -30.14 9.21 -9.82
C TYR A 272 -29.53 8.01 -10.55
N TYR A 387 -36.65 22.04 -11.98
CA TYR A 387 -35.55 21.17 -12.39
C TYR A 387 -34.64 21.86 -13.41
N VAL A 388 -33.42 21.30 -13.60
CA VAL A 388 -32.44 21.79 -14.57
C VAL A 388 -32.30 20.76 -15.74
N ASN A 389 -31.98 21.25 -16.95
CA ASN A 389 -31.82 20.45 -18.17
C ASN A 389 -30.96 19.19 -17.98
N TYR A 390 -31.47 18.10 -18.57
CA TYR A 390 -30.87 16.77 -18.58
C TYR A 390 -31.33 16.01 -19.79
N THR A 391 -30.38 15.27 -20.41
CA THR A 391 -30.62 14.45 -21.58
C THR A 391 -29.92 13.11 -21.44
N LYS A 392 -30.59 12.05 -21.89
CA LYS A 392 -30.08 10.69 -21.87
C LYS A 392 -30.47 10.02 -23.18
N LEU A 393 -29.46 9.55 -23.93
CA LEU A 393 -29.68 8.91 -25.24
C LEU A 393 -29.06 7.54 -25.28
N TYR A 394 -29.63 6.65 -26.11
CA TYR A 394 -29.16 5.30 -26.30
C TYR A 394 -28.65 5.11 -27.71
N TYR A 395 -27.63 4.25 -27.86
CA TYR A 395 -27.00 3.96 -29.16
C TYR A 395 -26.69 2.48 -29.28
N VAL A 396 -26.96 1.91 -30.46
CA VAL A 396 -26.73 0.50 -30.78
C VAL A 396 -26.09 0.43 -32.18
N LEU A 397 -25.24 -0.58 -32.40
CA LEU A 397 -24.57 -0.80 -33.69
C LEU A 397 -25.52 -1.49 -34.66
N GLU A 398 -25.42 -1.16 -35.96
CA GLU A 398 -26.22 -1.74 -37.05
C GLU A 398 -25.46 -1.66 -38.37
N PHE A 418 -26.28 21.45 -22.68
CA PHE A 418 -26.42 20.64 -23.88
C PHE A 418 -25.20 20.79 -24.79
N VAL A 419 -24.39 19.73 -24.87
CA VAL A 419 -23.19 19.70 -25.69
C VAL A 419 -23.40 18.64 -26.78
N VAL A 420 -23.40 19.10 -28.05
CA VAL A 420 -23.58 18.27 -29.25
C VAL A 420 -22.48 17.21 -29.40
N THR A 421 -22.87 15.92 -29.31
CA THR A 421 -21.95 14.79 -29.43
C THR A 421 -22.38 13.90 -30.58
N ASP A 422 -21.41 13.53 -31.43
CA ASP A 422 -21.62 12.64 -32.56
C ASP A 422 -20.78 11.41 -32.32
N LEU A 423 -21.44 10.27 -32.20
CA LEU A 423 -20.78 9.00 -31.89
C LEU A 423 -20.38 8.25 -33.16
N ARG A 424 -19.56 7.21 -32.99
CA ARG A 424 -19.04 6.34 -34.05
C ARG A 424 -18.33 5.15 -33.44
N GLY A 425 -18.18 4.09 -34.21
CA GLY A 425 -17.43 2.92 -33.79
C GLY A 425 -16.02 3.16 -34.25
N ARG A 426 -15.81 3.03 -35.56
CA ARG A 426 -14.56 3.29 -36.25
C ARG A 426 -14.87 3.88 -37.64
N ASN A 427 -16.17 3.96 -37.97
CA ASN A 427 -16.65 4.47 -39.25
C ASN A 427 -17.47 5.74 -39.07
N LEU A 428 -18.79 5.60 -39.06
CA LEU A 428 -19.74 6.69 -38.90
C LEU A 428 -20.64 6.43 -37.71
N ARG A 429 -21.71 7.22 -37.58
CA ARG A 429 -22.66 7.17 -36.47
C ARG A 429 -23.39 5.85 -36.35
N PRO A 430 -23.40 5.24 -35.14
CA PRO A 430 -24.20 4.02 -34.94
C PRO A 430 -25.67 4.42 -34.87
N MET A 431 -26.58 3.45 -35.06
CA MET A 431 -28.03 3.68 -35.02
C MET A 431 -28.52 4.07 -33.61
N ARG A 432 -29.02 5.31 -33.46
CA ARG A 432 -29.55 5.83 -32.18
C ARG A 432 -30.89 5.17 -31.94
N GLU A 433 -30.93 4.23 -31.00
CA GLU A 433 -32.13 3.49 -30.66
C GLU A 433 -32.75 3.95 -29.34
N ARG A 434 -33.72 3.16 -28.83
CA ARG A 434 -34.40 3.44 -27.57
C ARG A 434 -34.19 2.32 -26.54
N THR A 435 -34.96 2.36 -25.44
CA THR A 435 -34.90 1.41 -24.31
C THR A 435 -35.22 -0.06 -24.70
N ALA A 436 -36.12 -0.29 -25.67
CA ALA A 436 -36.55 -1.65 -26.08
C ALA A 436 -35.50 -2.48 -26.89
N VAL A 437 -34.25 -2.01 -26.99
CA VAL A 437 -33.19 -2.74 -27.71
C VAL A 437 -32.59 -3.84 -26.83
N GLN A 438 -32.25 -4.99 -27.45
CA GLN A 438 -31.65 -6.13 -26.77
C GLN A 438 -30.31 -6.49 -27.42
N GLY A 439 -29.32 -6.78 -26.58
CA GLY A 439 -27.96 -7.12 -26.98
C GLY A 439 -26.95 -6.29 -26.20
N GLN A 440 -26.38 -5.29 -26.86
CA GLN A 440 -25.42 -4.35 -26.26
C GLN A 440 -25.80 -2.93 -26.68
N TYR A 441 -25.84 -2.01 -25.71
CA TYR A 441 -26.22 -0.63 -25.98
C TYR A 441 -25.39 0.34 -25.18
N LEU A 442 -25.08 1.47 -25.79
CA LEU A 442 -24.31 2.54 -25.17
C LEU A 442 -25.27 3.63 -24.72
N THR A 443 -24.96 4.28 -23.59
CA THR A 443 -25.75 5.36 -23.03
C THR A 443 -24.92 6.64 -22.87
N VAL A 444 -25.49 7.77 -23.34
CA VAL A 444 -24.87 9.09 -23.22
C VAL A 444 -25.77 9.93 -22.34
N GLU A 445 -25.24 10.39 -21.19
CA GLU A 445 -25.98 11.22 -20.26
C GLU A 445 -25.30 12.54 -20.12
N GLN A 446 -26.08 13.62 -19.97
CA GLN A 446 -25.58 14.98 -19.84
C GLN A 446 -26.43 15.77 -18.86
N LEU A 447 -25.84 16.19 -17.73
CA LEU A 447 -26.49 17.02 -16.73
C LEU A 447 -25.79 18.37 -16.73
N THR A 448 -26.55 19.44 -17.01
CA THR A 448 -26.02 20.80 -17.12
C THR A 448 -26.45 21.70 -15.97
N LEU A 449 -25.55 22.60 -15.57
CA LEU A 449 -25.78 23.58 -14.51
C LEU A 449 -25.50 24.97 -15.06
N ASP A 450 -26.56 25.77 -15.25
CA ASP A 450 -26.46 27.14 -15.76
C ASP A 450 -25.86 28.08 -14.71
N PHE A 451 -24.67 28.64 -15.02
CA PHE A 451 -23.93 29.53 -14.14
C PHE A 451 -24.69 30.77 -13.74
N GLU A 452 -25.26 31.49 -14.73
CA GLU A 452 -26.00 32.72 -14.49
C GLU A 452 -27.22 32.53 -13.60
N TYR A 453 -27.90 31.38 -13.71
CA TYR A 453 -29.06 31.06 -12.88
C TYR A 453 -28.59 30.84 -11.44
N VAL A 454 -27.45 30.14 -11.26
CA VAL A 454 -26.84 29.84 -9.96
C VAL A 454 -26.44 31.15 -9.29
N ILE A 455 -25.75 32.04 -10.03
CA ILE A 455 -25.28 33.33 -9.55
C ILE A 455 -26.46 34.16 -9.05
N ASN A 456 -27.53 34.29 -9.87
CA ASN A 456 -28.73 35.04 -9.53
C ASN A 456 -29.46 34.51 -8.31
N GLU A 457 -29.57 33.16 -8.19
CA GLU A 457 -30.22 32.49 -7.06
C GLU A 457 -29.51 32.71 -5.73
N VAL A 458 -28.18 32.53 -5.70
CA VAL A 458 -27.33 32.69 -4.51
C VAL A 458 -27.41 34.13 -4.00
N ILE A 459 -27.33 35.12 -4.92
CA ILE A 459 -27.41 36.54 -4.57
C ILE A 459 -28.81 36.90 -4.03
N ARG A 460 -29.86 36.36 -4.67
CA ARG A 460 -31.25 36.61 -4.30
C ARG A 460 -31.66 35.98 -2.96
N HIS A 461 -31.23 34.74 -2.70
CA HIS A 461 -31.65 34.03 -1.50
C HIS A 461 -30.65 34.03 -0.33
N ASP A 462 -29.35 33.94 -0.59
CA ASP A 462 -28.36 33.78 0.47
C ASP A 462 -27.40 34.96 0.73
N ALA A 463 -27.21 35.87 -0.25
CA ALA A 463 -26.30 37.00 -0.09
C ALA A 463 -26.81 38.06 0.91
N THR A 464 -25.92 38.48 1.82
CA THR A 464 -26.19 39.50 2.83
C THR A 464 -26.19 40.91 2.22
N TRP A 465 -25.59 41.06 1.04
CA TRP A 465 -25.47 42.32 0.30
C TRP A 465 -26.34 42.32 -0.96
N GLY A 466 -27.31 41.41 -0.99
CA GLY A 466 -28.25 41.23 -2.10
C GLY A 466 -29.02 42.45 -2.52
N HIS A 467 -29.36 43.33 -1.55
CA HIS A 467 -30.10 44.57 -1.81
C HIS A 467 -29.32 45.62 -2.58
N GLN A 468 -28.00 45.63 -2.41
CA GLN A 468 -27.10 46.57 -3.08
C GLN A 468 -26.78 46.15 -4.53
N PHE A 469 -26.90 44.84 -4.83
CA PHE A 469 -26.63 44.26 -6.16
C PHE A 469 -27.43 44.91 -7.29
N CYS A 470 -26.76 45.14 -8.44
CA CYS A 470 -27.36 45.71 -9.65
C CYS A 470 -27.27 44.76 -10.82
N SER A 471 -26.05 44.30 -11.16
CA SER A 471 -25.75 43.39 -12.27
C SER A 471 -24.32 42.91 -12.19
N PHE A 472 -24.06 41.72 -12.74
CA PHE A 472 -22.70 41.18 -12.79
C PHE A 472 -22.18 41.28 -14.22
N SER A 473 -20.89 41.64 -14.37
CA SER A 473 -20.25 41.83 -15.67
C SER A 473 -19.67 40.53 -16.22
N ASP A 474 -18.88 39.82 -15.40
CA ASP A 474 -18.25 38.57 -15.81
C ASP A 474 -18.12 37.60 -14.64
N TYR A 475 -17.82 36.34 -14.95
CA TYR A 475 -17.68 35.29 -13.96
C TYR A 475 -16.67 34.25 -14.40
N ASP A 476 -16.04 33.62 -13.42
CA ASP A 476 -15.04 32.60 -13.64
C ASP A 476 -15.26 31.47 -12.65
N ILE A 477 -15.50 30.26 -13.16
CA ILE A 477 -15.78 29.08 -12.35
C ILE A 477 -14.56 28.17 -12.24
N VAL A 478 -14.23 27.77 -11.01
CA VAL A 478 -13.11 26.88 -10.71
C VAL A 478 -13.62 25.77 -9.77
N ILE A 479 -13.24 24.51 -10.04
CA ILE A 479 -13.61 23.37 -9.19
C ILE A 479 -12.63 23.29 -8.00
N LEU A 480 -13.17 23.06 -6.80
CA LEU A 480 -12.39 22.95 -5.57
C LEU A 480 -12.26 21.50 -5.13
N GLU A 481 -13.33 20.70 -5.27
CA GLU A 481 -13.35 19.29 -4.90
C GLU A 481 -14.48 18.54 -5.60
N VAL A 482 -14.26 17.22 -5.81
CA VAL A 482 -15.23 16.30 -6.40
C VAL A 482 -15.25 15.08 -5.49
N CYS A 483 -16.43 14.78 -4.93
CA CYS A 483 -16.63 13.66 -4.05
C CYS A 483 -17.36 12.53 -4.82
N PRO A 484 -16.62 11.54 -5.41
CA PRO A 484 -17.30 10.49 -6.21
C PRO A 484 -18.21 9.55 -5.42
N GLU A 485 -18.09 9.50 -4.09
CA GLU A 485 -18.94 8.67 -3.25
C GLU A 485 -20.31 9.31 -3.06
N THR A 486 -20.35 10.60 -2.66
CA THR A 486 -21.60 11.34 -2.44
C THR A 486 -22.14 12.04 -3.68
N ASN A 487 -21.39 11.99 -4.81
CA ASN A 487 -21.73 12.62 -6.09
C ASN A 487 -21.96 14.12 -5.95
N GLN A 488 -21.04 14.78 -5.23
CA GLN A 488 -21.09 16.23 -5.00
C GLN A 488 -19.91 16.92 -5.64
N VAL A 489 -20.18 18.07 -6.26
CA VAL A 489 -19.16 18.88 -6.95
C VAL A 489 -19.07 20.23 -6.26
N LEU A 490 -17.89 20.57 -5.72
CA LEU A 490 -17.68 21.85 -5.08
C LEU A 490 -16.99 22.80 -6.05
N ILE A 491 -17.69 23.88 -6.38
CA ILE A 491 -17.19 24.88 -7.31
C ILE A 491 -17.08 26.25 -6.65
N ASN A 492 -16.14 27.07 -7.13
CA ASN A 492 -15.94 28.43 -6.68
C ASN A 492 -16.28 29.32 -7.87
N ILE A 493 -17.12 30.32 -7.62
CA ILE A 493 -17.61 31.26 -8.62
C ILE A 493 -17.07 32.67 -8.39
N GLY A 494 -15.99 32.99 -9.10
CA GLY A 494 -15.38 34.32 -9.11
C GLY A 494 -16.30 35.22 -9.88
N LEU A 495 -16.74 36.31 -9.26
CA LEU A 495 -17.73 37.17 -9.90
C LEU A 495 -17.37 38.66 -9.92
N LEU A 496 -17.43 39.26 -11.12
CA LEU A 496 -17.25 40.69 -11.29
C LEU A 496 -18.64 41.24 -11.35
N LEU A 497 -18.98 42.19 -10.47
CA LEU A 497 -20.31 42.77 -10.40
C LEU A 497 -20.31 44.27 -10.20
N LEU A 498 -21.50 44.85 -10.22
CA LEU A 498 -21.74 46.27 -10.01
C LEU A 498 -22.82 46.37 -8.95
N ALA A 499 -22.52 47.11 -7.88
CA ALA A 499 -23.43 47.26 -6.76
C ALA A 499 -23.29 48.60 -6.08
N PHE A 500 -24.29 48.97 -5.29
CA PHE A 500 -24.26 50.21 -4.52
C PHE A 500 -23.39 50.01 -3.30
N PRO A 501 -22.67 51.07 -2.83
CA PRO A 501 -21.87 50.93 -1.61
C PRO A 501 -22.78 50.79 -0.40
N SER A 502 -22.20 50.54 0.80
CA SER A 502 -22.90 50.41 2.07
C SER A 502 -23.85 51.62 2.33
N PRO A 503 -25.00 51.41 3.03
CA PRO A 503 -25.96 52.52 3.24
C PRO A 503 -25.43 53.81 3.86
N THR A 504 -24.20 53.82 4.42
CA THR A 504 -23.57 55.02 5.00
C THR A 504 -23.42 56.09 3.92
N GLU A 505 -23.87 57.30 4.24
CA GLU A 505 -23.80 58.45 3.34
C GLU A 505 -22.69 59.40 3.74
N GLU A 506 -21.70 59.54 2.86
CA GLU A 506 -20.57 60.44 3.05
C GLU A 506 -20.58 61.39 1.87
N GLY A 507 -21.60 61.25 1.04
CA GLY A 507 -21.83 62.05 -0.16
C GLY A 507 -22.63 61.28 -1.19
N GLN A 508 -22.18 61.34 -2.45
CA GLN A 508 -22.82 60.65 -3.57
C GLN A 508 -22.59 59.13 -3.49
N LEU A 509 -23.69 58.36 -3.53
CA LEU A 509 -23.64 56.89 -3.45
C LEU A 509 -23.69 56.21 -4.83
N ARG A 510 -22.94 56.74 -5.81
CA ARG A 510 -22.87 56.13 -7.14
C ARG A 510 -22.36 54.68 -7.04
N PRO A 511 -22.94 53.72 -7.81
CA PRO A 511 -22.48 52.32 -7.71
C PRO A 511 -21.01 52.15 -8.11
N LYS A 512 -20.39 51.09 -7.59
CA LYS A 512 -18.99 50.77 -7.87
C LYS A 512 -18.89 49.34 -8.38
N THR A 513 -17.73 48.99 -8.93
CA THR A 513 -17.47 47.63 -9.41
C THR A 513 -16.75 46.89 -8.30
N TYR A 514 -17.26 45.70 -7.96
CA TYR A 514 -16.69 44.86 -6.92
C TYR A 514 -16.40 43.49 -7.46
N HIS A 515 -15.48 42.79 -6.80
CA HIS A 515 -15.14 41.41 -7.11
C HIS A 515 -15.43 40.62 -5.85
N THR A 516 -15.95 39.41 -6.03
CA THR A 516 -16.30 38.51 -4.95
C THR A 516 -16.25 37.07 -5.44
N SER A 517 -16.56 36.13 -4.55
CA SER A 517 -16.60 34.71 -4.84
C SER A 517 -17.80 34.04 -4.17
N LEU A 518 -18.36 33.04 -4.86
CA LEU A 518 -19.50 32.27 -4.37
C LEU A 518 -19.15 30.79 -4.43
N LYS A 519 -19.36 30.07 -3.34
CA LYS A 519 -19.04 28.64 -3.30
C LYS A 519 -20.31 27.86 -3.23
N VAL A 520 -20.49 26.93 -4.19
CA VAL A 520 -21.71 26.13 -4.31
C VAL A 520 -21.40 24.64 -4.47
N ALA A 521 -22.15 23.78 -3.75
CA ALA A 521 -22.05 22.32 -3.85
C ALA A 521 -23.17 21.85 -4.77
N TRP A 522 -22.79 21.15 -5.85
CA TRP A 522 -23.70 20.62 -6.85
C TRP A 522 -23.91 19.11 -6.65
N ASP A 523 -25.13 18.73 -6.25
CA ASP A 523 -25.47 17.33 -6.05
C ASP A 523 -25.86 16.72 -7.39
N LEU A 524 -25.04 15.78 -7.89
CA LEU A 524 -25.26 15.11 -9.17
C LEU A 524 -26.45 14.16 -9.16
N ASN A 525 -26.71 13.51 -8.02
CA ASN A 525 -27.82 12.57 -7.86
C ASN A 525 -29.16 13.27 -7.97
N THR A 526 -29.42 14.24 -7.08
CA THR A 526 -30.68 14.99 -7.04
C THR A 526 -30.76 16.10 -8.09
N GLY A 527 -29.64 16.72 -8.42
CA GLY A 527 -29.58 17.81 -9.38
C GLY A 527 -29.64 19.17 -8.72
N ILE A 528 -30.02 19.19 -7.42
CA ILE A 528 -30.13 20.41 -6.60
C ILE A 528 -28.74 20.87 -6.19
N PHE A 529 -28.52 22.18 -6.22
CA PHE A 529 -27.27 22.77 -5.77
C PHE A 529 -27.55 23.54 -4.48
N GLU A 530 -26.58 23.56 -3.57
CA GLU A 530 -26.69 24.24 -2.30
C GLU A 530 -25.55 25.24 -2.13
N THR A 531 -25.84 26.39 -1.48
CA THR A 531 -24.87 27.44 -1.20
C THR A 531 -24.04 27.05 0.02
N VAL A 532 -22.71 27.10 -0.13
CA VAL A 532 -21.77 26.72 0.92
C VAL A 532 -21.16 27.94 1.60
N SER A 533 -20.79 28.96 0.81
CA SER A 533 -20.16 30.19 1.32
C SER A 533 -20.39 31.35 0.36
N VAL A 534 -20.56 32.55 0.92
CA VAL A 534 -20.76 33.79 0.17
C VAL A 534 -19.71 34.78 0.66
N GLY A 535 -18.89 35.26 -0.27
CA GLY A 535 -17.84 36.22 0.02
C GLY A 535 -18.34 37.63 0.20
N ASP A 536 -17.46 38.51 0.65
CA ASP A 536 -17.74 39.92 0.85
C ASP A 536 -17.41 40.66 -0.43
N LEU A 537 -17.79 41.94 -0.51
CA LEU A 537 -17.54 42.74 -1.69
C LEU A 537 -16.27 43.55 -1.54
N THR A 538 -15.25 43.22 -2.34
CA THR A 538 -13.98 43.93 -2.33
C THR A 538 -14.02 44.89 -3.51
N GLU A 539 -13.74 46.16 -3.23
CA GLU A 539 -13.73 47.22 -4.23
C GLU A 539 -12.57 47.08 -5.21
N VAL A 540 -12.89 47.25 -6.49
CA VAL A 540 -11.93 47.24 -7.59
C VAL A 540 -11.60 48.72 -7.84
N LYS A 541 -10.53 49.22 -7.19
CA LYS A 541 -10.04 50.59 -7.35
C LYS A 541 -9.12 50.70 -8.59
N GLY A 542 -9.68 50.43 -9.77
CA GLY A 542 -8.97 50.51 -11.04
C GLY A 542 -7.93 49.42 -11.26
N GLN A 543 -8.35 48.15 -11.18
CA GLN A 543 -7.46 47.01 -11.46
C GLN A 543 -7.65 46.64 -12.91
N THR A 544 -6.62 46.06 -13.49
CA THR A 544 -6.54 45.68 -14.91
C THR A 544 -7.55 44.63 -15.38
N SER A 545 -8.46 44.14 -14.50
CA SER A 545 -9.49 43.11 -14.74
C SER A 545 -8.88 41.73 -15.01
N GLY A 546 -7.65 41.71 -15.49
CA GLY A 546 -6.85 40.52 -15.74
C GLY A 546 -6.24 40.09 -14.43
N SER A 547 -5.86 41.10 -13.60
CA SER A 547 -5.29 40.90 -12.28
C SER A 547 -6.33 40.36 -11.31
N VAL A 548 -7.62 40.70 -11.55
CA VAL A 548 -8.76 40.25 -10.75
C VAL A 548 -8.88 38.73 -10.85
N TRP A 549 -8.81 38.19 -12.09
CA TRP A 549 -8.88 36.75 -12.33
C TRP A 549 -7.60 36.04 -11.95
N SER A 550 -6.45 36.72 -12.10
CA SER A 550 -5.15 36.17 -11.70
C SER A 550 -5.07 36.02 -10.20
N SER A 551 -5.63 36.99 -9.43
CA SER A 551 -5.65 36.96 -7.97
C SER A 551 -6.64 35.94 -7.47
N TYR A 552 -7.86 35.91 -8.06
CA TYR A 552 -8.92 34.96 -7.71
C TYR A 552 -8.48 33.51 -7.94
N ARG A 553 -7.76 33.24 -9.03
CA ARG A 553 -7.27 31.90 -9.34
C ARG A 553 -6.13 31.48 -8.41
N LYS A 554 -5.33 32.46 -7.93
CA LYS A 554 -4.27 32.19 -6.96
C LYS A 554 -4.87 31.72 -5.64
N SER A 555 -5.99 32.33 -5.21
CA SER A 555 -6.70 31.95 -3.98
C SER A 555 -7.30 30.54 -4.06
N CYS A 556 -7.72 30.10 -5.29
CA CYS A 556 -8.25 28.77 -5.55
C CYS A 556 -7.13 27.75 -5.42
N VAL A 557 -5.94 28.07 -6.01
CA VAL A 557 -4.73 27.24 -5.94
C VAL A 557 -4.31 27.13 -4.47
N ASP A 558 -4.37 28.26 -3.73
CA ASP A 558 -4.05 28.32 -2.31
C ASP A 558 -4.96 27.43 -1.48
N MET A 559 -6.28 27.46 -1.77
CA MET A 559 -7.29 26.66 -1.08
C MET A 559 -7.10 25.17 -1.32
N VAL A 560 -6.97 24.73 -2.60
CA VAL A 560 -6.77 23.34 -2.99
C VAL A 560 -5.50 22.75 -2.35
N MET A 561 -4.37 23.49 -2.45
CA MET A 561 -3.08 23.07 -1.87
C MET A 561 -3.18 22.97 -0.36
N LYS A 562 -3.89 23.92 0.29
CA LYS A 562 -4.09 23.94 1.73
C LYS A 562 -4.81 22.69 2.24
N TRP A 563 -5.89 22.26 1.56
CA TRP A 563 -6.71 21.11 1.94
C TRP A 563 -6.37 19.83 1.17
N LEU A 564 -5.13 19.75 0.67
CA LEU A 564 -4.68 18.61 -0.11
C LEU A 564 -4.35 17.39 0.74
N VAL A 565 -5.06 16.28 0.46
CA VAL A 565 -4.87 15.00 1.14
C VAL A 565 -4.37 13.95 0.13
N PRO A 566 -3.21 13.29 0.41
CA PRO A 566 -2.70 12.26 -0.52
C PRO A 566 -3.69 11.11 -0.70
N GLU A 567 -3.93 10.73 -1.96
CA GLU A 567 -4.85 9.66 -2.33
C GLU A 567 -4.11 8.35 -2.56
N SER A 568 -4.87 7.26 -2.69
CA SER A 568 -4.32 5.92 -2.92
C SER A 568 -3.81 5.79 -4.36
N SER A 569 -2.67 5.10 -4.52
CA SER A 569 -2.12 4.82 -5.85
C SER A 569 -3.04 3.81 -6.49
N GLY A 570 -3.38 4.05 -7.75
CA GLY A 570 -4.32 3.22 -8.48
C GLY A 570 -5.71 3.82 -8.48
N ARG A 571 -5.82 5.00 -7.86
CA ARG A 571 -7.06 5.78 -7.77
C ARG A 571 -6.83 7.17 -8.37
N TYR A 572 -5.61 7.43 -8.84
CA TYR A 572 -5.26 8.72 -9.45
C TYR A 572 -5.69 8.84 -10.91
N VAL A 573 -5.82 10.09 -11.39
CA VAL A 573 -6.16 10.37 -12.78
C VAL A 573 -4.84 10.49 -13.55
N ASN A 574 -4.56 9.49 -14.39
CA ASN A 574 -3.34 9.46 -15.18
C ASN A 574 -3.47 10.44 -16.34
N ARG A 575 -2.70 11.54 -16.26
CA ARG A 575 -2.65 12.57 -17.29
C ARG A 575 -1.37 12.41 -18.09
N MET A 576 -1.51 12.24 -19.41
CA MET A 576 -0.38 12.06 -20.33
C MET A 576 -0.25 13.21 -21.31
N THR A 577 0.93 13.84 -21.35
CA THR A 577 1.22 14.98 -22.21
C THR A 577 2.66 14.98 -22.69
N ASN A 578 2.85 15.30 -23.97
CA ASN A 578 4.15 15.48 -24.58
C ASN A 578 4.09 16.71 -25.49
N GLU A 579 4.43 17.88 -24.92
CA GLU A 579 4.43 19.15 -25.64
C GLU A 579 5.73 19.30 -26.45
N ALA A 580 5.95 18.37 -27.40
CA ALA A 580 7.15 18.33 -28.26
C ALA A 580 7.06 19.28 -29.45
N LEU A 581 5.86 19.46 -30.03
CA LEU A 581 5.63 20.31 -31.21
C LEU A 581 5.18 21.73 -30.85
N HIS A 582 5.11 22.05 -29.56
CA HIS A 582 4.65 23.35 -29.09
C HIS A 582 5.72 24.17 -28.37
N LYS A 583 6.94 24.28 -28.95
CA LYS A 583 8.10 25.00 -28.39
C LYS A 583 8.43 24.52 -26.97
N GLY A 584 8.48 23.20 -26.83
CA GLY A 584 8.76 22.51 -25.57
C GLY A 584 9.81 21.44 -25.75
N SER A 586 10.69 18.47 -24.60
CA SER A 586 11.49 18.33 -23.38
C SER A 586 11.36 16.94 -22.73
N LEU A 587 10.35 16.13 -23.14
CA LEU A 587 10.11 14.79 -22.60
C LEU A 587 11.27 13.86 -22.90
N LYS A 588 11.83 13.27 -21.84
CA LYS A 588 13.01 12.40 -21.96
C LYS A 588 12.78 10.99 -21.44
N VAL A 589 11.88 10.82 -20.46
CA VAL A 589 11.60 9.53 -19.83
C VAL A 589 10.10 9.26 -19.79
N LEU A 590 9.70 8.01 -20.11
CA LEU A 590 8.34 7.51 -20.01
C LEU A 590 8.42 6.46 -18.92
N ALA A 591 7.95 6.79 -17.73
CA ALA A 591 8.05 5.93 -16.57
C ALA A 591 6.78 5.15 -16.22
N ASP A 592 6.99 3.93 -15.72
CA ASP A 592 5.99 3.01 -15.19
C ASP A 592 6.45 2.76 -13.76
N SER A 593 6.13 3.72 -12.87
CA SER A 593 6.55 3.76 -11.47
C SER A 593 5.94 2.65 -10.55
N GLU A 594 5.28 1.64 -11.10
CA GLU A 594 4.76 0.52 -10.32
C GLU A 594 5.61 -0.72 -10.61
N ARG A 595 6.17 -0.80 -11.82
CA ARG A 595 7.06 -1.89 -12.24
C ARG A 595 8.51 -1.42 -12.30
N TYR A 596 8.75 -0.13 -11.97
CA TYR A 596 10.07 0.53 -11.94
C TYR A 596 10.73 0.44 -13.32
N THR A 597 9.99 0.82 -14.36
CA THR A 597 10.45 0.74 -15.75
C THR A 597 10.44 2.10 -16.43
N TRP A 598 11.53 2.43 -17.13
CA TRP A 598 11.63 3.67 -17.89
C TRP A 598 11.79 3.38 -19.37
N ILE A 599 11.28 4.28 -20.21
CA ILE A 599 11.44 4.24 -21.65
C ILE A 599 12.18 5.52 -21.93
N VAL A 600 13.49 5.42 -22.08
CA VAL A 600 14.35 6.56 -22.32
C VAL A 600 14.25 6.99 -23.79
N LEU A 601 13.62 8.16 -24.02
CA LEU A 601 13.44 8.72 -25.36
C LEU A 601 14.74 9.33 -25.87
N SER B 2 -9.30 -24.78 -12.22
CA SER B 2 -8.66 -25.45 -11.09
C SER B 2 -9.32 -25.04 -9.77
N TYR B 3 -9.55 -26.02 -8.91
CA TYR B 3 -10.20 -25.83 -7.61
C TYR B 3 -9.30 -26.39 -6.54
N ASN B 4 -9.09 -25.62 -5.47
CA ASN B 4 -8.18 -26.03 -4.41
C ASN B 4 -8.79 -25.95 -3.00
N TYR B 5 -8.14 -26.64 -2.05
CA TYR B 5 -8.53 -26.74 -0.65
C TYR B 5 -7.34 -26.33 0.21
N VAL B 6 -7.47 -25.20 0.91
CA VAL B 6 -6.44 -24.65 1.77
C VAL B 6 -6.78 -25.00 3.20
N VAL B 7 -5.85 -25.61 3.91
CA VAL B 7 -6.05 -25.97 5.32
C VAL B 7 -4.78 -25.64 6.13
N THR B 8 -4.92 -25.49 7.45
CA THR B 8 -3.81 -25.19 8.35
C THR B 8 -3.33 -26.45 9.05
N ALA B 9 -2.00 -26.67 9.06
CA ALA B 9 -1.35 -27.77 9.76
C ALA B 9 -0.84 -27.24 11.10
N GLN B 10 -0.27 -26.02 11.08
CA GLN B 10 0.23 -25.33 12.27
C GLN B 10 -0.19 -23.89 12.20
N LYS B 11 -0.92 -23.43 13.23
CA LYS B 11 -1.39 -22.04 13.31
C LYS B 11 -0.23 -21.06 13.53
N PRO B 12 -0.36 -19.77 13.12
CA PRO B 12 0.74 -18.81 13.36
C PRO B 12 1.10 -18.70 14.84
N THR B 13 2.41 -18.77 15.14
CA THR B 13 2.94 -18.76 16.51
C THR B 13 3.70 -17.49 16.90
N ALA B 14 3.97 -16.58 15.94
CA ALA B 14 4.67 -15.33 16.24
C ALA B 14 3.74 -14.39 17.00
N VAL B 15 4.29 -13.66 17.98
CA VAL B 15 3.53 -12.71 18.80
C VAL B 15 3.58 -11.33 18.15
N ASN B 16 2.41 -10.83 17.73
CA ASN B 16 2.29 -9.53 17.08
C ASN B 16 1.88 -8.38 18.02
N GLY B 17 1.23 -8.75 19.13
CA GLY B 17 0.75 -7.81 20.13
C GLY B 17 0.33 -8.49 21.41
N CYS B 18 0.63 -7.88 22.54
CA CYS B 18 0.28 -8.41 23.85
C CYS B 18 -0.16 -7.26 24.75
N VAL B 19 -1.35 -7.40 25.36
CA VAL B 19 -1.94 -6.37 26.23
C VAL B 19 -2.55 -6.99 27.50
N THR B 20 -2.49 -6.25 28.61
CA THR B 20 -3.03 -6.66 29.90
C THR B 20 -4.24 -5.82 30.35
N GLY B 21 -5.05 -6.38 31.24
CA GLY B 21 -6.22 -5.72 31.80
C GLY B 21 -7.08 -6.64 32.64
N HIS B 22 -8.36 -6.27 32.78
CA HIS B 22 -9.38 -6.98 33.56
C HIS B 22 -10.57 -7.19 32.64
N PHE B 23 -10.39 -8.06 31.64
CA PHE B 23 -11.36 -8.37 30.59
C PHE B 23 -12.40 -9.46 30.95
N THR B 24 -11.98 -10.60 31.50
CA THR B 24 -12.90 -11.71 31.80
C THR B 24 -13.71 -11.46 33.08
N SER B 25 -13.12 -10.71 34.02
CA SER B 25 -13.73 -10.32 35.30
C SER B 25 -13.05 -9.07 35.85
N ALA B 26 -13.75 -8.35 36.73
CA ALA B 26 -13.27 -7.13 37.39
C ALA B 26 -12.07 -7.39 38.31
N GLU B 27 -11.92 -8.64 38.83
CA GLU B 27 -10.82 -9.03 39.73
C GLU B 27 -9.72 -9.79 39.02
N ASP B 28 -10.05 -10.45 37.89
CA ASP B 28 -9.09 -11.24 37.11
C ASP B 28 -8.09 -10.35 36.41
N LEU B 29 -6.82 -10.78 36.39
CA LEU B 29 -5.75 -10.08 35.70
C LEU B 29 -5.41 -10.88 34.46
N ASN B 30 -5.81 -10.35 33.31
CA ASN B 30 -5.68 -11.00 32.02
C ASN B 30 -4.52 -10.56 31.14
N LEU B 31 -4.07 -11.48 30.29
CA LEU B 31 -3.05 -11.27 29.26
C LEU B 31 -3.69 -11.72 27.96
N LEU B 32 -3.80 -10.78 27.02
CA LEU B 32 -4.39 -11.02 25.71
C LEU B 32 -3.27 -10.98 24.68
N ILE B 33 -3.14 -12.06 23.92
CA ILE B 33 -2.09 -12.18 22.90
C ILE B 33 -2.70 -12.20 21.49
N ALA B 34 -2.18 -11.34 20.61
CA ALA B 34 -2.58 -11.24 19.22
C ALA B 34 -1.55 -11.99 18.37
N LYS B 35 -1.97 -13.13 17.80
CA LYS B 35 -1.15 -13.99 16.95
C LYS B 35 -1.80 -13.95 15.57
N ASN B 36 -1.56 -12.82 14.86
CA ASN B 36 -2.10 -12.50 13.54
C ASN B 36 -3.63 -12.38 13.62
N THR B 37 -4.34 -13.49 13.40
CA THR B 37 -5.80 -13.58 13.43
C THR B 37 -6.28 -14.19 14.75
N ARG B 38 -5.36 -14.87 15.48
CA ARG B 38 -5.64 -15.53 16.76
C ARG B 38 -5.59 -14.57 17.93
N LEU B 39 -6.55 -14.70 18.84
CA LEU B 39 -6.64 -13.88 20.03
C LEU B 39 -6.69 -14.79 21.25
N GLU B 40 -5.52 -15.03 21.86
CA GLU B 40 -5.38 -15.89 23.02
C GLU B 40 -5.64 -15.11 24.30
N ILE B 41 -6.56 -15.62 25.13
CA ILE B 41 -6.95 -15.00 26.40
C ILE B 41 -6.46 -15.86 27.57
N TYR B 42 -5.73 -15.23 28.49
CA TYR B 42 -5.19 -15.91 29.67
C TYR B 42 -5.55 -15.20 30.96
N VAL B 43 -5.43 -15.91 32.10
CA VAL B 43 -5.68 -15.38 33.45
C VAL B 43 -4.44 -15.68 34.29
N VAL B 44 -3.84 -14.63 34.85
CA VAL B 44 -2.65 -14.75 35.71
C VAL B 44 -3.09 -15.31 37.07
N THR B 45 -2.64 -16.52 37.40
CA THR B 45 -2.94 -17.21 38.65
C THR B 45 -1.64 -17.63 39.36
N ALA B 46 -1.76 -18.48 40.39
CA ALA B 46 -0.63 -19.01 41.16
C ALA B 46 0.21 -19.96 40.31
N GLU B 47 -0.44 -20.77 39.44
CA GLU B 47 0.23 -21.73 38.55
C GLU B 47 0.70 -21.09 37.25
N GLY B 48 0.55 -19.78 37.14
CA GLY B 48 0.97 -19.03 35.97
C GLY B 48 -0.14 -18.51 35.10
N LEU B 49 -0.05 -18.79 33.80
CA LEU B 49 -1.06 -18.34 32.83
C LEU B 49 -2.09 -19.43 32.60
N ARG B 50 -3.32 -19.17 33.06
CA ARG B 50 -4.41 -20.12 32.90
C ARG B 50 -5.13 -19.84 31.58
N PRO B 51 -5.21 -20.85 30.67
CA PRO B 51 -5.88 -20.60 29.37
C PRO B 51 -7.39 -20.46 29.51
N VAL B 52 -7.97 -19.53 28.75
CA VAL B 52 -9.40 -19.29 28.75
C VAL B 52 -9.91 -19.83 27.43
N LYS B 53 -9.84 -19.00 26.37
CA LYS B 53 -10.29 -19.31 25.02
C LYS B 53 -9.39 -18.63 24.01
N GLU B 54 -9.49 -19.08 22.75
CA GLU B 54 -8.75 -18.49 21.64
C GLU B 54 -9.77 -18.02 20.62
N VAL B 55 -9.88 -16.71 20.47
CA VAL B 55 -10.82 -16.11 19.53
C VAL B 55 -10.17 -16.03 18.15
N GLY B 56 -10.78 -16.70 17.18
CA GLY B 56 -10.33 -16.71 15.80
C GLY B 56 -11.03 -15.61 15.03
N MET B 57 -10.34 -14.48 14.82
CA MET B 57 -10.94 -13.33 14.13
C MET B 57 -10.88 -13.50 12.62
N TYR B 58 -11.84 -12.89 11.90
CA TYR B 58 -11.88 -12.91 10.44
C TYR B 58 -11.16 -11.65 9.95
N GLY B 59 -9.88 -11.57 10.31
CA GLY B 59 -9.04 -10.43 10.00
C GLY B 59 -7.79 -10.37 10.84
N LYS B 60 -6.74 -9.72 10.31
CA LYS B 60 -5.47 -9.55 11.00
C LYS B 60 -5.64 -8.45 12.03
N ILE B 61 -5.34 -8.77 13.31
CA ILE B 61 -5.47 -7.83 14.43
C ILE B 61 -4.42 -6.70 14.31
N ALA B 62 -4.85 -5.52 13.86
CA ALA B 62 -3.97 -4.36 13.70
C ALA B 62 -3.91 -3.49 14.95
N VAL B 63 -5.04 -3.38 15.69
CA VAL B 63 -5.15 -2.61 16.94
C VAL B 63 -5.85 -3.47 18.00
N MET B 64 -5.26 -3.52 19.20
CA MET B 64 -5.78 -4.29 20.33
C MET B 64 -5.55 -3.50 21.62
N GLU B 65 -6.61 -2.88 22.13
CA GLU B 65 -6.55 -2.06 23.34
C GLU B 65 -7.71 -2.34 24.26
N LEU B 66 -7.44 -2.32 25.56
CA LEU B 66 -8.45 -2.48 26.60
C LEU B 66 -8.76 -1.12 27.19
N PHE B 67 -10.04 -0.87 27.47
CA PHE B 67 -10.49 0.40 28.01
C PHE B 67 -11.74 0.22 28.86
N ARG B 68 -11.93 1.10 29.85
CA ARG B 68 -13.10 1.04 30.70
C ARG B 68 -13.84 2.38 30.72
N PRO B 69 -14.96 2.52 29.99
CA PRO B 69 -15.73 3.77 30.03
C PRO B 69 -16.42 3.95 31.38
N LYS B 70 -17.19 5.04 31.54
CA LYS B 70 -17.93 5.34 32.77
C LYS B 70 -19.06 4.33 33.02
N GLY B 71 -19.15 3.86 34.27
CA GLY B 71 -20.16 2.91 34.74
C GLY B 71 -20.14 1.55 34.07
N GLU B 72 -18.95 1.04 33.75
CA GLU B 72 -18.77 -0.28 33.13
C GLU B 72 -18.32 -1.26 34.19
N SER B 73 -18.86 -2.50 34.15
CA SER B 73 -18.56 -3.57 35.11
C SER B 73 -17.07 -3.94 35.07
N LYS B 74 -16.52 -4.04 33.86
CA LYS B 74 -15.11 -4.38 33.63
C LYS B 74 -14.63 -3.79 32.30
N ASP B 75 -13.37 -4.08 31.93
CA ASP B 75 -12.75 -3.60 30.70
C ASP B 75 -13.40 -4.15 29.45
N LEU B 76 -13.44 -3.30 28.43
CA LEU B 76 -13.96 -3.63 27.11
C LEU B 76 -12.77 -3.65 26.20
N LEU B 77 -12.85 -4.46 25.14
CA LEU B 77 -11.79 -4.58 24.17
C LEU B 77 -12.14 -3.92 22.84
N PHE B 78 -11.15 -3.26 22.25
CA PHE B 78 -11.29 -2.65 20.93
C PHE B 78 -10.37 -3.39 19.97
N ILE B 79 -10.95 -3.87 18.87
CA ILE B 79 -10.23 -4.59 17.83
C ILE B 79 -10.42 -3.88 16.51
N LEU B 80 -9.32 -3.65 15.80
CA LEU B 80 -9.33 -3.08 14.47
C LEU B 80 -8.53 -4.02 13.61
N THR B 81 -9.14 -4.53 12.53
CA THR B 81 -8.49 -5.47 11.63
C THR B 81 -7.67 -4.74 10.55
N ALA B 82 -6.90 -5.50 9.76
CA ALA B 82 -6.08 -4.98 8.66
C ALA B 82 -6.96 -4.51 7.47
N LYS B 83 -8.24 -4.97 7.42
CA LYS B 83 -9.23 -4.58 6.40
C LYS B 83 -10.18 -3.51 6.93
N TYR B 84 -9.78 -2.85 8.03
CA TYR B 84 -10.49 -1.75 8.69
C TYR B 84 -11.84 -2.16 9.31
N ASN B 85 -11.91 -3.37 9.90
CA ASN B 85 -13.12 -3.82 10.58
C ASN B 85 -12.91 -3.48 12.05
N ALA B 86 -13.67 -2.49 12.53
CA ALA B 86 -13.59 -2.02 13.91
C ALA B 86 -14.73 -2.59 14.72
N CYS B 87 -14.43 -3.03 15.95
CA CYS B 87 -15.42 -3.59 16.85
C CYS B 87 -15.08 -3.42 18.31
N ILE B 88 -16.12 -3.25 19.14
CA ILE B 88 -15.98 -3.16 20.59
C ILE B 88 -16.57 -4.43 21.15
N LEU B 89 -15.76 -5.20 21.85
CA LEU B 89 -16.15 -6.50 22.41
C LEU B 89 -16.29 -6.51 23.92
N GLU B 90 -17.16 -7.41 24.42
CA GLU B 90 -17.41 -7.60 25.84
C GLU B 90 -17.43 -9.08 26.15
N TYR B 91 -16.79 -9.46 27.26
CA TYR B 91 -16.74 -10.85 27.70
C TYR B 91 -17.86 -11.09 28.68
N LYS B 92 -18.58 -12.21 28.51
CA LYS B 92 -19.69 -12.61 29.36
C LYS B 92 -19.66 -14.11 29.58
N GLN B 93 -19.73 -14.53 30.84
CA GLN B 93 -19.72 -15.95 31.20
C GLN B 93 -20.91 -16.22 32.11
N SER B 94 -21.78 -17.15 31.71
CA SER B 94 -22.97 -17.54 32.46
C SER B 94 -22.77 -18.94 33.06
N GLY B 95 -21.99 -18.99 34.13
CA GLY B 95 -21.64 -20.24 34.81
C GLY B 95 -20.58 -21.01 34.05
N GLU B 96 -21.00 -21.70 32.96
CA GLU B 96 -20.10 -22.48 32.10
C GLU B 96 -20.07 -21.98 30.65
N SER B 97 -21.17 -21.37 30.18
CA SER B 97 -21.26 -20.85 28.82
C SER B 97 -20.50 -19.54 28.65
N ILE B 98 -19.46 -19.58 27.82
CA ILE B 98 -18.61 -18.43 27.53
C ILE B 98 -19.06 -17.83 26.19
N ASP B 99 -19.27 -16.51 26.18
CA ASP B 99 -19.69 -15.78 24.98
C ASP B 99 -19.07 -14.39 24.91
N ILE B 100 -18.68 -13.98 23.69
CA ILE B 100 -18.10 -12.66 23.44
C ILE B 100 -19.16 -11.84 22.73
N ILE B 101 -19.58 -10.75 23.36
CA ILE B 101 -20.59 -9.85 22.82
C ILE B 101 -19.96 -8.74 21.98
N THR B 102 -20.52 -8.51 20.80
CA THR B 102 -20.10 -7.44 19.91
C THR B 102 -21.00 -6.25 20.26
N ARG B 103 -20.45 -5.29 21.02
CA ARG B 103 -21.16 -4.07 21.43
C ARG B 103 -21.40 -3.19 20.22
N ALA B 104 -20.33 -2.86 19.48
CA ALA B 104 -20.38 -2.06 18.27
C ALA B 104 -19.51 -2.68 17.21
N HIS B 105 -19.86 -2.46 15.93
CA HIS B 105 -19.13 -2.97 14.79
C HIS B 105 -19.38 -2.10 13.56
N GLY B 106 -18.50 -2.21 12.58
CA GLY B 106 -18.59 -1.46 11.34
C GLY B 106 -17.24 -1.23 10.72
N ASN B 107 -17.23 -1.08 9.40
CA ASN B 107 -16.01 -0.83 8.65
C ASN B 107 -15.75 0.67 8.63
N VAL B 108 -14.47 1.05 8.79
CA VAL B 108 -14.04 2.45 8.87
C VAL B 108 -13.09 2.85 7.73
N GLN B 109 -13.09 2.08 6.63
CA GLN B 109 -12.22 2.37 5.50
C GLN B 109 -12.68 3.58 4.71
N ASP B 110 -11.72 4.30 4.13
CA ASP B 110 -12.00 5.45 3.30
C ASP B 110 -11.46 5.18 1.90
N ARG B 111 -12.25 5.55 0.87
CA ARG B 111 -11.87 5.38 -0.55
C ARG B 111 -10.68 6.25 -0.87
N ILE B 112 -10.62 7.44 -0.25
CA ILE B 112 -9.50 8.36 -0.35
C ILE B 112 -8.43 7.90 0.67
N GLY B 113 -7.30 8.60 0.68
CA GLY B 113 -6.22 8.35 1.63
C GLY B 113 -5.42 7.10 1.37
N ARG B 114 -4.11 7.26 1.26
CA ARG B 114 -3.18 6.15 1.07
C ARG B 114 -2.73 5.66 2.43
N PRO B 115 -2.64 4.32 2.66
CA PRO B 115 -2.17 3.83 3.96
C PRO B 115 -0.82 4.43 4.34
N SER B 116 -0.64 4.75 5.63
CA SER B 116 0.58 5.36 6.13
C SER B 116 1.77 4.40 6.14
N GLU B 117 2.99 4.96 6.04
CA GLU B 117 4.26 4.22 6.02
C GLU B 117 4.50 3.42 7.31
N THR B 118 4.13 4.00 8.48
CA THR B 118 4.31 3.35 9.80
C THR B 118 3.10 2.47 10.20
N GLY B 119 2.17 2.29 9.27
CA GLY B 119 0.98 1.48 9.45
C GLY B 119 -0.10 2.07 10.33
N ILE B 120 -1.11 1.23 10.65
CA ILE B 120 -2.28 1.56 11.46
C ILE B 120 -1.89 1.78 12.92
N ILE B 121 -2.27 2.95 13.44
CA ILE B 121 -2.06 3.34 14.84
C ILE B 121 -3.43 3.68 15.44
N GLY B 122 -3.79 2.95 16.49
CA GLY B 122 -5.02 3.12 17.25
C GLY B 122 -4.76 3.45 18.70
N ILE B 123 -5.31 4.58 19.16
CA ILE B 123 -5.15 5.10 20.52
C ILE B 123 -6.50 5.45 21.15
N ILE B 124 -6.61 5.27 22.48
CA ILE B 124 -7.82 5.57 23.22
C ILE B 124 -7.53 6.66 24.25
N ASP B 125 -8.43 7.66 24.33
CA ASP B 125 -8.33 8.75 25.29
C ASP B 125 -8.36 8.18 26.73
N PRO B 126 -7.50 8.69 27.66
CA PRO B 126 -7.47 8.15 29.04
C PRO B 126 -8.81 8.23 29.78
N GLU B 127 -9.68 9.20 29.43
CA GLU B 127 -11.00 9.37 30.04
C GLU B 127 -12.10 8.66 29.23
N CYS B 128 -11.71 7.83 28.23
CA CYS B 128 -12.60 7.08 27.35
C CYS B 128 -13.67 7.97 26.68
N ARG B 129 -13.22 9.10 26.13
CA ARG B 129 -14.10 10.08 25.49
C ARG B 129 -14.19 9.87 23.99
N MET B 130 -13.16 9.24 23.42
CA MET B 130 -13.04 9.01 21.97
C MET B 130 -11.97 8.00 21.62
N ILE B 131 -12.02 7.52 20.37
CA ILE B 131 -11.05 6.62 19.81
C ILE B 131 -10.40 7.38 18.67
N GLY B 132 -9.07 7.40 18.69
CA GLY B 132 -8.27 8.05 17.67
C GLY B 132 -7.61 7.05 16.75
N LEU B 133 -7.81 7.21 15.43
CA LEU B 133 -7.22 6.31 14.44
C LEU B 133 -6.38 7.06 13.43
N ARG B 134 -5.14 6.61 13.24
CA ARG B 134 -4.23 7.15 12.25
C ARG B 134 -4.07 6.07 11.20
N LEU B 135 -4.93 6.13 10.16
CA LEU B 135 -4.96 5.13 9.10
C LEU B 135 -4.23 5.57 7.86
N TYR B 136 -4.55 6.79 7.38
CA TYR B 136 -4.01 7.35 6.15
C TYR B 136 -3.23 8.65 6.39
N ASP B 137 -2.41 9.03 5.39
CA ASP B 137 -1.61 10.27 5.42
C ASP B 137 -2.49 11.48 5.30
N GLY B 138 -2.31 12.42 6.22
CA GLY B 138 -3.05 13.68 6.28
C GLY B 138 -4.44 13.62 6.86
N LEU B 139 -4.78 12.51 7.55
CA LEU B 139 -6.08 12.31 8.16
C LEU B 139 -5.97 11.69 9.54
N PHE B 140 -6.97 11.97 10.39
CA PHE B 140 -7.07 11.43 11.74
C PHE B 140 -8.54 11.19 12.04
N LYS B 141 -8.93 9.90 12.10
CA LYS B 141 -10.31 9.51 12.35
C LYS B 141 -10.63 9.52 13.83
N VAL B 142 -11.77 10.12 14.17
CA VAL B 142 -12.26 10.23 15.53
C VAL B 142 -13.56 9.48 15.71
N ILE B 143 -13.55 8.45 16.58
CA ILE B 143 -14.73 7.67 16.91
C ILE B 143 -15.20 8.05 18.31
N PRO B 144 -16.30 8.85 18.45
CA PRO B 144 -16.78 9.21 19.79
C PRO B 144 -17.37 7.99 20.52
N LEU B 145 -17.31 8.02 21.85
CA LEU B 145 -17.79 6.93 22.69
C LEU B 145 -18.95 7.41 23.55
N ASP B 146 -20.16 6.87 23.26
CA ASP B 146 -21.42 7.22 23.93
C ASP B 146 -22.51 6.21 23.60
N ARG B 147 -22.97 5.48 24.62
CA ARG B 147 -24.01 4.46 24.47
C ARG B 147 -25.42 5.05 24.37
N ASP B 148 -25.55 6.38 24.36
CA ASP B 148 -26.83 7.06 24.27
C ASP B 148 -27.41 7.02 22.87
N ASN B 149 -26.55 7.18 21.85
CA ASN B 149 -26.99 7.17 20.46
C ASN B 149 -26.91 5.75 19.89
N LYS B 150 -27.81 5.42 18.94
CA LYS B 150 -27.88 4.12 18.27
C LYS B 150 -26.68 3.91 17.34
N GLU B 151 -26.09 4.99 16.81
CA GLU B 151 -24.94 4.94 15.92
C GLU B 151 -23.74 5.63 16.56
N LEU B 152 -22.56 5.40 15.99
CA LEU B 152 -21.32 6.03 16.42
C LEU B 152 -20.74 6.74 15.22
N LYS B 153 -21.15 8.01 15.03
CA LYS B 153 -20.73 8.84 13.91
C LYS B 153 -19.25 9.19 13.99
N ALA B 154 -18.45 8.48 13.20
CA ALA B 154 -17.01 8.72 13.11
C ALA B 154 -16.80 9.79 12.07
N PHE B 155 -15.70 10.54 12.19
CA PHE B 155 -15.37 11.64 11.29
C PHE B 155 -13.87 11.84 11.20
N ASN B 156 -13.42 12.49 10.13
CA ASN B 156 -12.02 12.77 9.89
C ASN B 156 -11.70 14.23 10.11
N ILE B 157 -10.52 14.50 10.66
CA ILE B 157 -10.00 15.85 10.87
C ILE B 157 -8.69 15.89 10.11
N ARG B 158 -8.54 16.90 9.24
CA ARG B 158 -7.32 17.07 8.44
C ARG B 158 -6.11 17.32 9.34
N LEU B 159 -5.03 16.60 9.05
CA LEU B 159 -3.77 16.70 9.76
C LEU B 159 -2.73 17.30 8.82
N GLU B 160 -2.32 18.56 9.10
CA GLU B 160 -1.32 19.32 8.33
C GLU B 160 0.00 18.54 8.14
N GLU B 161 0.39 17.71 9.13
CA GLU B 161 1.60 16.90 9.12
C GLU B 161 1.25 15.58 8.42
N LEU B 162 1.73 15.43 7.18
CA LEU B 162 1.43 14.31 6.30
C LEU B 162 2.24 13.05 6.55
N HIS B 163 3.34 13.15 7.29
CA HIS B 163 4.18 12.00 7.57
C HIS B 163 4.38 11.82 9.09
N VAL B 164 3.39 11.20 9.75
CA VAL B 164 3.38 10.96 11.20
C VAL B 164 4.05 9.62 11.53
N ILE B 165 4.95 9.64 12.52
CA ILE B 165 5.70 8.48 12.97
C ILE B 165 4.92 7.72 14.04
N ASP B 166 4.55 8.41 15.11
CA ASP B 166 3.81 7.83 16.23
C ASP B 166 2.98 8.90 16.86
N VAL B 167 1.90 8.48 17.55
CA VAL B 167 0.94 9.36 18.22
C VAL B 167 0.40 8.69 19.49
N LYS B 168 0.16 9.51 20.51
CA LYS B 168 -0.41 9.07 21.78
C LYS B 168 -1.33 10.13 22.34
N PHE B 169 -2.25 9.71 23.22
CA PHE B 169 -3.13 10.64 23.91
C PHE B 169 -2.45 10.97 25.20
N LEU B 170 -2.37 12.27 25.50
CA LEU B 170 -1.74 12.74 26.73
C LEU B 170 -2.70 12.60 27.90
N TYR B 171 -2.13 12.40 29.10
CA TYR B 171 -2.85 12.28 30.37
C TYR B 171 -2.94 13.64 31.06
N GLY B 172 -3.89 13.77 31.99
CA GLY B 172 -4.13 14.98 32.77
C GLY B 172 -4.37 16.22 31.95
N CYS B 173 -5.40 16.18 31.09
CA CYS B 173 -5.78 17.29 30.21
C CYS B 173 -7.28 17.57 30.30
N GLN B 174 -7.67 18.84 30.07
CA GLN B 174 -9.06 19.29 30.11
C GLN B 174 -9.86 18.70 28.94
N ALA B 175 -9.28 18.78 27.74
CA ALA B 175 -9.81 18.26 26.49
C ALA B 175 -8.87 17.17 25.96
N PRO B 176 -9.39 16.15 25.23
CA PRO B 176 -8.50 15.13 24.66
C PRO B 176 -7.41 15.78 23.83
N THR B 177 -6.15 15.43 24.12
CA THR B 177 -4.98 15.99 23.48
C THR B 177 -4.07 14.89 22.93
N ILE B 178 -3.68 15.03 21.66
CA ILE B 178 -2.78 14.09 20.99
C ILE B 178 -1.37 14.68 21.00
N CYS B 179 -0.36 13.81 21.00
CA CYS B 179 1.03 14.20 20.96
C CYS B 179 1.69 13.28 19.97
N PHE B 180 2.23 13.86 18.90
CA PHE B 180 2.82 13.06 17.83
C PHE B 180 4.15 13.58 17.34
N VAL B 181 4.91 12.67 16.70
CA VAL B 181 6.20 12.95 16.07
C VAL B 181 5.96 12.82 14.58
N TYR B 182 6.37 13.83 13.82
CA TYR B 182 6.23 13.83 12.37
C TYR B 182 7.56 14.16 11.71
N GLN B 183 7.66 13.87 10.40
CA GLN B 183 8.85 14.14 9.59
C GLN B 183 8.47 15.07 8.45
N ASP B 184 9.43 15.92 8.08
CA ASP B 184 9.33 16.89 6.99
C ASP B 184 10.75 17.23 6.50
N PRO B 185 10.93 18.00 5.40
CA PRO B 185 12.29 18.36 4.97
C PRO B 185 13.24 18.92 6.04
N GLN B 186 12.71 19.66 7.06
CA GLN B 186 13.51 20.24 8.16
C GLN B 186 14.03 19.19 9.15
N GLY B 187 13.38 18.03 9.17
CA GLY B 187 13.73 16.89 10.02
C GLY B 187 12.53 16.33 10.74
N ARG B 188 12.72 15.93 12.00
CA ARG B 188 11.63 15.40 12.83
C ARG B 188 11.35 16.35 13.97
N HIS B 189 10.06 16.50 14.28
CA HIS B 189 9.61 17.40 15.34
C HIS B 189 8.53 16.72 16.15
N VAL B 190 8.05 17.41 17.20
CA VAL B 190 6.97 16.94 18.06
C VAL B 190 5.94 18.04 18.17
N LYS B 191 4.68 17.66 18.07
CA LYS B 191 3.57 18.61 18.09
C LYS B 191 2.38 18.03 18.86
N THR B 192 1.50 18.92 19.34
CA THR B 192 0.28 18.54 20.06
C THR B 192 -0.92 19.30 19.50
N TYR B 193 -2.09 18.67 19.63
CA TYR B 193 -3.37 19.24 19.20
C TYR B 193 -4.42 18.86 20.19
N GLU B 194 -5.39 19.74 20.38
CA GLU B 194 -6.52 19.48 21.25
C GLU B 194 -7.65 19.11 20.33
N VAL B 195 -8.25 17.94 20.56
CA VAL B 195 -9.35 17.45 19.74
C VAL B 195 -10.67 17.99 20.31
N SER B 196 -11.47 18.66 19.48
CA SER B 196 -12.76 19.20 19.87
C SER B 196 -13.86 18.39 19.19
N LEU B 197 -14.59 17.57 19.99
CA LEU B 197 -15.69 16.72 19.49
C LEU B 197 -16.86 17.58 19.00
N ARG B 198 -17.04 18.76 19.61
CA ARG B 198 -18.11 19.67 19.27
C ARG B 198 -17.93 20.31 17.89
N GLU B 199 -16.75 20.89 17.63
CA GLU B 199 -16.45 21.57 16.37
C GLU B 199 -15.89 20.66 15.27
N LYS B 200 -15.45 19.43 15.65
CA LYS B 200 -14.86 18.43 14.75
C LYS B 200 -13.64 19.04 14.07
N GLU B 201 -12.68 19.47 14.90
CA GLU B 201 -11.44 20.10 14.45
C GLU B 201 -10.36 20.06 15.53
N PHE B 202 -9.14 20.42 15.14
CA PHE B 202 -8.01 20.53 16.04
C PHE B 202 -7.91 21.95 16.55
N ASN B 203 -7.39 22.09 17.75
CA ASN B 203 -7.16 23.37 18.39
C ASN B 203 -5.69 23.44 18.78
N LYS B 204 -5.22 24.64 19.17
CA LYS B 204 -3.83 24.87 19.56
C LYS B 204 -3.43 24.00 20.73
N GLY B 205 -2.38 23.21 20.51
CA GLY B 205 -1.82 22.30 21.50
C GLY B 205 -1.25 23.02 22.72
N PRO B 206 -1.29 22.38 23.91
CA PRO B 206 -0.79 23.03 25.13
C PRO B 206 0.67 23.52 25.02
N TRP B 207 1.55 22.68 24.48
CA TRP B 207 2.94 23.01 24.21
C TRP B 207 3.23 22.75 22.74
N LYS B 208 4.05 23.59 22.12
CA LYS B 208 4.23 23.49 20.68
C LYS B 208 5.57 22.91 20.17
N GLN B 209 6.10 23.54 19.10
CA GLN B 209 7.32 23.24 18.37
C GLN B 209 8.52 22.87 19.22
N GLU B 210 9.08 21.69 18.94
CA GLU B 210 10.27 21.17 19.58
C GLU B 210 11.01 20.30 18.58
N ASN B 211 12.28 20.64 18.35
CA ASN B 211 13.14 19.92 17.43
C ASN B 211 13.68 18.65 18.06
N VAL B 212 13.23 17.51 17.55
CA VAL B 212 13.64 16.20 18.08
C VAL B 212 14.67 15.52 17.17
N GLU B 213 15.23 14.39 17.64
CA GLU B 213 16.21 13.59 16.90
C GLU B 213 15.65 13.16 15.52
N ALA B 214 16.56 13.00 14.54
CA ALA B 214 16.23 12.58 13.17
C ALA B 214 15.69 11.15 13.14
N GLU B 215 16.01 10.34 14.17
CA GLU B 215 15.54 8.95 14.25
C GLU B 215 14.58 8.69 15.42
N ALA B 216 13.87 9.76 15.88
CA ALA B 216 12.88 9.71 16.96
C ALA B 216 11.70 8.86 16.45
N SER B 217 11.58 7.62 16.97
CA SER B 217 10.59 6.63 16.51
C SER B 217 9.37 6.38 17.41
N MET B 218 9.52 6.47 18.75
CA MET B 218 8.42 6.16 19.66
C MET B 218 7.97 7.31 20.57
N VAL B 219 6.69 7.28 20.95
CA VAL B 219 6.06 8.25 21.86
C VAL B 219 5.46 7.50 23.06
N ILE B 220 5.75 7.97 24.28
CA ILE B 220 5.24 7.38 25.51
C ILE B 220 4.38 8.40 26.29
N ALA B 221 3.12 8.04 26.59
CA ALA B 221 2.22 8.91 27.35
C ALA B 221 2.40 8.57 28.83
N VAL B 222 3.03 9.51 29.57
CA VAL B 222 3.32 9.37 30.99
C VAL B 222 2.01 9.57 31.77
N PRO B 223 1.58 8.59 32.62
CA PRO B 223 0.29 8.71 33.30
C PRO B 223 0.11 9.93 34.21
N GLU B 224 -1.15 10.16 34.62
CA GLU B 224 -1.66 11.26 35.42
C GLU B 224 -0.64 11.98 36.34
N PRO B 225 0.09 11.35 37.32
CA PRO B 225 0.97 12.16 38.20
C PRO B 225 1.99 13.06 37.49
N PHE B 226 2.85 12.51 36.62
CA PHE B 226 3.87 13.29 35.92
C PHE B 226 3.30 14.14 34.81
N GLY B 227 2.66 13.49 33.85
CA GLY B 227 2.09 14.14 32.67
C GLY B 227 3.16 14.21 31.61
N GLY B 228 2.82 14.83 30.48
CA GLY B 228 3.75 14.97 29.37
C GLY B 228 4.01 13.68 28.62
N ALA B 229 5.12 13.66 27.88
CA ALA B 229 5.49 12.53 27.04
C ALA B 229 6.99 12.28 26.99
N ILE B 230 7.36 11.04 26.67
CA ILE B 230 8.75 10.62 26.50
C ILE B 230 8.97 10.25 25.03
N ILE B 231 10.08 10.72 24.46
CA ILE B 231 10.44 10.45 23.08
C ILE B 231 11.77 9.69 23.04
N ILE B 232 11.73 8.48 22.45
CA ILE B 232 12.89 7.61 22.29
C ILE B 232 13.37 7.66 20.83
N GLY B 233 14.68 7.86 20.67
CA GLY B 233 15.34 7.91 19.38
C GLY B 233 16.48 6.91 19.31
N GLN B 234 17.38 7.10 18.34
CA GLN B 234 18.54 6.22 18.18
C GLN B 234 19.64 6.55 19.19
N GLU B 235 19.86 7.84 19.47
CA GLU B 235 20.92 8.33 20.33
C GLU B 235 20.49 8.86 21.69
N SER B 236 19.24 9.34 21.79
CA SER B 236 18.77 10.01 23.01
C SER B 236 17.32 9.73 23.38
N ILE B 237 17.01 9.88 24.69
CA ILE B 237 15.68 9.76 25.25
C ILE B 237 15.34 11.11 25.87
N THR B 238 14.20 11.70 25.48
CA THR B 238 13.80 13.02 25.96
C THR B 238 12.45 13.02 26.67
N TYR B 239 12.22 14.03 27.51
CA TYR B 239 10.97 14.25 28.23
C TYR B 239 10.44 15.64 27.89
N HIS B 240 9.15 15.72 27.57
CA HIS B 240 8.51 16.97 27.19
C HIS B 240 7.22 17.18 27.96
N ASN B 241 7.03 18.40 28.50
CA ASN B 241 5.85 18.82 29.26
C ASN B 241 5.83 20.34 29.41
N GLY B 242 5.68 21.03 28.28
CA GLY B 242 5.68 22.48 28.23
C GLY B 242 7.10 22.98 28.20
N ASP B 243 7.43 23.96 29.05
CA ASP B 243 8.79 24.52 29.15
C ASP B 243 9.75 23.52 29.82
N LYS B 244 9.17 22.52 30.51
CA LYS B 244 9.88 21.45 31.19
C LYS B 244 10.43 20.49 30.14
N TYR B 245 11.76 20.37 30.10
CA TYR B 245 12.49 19.54 29.13
C TYR B 245 13.73 18.90 29.73
N LEU B 246 13.87 17.58 29.55
CA LEU B 246 15.01 16.82 30.02
C LEU B 246 15.44 15.86 28.94
N ALA B 247 16.73 15.83 28.64
CA ALA B 247 17.28 14.96 27.60
C ALA B 247 18.55 14.29 28.06
N ILE B 248 18.69 13.00 27.73
CA ILE B 248 19.84 12.17 28.09
C ILE B 248 20.36 11.47 26.84
N ALA B 249 21.68 11.30 26.75
CA ALA B 249 22.31 10.62 25.61
C ALA B 249 23.21 9.47 26.08
N PRO B 250 22.62 8.32 26.52
CA PRO B 250 23.45 7.20 27.00
C PRO B 250 24.14 6.51 25.83
N PRO B 251 25.46 6.27 25.91
CA PRO B 251 26.17 5.63 24.78
C PRO B 251 25.83 4.15 24.56
N ILE B 252 25.26 3.49 25.59
CA ILE B 252 24.88 2.08 25.57
C ILE B 252 23.74 1.79 24.57
N ILE B 253 22.79 2.73 24.43
CA ILE B 253 21.63 2.58 23.55
C ILE B 253 21.93 2.96 22.09
N LYS B 254 23.11 3.53 21.82
CA LYS B 254 23.51 3.96 20.48
C LYS B 254 23.86 2.77 19.56
N GLN B 255 24.26 1.63 20.15
CA GLN B 255 24.66 0.43 19.40
C GLN B 255 23.51 -0.33 18.75
N SER B 256 22.29 -0.23 19.29
CA SER B 256 21.12 -0.92 18.75
C SER B 256 19.84 -0.12 18.98
N THR B 257 18.88 -0.25 18.06
CA THR B 257 17.62 0.46 18.08
C THR B 257 16.60 -0.07 19.09
N ILE B 258 16.05 0.86 19.90
CA ILE B 258 14.99 0.58 20.87
C ILE B 258 13.72 0.50 20.03
N VAL B 259 13.00 -0.62 20.15
CA VAL B 259 11.84 -0.89 19.30
C VAL B 259 10.52 -1.16 20.04
N CYS B 260 10.57 -1.29 21.37
CA CYS B 260 9.37 -1.54 22.17
C CYS B 260 9.56 -1.06 23.60
N HIS B 261 8.45 -0.72 24.23
CA HIS B 261 8.42 -0.26 25.61
C HIS B 261 7.23 -0.86 26.32
N ASN B 262 7.20 -0.71 27.65
CA ASN B 262 6.12 -1.17 28.51
C ASN B 262 6.19 -0.46 29.85
N ARG B 263 5.05 0.04 30.31
CA ARG B 263 4.94 0.71 31.60
C ARG B 263 4.84 -0.34 32.71
N VAL B 264 5.74 -0.25 33.70
CA VAL B 264 5.79 -1.18 34.83
C VAL B 264 4.91 -0.63 35.95
N ASP B 265 5.25 0.56 36.46
CA ASP B 265 4.52 1.20 37.55
C ASP B 265 3.29 1.92 37.05
N PRO B 266 2.15 1.82 37.79
CA PRO B 266 0.93 2.53 37.38
C PRO B 266 1.08 4.05 37.36
N ASN B 267 2.04 4.60 38.13
CA ASN B 267 2.32 6.04 38.18
C ASN B 267 3.34 6.50 37.11
N GLY B 268 3.99 5.55 36.44
CA GLY B 268 4.97 5.79 35.39
C GLY B 268 6.39 6.09 35.85
N SER B 269 6.81 5.54 37.00
CA SER B 269 8.16 5.75 37.54
C SER B 269 9.20 4.87 36.82
N ARG B 270 8.80 3.69 36.32
CA ARG B 270 9.70 2.76 35.62
C ARG B 270 9.11 2.27 34.30
N TYR B 271 9.97 2.13 33.29
CA TYR B 271 9.60 1.64 31.98
C TYR B 271 10.59 0.61 31.49
N LEU B 272 10.11 -0.45 30.85
CA LEU B 272 10.99 -1.48 30.29
C LEU B 272 11.17 -1.13 28.84
N LEU B 273 12.39 -1.29 28.32
CA LEU B 273 12.71 -0.98 26.92
C LEU B 273 13.35 -2.17 26.23
N GLY B 274 12.82 -2.48 25.05
CA GLY B 274 13.28 -3.57 24.22
C GLY B 274 14.20 -3.13 23.09
N ASP B 275 15.23 -3.93 22.84
CA ASP B 275 16.24 -3.67 21.81
C ASP B 275 16.19 -4.69 20.67
N MET B 276 16.63 -4.28 19.47
CA MET B 276 16.73 -5.14 18.28
C MET B 276 17.71 -6.30 18.54
N GLU B 277 18.72 -6.07 19.41
CA GLU B 277 19.72 -7.07 19.80
C GLU B 277 19.24 -8.02 20.91
N GLY B 278 18.09 -7.74 21.50
CA GLY B 278 17.51 -8.54 22.56
C GLY B 278 17.81 -8.07 23.97
N ARG B 279 18.56 -6.96 24.11
CA ARG B 279 18.92 -6.39 25.41
C ARG B 279 17.74 -5.73 26.09
N LEU B 280 17.56 -6.04 27.37
CA LEU B 280 16.47 -5.47 28.15
C LEU B 280 16.97 -4.31 29.00
N PHE B 281 16.26 -3.19 28.95
CA PHE B 281 16.61 -1.98 29.69
C PHE B 281 15.53 -1.59 30.70
N MET B 282 15.85 -0.61 31.54
CA MET B 282 14.94 -0.06 32.53
C MET B 282 15.12 1.45 32.54
N LEU B 283 14.09 2.17 32.12
CA LEU B 283 14.03 3.62 32.09
C LEU B 283 13.38 4.12 33.39
N LEU B 284 14.17 4.84 34.20
CA LEU B 284 13.76 5.37 35.49
C LEU B 284 13.50 6.86 35.40
N LEU B 285 12.35 7.29 35.96
CA LEU B 285 11.93 8.69 35.99
C LEU B 285 11.97 9.12 37.44
N GLU B 286 12.95 9.99 37.80
CA GLU B 286 13.14 10.48 39.15
C GLU B 286 12.00 11.40 39.55
N LYS B 287 11.29 11.01 40.60
CA LYS B 287 10.15 11.77 41.12
C LYS B 287 10.65 13.00 41.87
N GLU B 288 9.83 14.06 41.84
CA GLU B 288 10.11 15.33 42.51
C GLU B 288 8.77 15.88 43.03
N GLU B 289 8.43 15.49 44.26
CA GLU B 289 7.18 15.88 44.92
C GLU B 289 7.16 17.37 45.25
N GLN B 290 5.99 17.99 45.03
CA GLN B 290 5.78 19.42 45.27
C GLN B 290 4.92 19.61 46.51
N MET B 291 5.07 20.78 47.16
CA MET B 291 4.31 21.16 48.34
C MET B 291 2.90 21.56 47.94
N ASP B 292 2.66 21.79 46.63
CA ASP B 292 1.34 22.13 46.09
C ASP B 292 0.44 20.91 46.16
N GLY B 293 1.02 19.74 45.98
CA GLY B 293 0.34 18.46 45.99
C GLY B 293 0.60 17.70 44.72
N THR B 294 1.08 18.43 43.70
CA THR B 294 1.44 17.90 42.39
C THR B 294 2.83 17.28 42.48
N VAL B 295 3.25 16.59 41.42
CA VAL B 295 4.56 15.95 41.33
C VAL B 295 5.22 16.35 40.02
N THR B 296 6.56 16.37 40.00
CA THR B 296 7.35 16.72 38.83
C THR B 296 8.45 15.65 38.60
N LEU B 297 9.26 15.85 37.56
CA LEU B 297 10.34 14.97 37.16
C LEU B 297 11.69 15.65 37.43
N LYS B 298 12.61 14.90 38.04
CA LYS B 298 13.93 15.39 38.38
C LYS B 298 15.00 14.96 37.38
N ASP B 299 15.10 13.65 37.09
CA ASP B 299 16.09 13.09 36.18
C ASP B 299 15.56 11.91 35.38
N LEU B 300 16.40 11.39 34.48
CA LEU B 300 16.13 10.23 33.65
C LEU B 300 17.37 9.36 33.69
N ARG B 301 17.17 8.05 33.85
CA ARG B 301 18.27 7.10 33.91
C ARG B 301 17.87 5.77 33.31
N VAL B 302 18.79 5.18 32.55
CA VAL B 302 18.61 3.88 31.91
C VAL B 302 19.59 2.88 32.53
N GLU B 303 19.12 1.66 32.79
CA GLU B 303 19.95 0.61 33.38
C GLU B 303 19.77 -0.69 32.61
N LEU B 304 20.89 -1.33 32.22
CA LEU B 304 20.84 -2.59 31.48
C LEU B 304 20.48 -3.74 32.42
N LEU B 305 19.34 -4.39 32.15
CA LEU B 305 18.85 -5.49 32.97
C LEU B 305 19.49 -6.82 32.62
N GLY B 306 19.57 -7.10 31.31
CA GLY B 306 20.18 -8.32 30.79
C GLY B 306 19.84 -8.57 29.34
N GLU B 307 19.65 -9.85 29.01
CA GLU B 307 19.35 -10.32 27.66
C GLU B 307 18.05 -11.12 27.66
N THR B 308 17.22 -10.88 26.66
CA THR B 308 15.97 -11.60 26.44
C THR B 308 15.90 -11.90 24.95
N SER B 309 14.75 -12.42 24.49
CA SER B 309 14.54 -12.70 23.08
C SER B 309 14.26 -11.38 22.41
N ILE B 310 14.49 -11.30 21.08
CA ILE B 310 14.24 -10.09 20.30
C ILE B 310 12.73 -9.89 20.32
N ALA B 311 12.28 -9.07 21.27
CA ALA B 311 10.90 -8.75 21.56
C ALA B 311 10.23 -7.76 20.62
N GLU B 312 8.96 -8.06 20.30
CA GLU B 312 8.03 -7.27 19.51
C GLU B 312 7.19 -6.48 20.52
N CYS B 313 6.76 -7.15 21.62
CA CYS B 313 6.01 -6.54 22.70
C CYS B 313 6.51 -7.03 24.05
N LEU B 314 6.65 -6.10 25.01
CA LEU B 314 7.04 -6.42 26.38
C LEU B 314 5.83 -6.18 27.22
N THR B 315 5.59 -7.04 28.21
CA THR B 315 4.43 -6.93 29.08
C THR B 315 4.71 -7.40 30.49
N TYR B 316 4.64 -6.47 31.45
CA TYR B 316 4.80 -6.82 32.86
C TYR B 316 3.53 -7.51 33.34
N LEU B 317 3.67 -8.64 34.03
CA LEU B 317 2.52 -9.38 34.52
C LEU B 317 2.29 -9.17 35.99
N ASP B 318 3.12 -9.76 36.84
CA ASP B 318 3.02 -9.63 38.29
C ASP B 318 4.21 -10.26 38.96
N ASN B 319 4.59 -9.70 40.13
CA ASN B 319 5.65 -10.17 41.00
C ASN B 319 7.01 -10.34 40.31
N GLY B 320 7.41 -9.32 39.56
CA GLY B 320 8.66 -9.31 38.81
C GLY B 320 8.74 -10.27 37.64
N VAL B 321 7.60 -10.68 37.08
CA VAL B 321 7.56 -11.60 35.93
C VAL B 321 7.00 -10.86 34.73
N VAL B 322 7.77 -10.85 33.63
CA VAL B 322 7.45 -10.17 32.40
C VAL B 322 7.28 -11.18 31.24
N PHE B 323 6.28 -10.93 30.38
CA PHE B 323 6.04 -11.71 29.18
C PHE B 323 6.77 -11.03 28.04
N VAL B 324 7.62 -11.79 27.35
CA VAL B 324 8.42 -11.33 26.23
C VAL B 324 7.76 -11.88 24.96
N GLY B 325 7.06 -11.02 24.25
CA GLY B 325 6.38 -11.40 23.01
C GLY B 325 7.30 -11.22 21.82
N SER B 326 7.84 -12.34 21.32
CA SER B 326 8.80 -12.36 20.22
C SER B 326 8.16 -12.82 18.90
N ARG B 327 8.55 -12.18 17.77
CA ARG B 327 8.07 -12.52 16.44
C ARG B 327 9.19 -13.12 15.57
N LEU B 328 10.46 -12.84 15.94
CA LEU B 328 11.64 -13.34 15.25
C LEU B 328 12.24 -14.53 15.96
N GLY B 329 11.59 -14.95 17.04
CA GLY B 329 12.03 -16.08 17.84
C GLY B 329 11.03 -16.50 18.89
N ASP B 330 11.47 -17.38 19.77
CA ASP B 330 10.66 -17.92 20.85
C ASP B 330 10.25 -16.87 21.89
N SER B 331 8.99 -16.95 22.34
CA SER B 331 8.45 -16.07 23.36
C SER B 331 8.90 -16.58 24.70
N GLN B 332 8.99 -15.71 25.71
CA GLN B 332 9.49 -16.10 27.04
C GLN B 332 8.63 -15.57 28.18
N LEU B 333 8.85 -16.14 29.38
CA LEU B 333 8.33 -15.71 30.67
C LEU B 333 9.60 -15.51 31.45
N VAL B 334 9.88 -14.26 31.79
CA VAL B 334 11.14 -13.92 32.46
C VAL B 334 10.92 -13.41 33.88
N LYS B 335 11.94 -13.55 34.73
CA LYS B 335 11.88 -13.08 36.10
C LYS B 335 12.92 -11.99 36.35
N LEU B 336 12.48 -10.83 36.82
CA LEU B 336 13.33 -9.70 37.17
C LEU B 336 13.69 -9.86 38.63
N ASN B 337 14.96 -10.16 38.88
CA ASN B 337 15.50 -10.37 40.22
C ASN B 337 16.30 -9.18 40.70
N VAL B 338 16.32 -8.97 42.02
CA VAL B 338 17.04 -7.87 42.67
C VAL B 338 18.55 -8.16 42.64
N ASP B 339 18.94 -9.43 42.71
CA ASP B 339 20.33 -9.85 42.69
C ASP B 339 20.74 -10.39 41.33
N SER B 340 21.84 -9.87 40.79
CA SER B 340 22.35 -10.31 39.49
C SER B 340 23.19 -11.56 39.68
N ASN B 341 23.17 -12.42 38.66
CA ASN B 341 23.92 -13.67 38.64
C ASN B 341 25.42 -13.43 38.37
N GLU B 342 26.18 -14.52 38.11
CA GLU B 342 27.60 -14.50 37.79
C GLU B 342 27.92 -13.68 36.53
N GLN B 343 27.01 -13.72 35.54
CA GLN B 343 27.15 -13.00 34.27
C GLN B 343 26.90 -11.50 34.43
N GLY B 344 26.18 -11.13 35.49
CA GLY B 344 25.81 -9.75 35.80
C GLY B 344 24.44 -9.39 35.27
N SER B 345 23.61 -10.42 34.99
CA SER B 345 22.25 -10.28 34.48
C SER B 345 21.22 -10.41 35.62
N TYR B 346 20.25 -9.48 35.66
CA TYR B 346 19.18 -9.46 36.67
C TYR B 346 17.95 -10.26 36.21
N VAL B 347 17.91 -10.61 34.92
CA VAL B 347 16.83 -11.36 34.29
C VAL B 347 17.19 -12.84 34.07
N VAL B 348 16.25 -13.74 34.44
CA VAL B 348 16.38 -15.19 34.28
C VAL B 348 15.11 -15.72 33.61
N ALA B 349 15.27 -16.66 32.67
CA ALA B 349 14.15 -17.26 31.96
C ALA B 349 13.45 -18.36 32.78
N MET B 350 12.11 -18.32 32.79
CA MET B 350 11.23 -19.26 33.50
C MET B 350 10.64 -20.27 32.52
N GLU B 351 10.12 -19.80 31.38
CA GLU B 351 9.53 -20.66 30.34
C GLU B 351 9.77 -20.07 28.95
N THR B 352 9.84 -20.94 27.94
CA THR B 352 10.06 -20.58 26.54
C THR B 352 8.95 -21.19 25.69
N PHE B 353 8.32 -20.37 24.83
CA PHE B 353 7.23 -20.77 23.94
C PHE B 353 7.73 -20.83 22.51
N THR B 354 7.47 -21.95 21.83
CA THR B 354 7.87 -22.21 20.45
C THR B 354 7.29 -21.24 19.43
N ASN B 355 8.19 -20.69 18.61
CA ASN B 355 7.90 -19.83 17.48
C ASN B 355 8.68 -20.34 16.28
N LEU B 356 7.94 -20.73 15.21
CA LEU B 356 8.54 -21.26 13.99
C LEU B 356 8.87 -20.17 12.99
N GLY B 357 8.21 -19.03 13.14
CA GLY B 357 8.40 -17.90 12.25
C GLY B 357 9.59 -17.02 12.57
N PRO B 358 10.18 -16.36 11.56
CA PRO B 358 9.83 -16.44 10.13
C PRO B 358 10.38 -17.67 9.43
N ILE B 359 9.57 -18.29 8.56
CA ILE B 359 10.01 -19.45 7.78
C ILE B 359 10.53 -18.86 6.49
N VAL B 360 11.85 -18.88 6.30
CA VAL B 360 12.50 -18.27 5.13
C VAL B 360 12.79 -19.29 4.01
N ASP B 361 12.89 -20.56 4.38
CA ASP B 361 13.09 -21.69 3.48
C ASP B 361 12.87 -22.98 4.25
N MET B 362 12.48 -24.04 3.52
CA MET B 362 12.23 -25.36 4.08
C MET B 362 12.39 -26.44 3.03
N CYS B 363 12.33 -27.70 3.47
CA CYS B 363 12.43 -28.89 2.64
C CYS B 363 11.77 -30.09 3.32
N VAL B 364 11.24 -30.99 2.51
CA VAL B 364 10.56 -32.21 2.96
C VAL B 364 11.49 -33.40 2.73
N VAL B 365 11.87 -34.09 3.83
CA VAL B 365 12.78 -35.23 3.79
C VAL B 365 12.28 -36.37 4.67
N ASP B 366 12.54 -37.61 4.26
CA ASP B 366 12.23 -38.81 5.03
C ASP B 366 13.47 -39.11 5.84
N LEU B 367 13.61 -38.39 6.97
CA LEU B 367 14.77 -38.48 7.87
C LEU B 367 14.87 -39.84 8.53
N GLU B 368 14.11 -40.06 9.62
CA GLU B 368 14.07 -41.33 10.36
C GLU B 368 12.92 -42.11 9.77
N ARG B 369 13.15 -43.43 9.53
CA ARG B 369 12.21 -44.35 8.88
C ARG B 369 12.07 -43.94 7.40
N GLN B 370 11.21 -44.63 6.63
CA GLN B 370 11.03 -44.32 5.22
C GLN B 370 9.55 -44.17 4.85
N GLY B 371 9.25 -43.14 4.06
CA GLY B 371 7.89 -42.88 3.59
C GLY B 371 7.10 -41.88 4.42
N GLN B 372 7.67 -41.43 5.56
CA GLN B 372 7.06 -40.43 6.43
C GLN B 372 7.86 -39.15 6.33
N GLY B 373 7.27 -38.15 5.66
CA GLY B 373 7.87 -36.84 5.42
C GLY B 373 8.09 -36.03 6.68
N GLN B 374 9.11 -35.17 6.68
CA GLN B 374 9.46 -34.29 7.80
C GLN B 374 9.95 -32.96 7.24
N LEU B 375 9.37 -31.87 7.73
CA LEU B 375 9.75 -30.52 7.33
C LEU B 375 11.00 -30.13 8.07
N VAL B 376 11.95 -29.50 7.36
CA VAL B 376 13.20 -29.01 7.92
C VAL B 376 13.27 -27.54 7.50
N THR B 377 12.81 -26.64 8.37
CA THR B 377 12.75 -25.22 8.08
C THR B 377 14.00 -24.43 8.51
N CYS B 378 14.10 -23.19 8.04
CA CYS B 378 15.11 -22.21 8.42
C CYS B 378 14.26 -21.18 9.14
N SER B 379 14.30 -21.22 10.47
CA SER B 379 13.48 -20.36 11.32
C SER B 379 14.25 -19.29 12.05
N GLY B 380 13.57 -18.19 12.33
CA GLY B 380 14.10 -17.05 13.08
C GLY B 380 15.15 -16.24 12.35
N ALA B 381 15.67 -15.24 13.05
CA ALA B 381 16.70 -14.34 12.54
C ALA B 381 17.64 -13.95 13.66
N PHE B 382 18.87 -13.51 13.30
CA PHE B 382 19.92 -13.05 14.22
C PHE B 382 20.19 -14.11 15.30
N LYS B 383 20.46 -13.70 16.55
CA LYS B 383 20.72 -14.62 17.68
C LYS B 383 19.58 -15.64 17.93
N GLU B 384 18.40 -15.42 17.30
CA GLU B 384 17.20 -16.27 17.43
C GLU B 384 17.07 -17.35 16.35
N GLY B 385 17.98 -17.29 15.37
CA GLY B 385 18.05 -18.21 14.24
C GLY B 385 18.28 -19.66 14.64
N SER B 386 17.48 -20.55 14.05
CA SER B 386 17.54 -21.99 14.32
C SER B 386 17.02 -22.83 13.16
N LEU B 387 16.99 -24.15 13.33
CA LEU B 387 16.43 -25.08 12.38
C LEU B 387 15.40 -25.89 13.12
N ARG B 388 14.18 -25.93 12.58
CA ARG B 388 13.07 -26.65 13.19
C ARG B 388 12.73 -27.89 12.39
N ILE B 389 12.61 -29.03 13.07
CA ILE B 389 12.29 -30.34 12.47
C ILE B 389 10.88 -30.69 12.92
N ILE B 390 9.93 -30.55 12.00
CA ILE B 390 8.51 -30.77 12.25
C ILE B 390 8.07 -32.08 11.61
N ARG B 391 7.27 -32.85 12.34
CA ARG B 391 6.74 -34.13 11.87
C ARG B 391 5.44 -34.52 12.54
N ASN B 392 4.61 -35.25 11.81
CA ASN B 392 3.36 -35.77 12.35
C ASN B 392 3.75 -37.00 13.10
N GLY B 393 3.67 -36.89 14.42
CA GLY B 393 4.03 -37.96 15.34
C GLY B 393 2.83 -38.69 15.87
N ILE B 394 2.87 -40.03 15.78
CA ILE B 394 1.83 -40.92 16.29
C ILE B 394 2.23 -41.38 17.70
N GLY B 395 1.58 -40.79 18.71
CA GLY B 395 1.85 -41.07 20.11
C GLY B 395 2.76 -40.04 20.76
N LYS B 405 -0.18 -33.42 18.28
CA LYS B 405 -0.23 -33.81 16.87
C LYS B 405 1.14 -33.63 16.21
N LEU B 406 1.69 -32.40 16.26
CA LEU B 406 2.99 -32.08 15.68
C LEU B 406 4.10 -32.13 16.72
N HIS B 407 5.29 -32.61 16.29
CA HIS B 407 6.48 -32.71 17.12
CA HIS B 407 6.48 -32.73 17.13
C HIS B 407 7.60 -31.87 16.52
N ILE B 408 8.08 -30.89 17.29
CA ILE B 408 9.12 -29.97 16.85
C ILE B 408 10.43 -30.20 17.62
N ARG B 409 11.55 -30.15 16.90
CA ARG B 409 12.90 -30.24 17.44
C ARG B 409 13.68 -29.00 16.99
N THR B 410 14.17 -28.21 17.95
CA THR B 410 14.92 -26.98 17.71
C THR B 410 16.44 -27.20 17.73
N VAL B 411 17.13 -26.64 16.73
CA VAL B 411 18.59 -26.67 16.59
C VAL B 411 19.06 -25.20 16.54
N PRO B 412 19.40 -24.58 17.71
CA PRO B 412 19.83 -23.17 17.71
C PRO B 412 21.13 -22.94 16.95
N LEU B 413 21.15 -21.88 16.13
CA LEU B 413 22.32 -21.53 15.32
C LEU B 413 23.00 -20.28 15.80
N TYR B 414 22.21 -19.33 16.34
CA TYR B 414 22.65 -18.01 16.86
C TYR B 414 23.08 -17.09 15.73
N GLU B 415 22.42 -17.23 14.58
CA GLU B 415 22.63 -16.47 13.36
C GLU B 415 21.50 -16.76 12.40
N SER B 416 21.26 -15.83 11.48
CA SER B 416 20.18 -15.96 10.50
C SER B 416 20.42 -17.06 9.44
N PRO B 417 19.62 -18.16 9.44
CA PRO B 417 19.74 -19.12 8.34
C PRO B 417 19.03 -18.52 7.12
N ARG B 418 19.42 -18.90 5.90
CA ARG B 418 18.84 -18.33 4.68
C ARG B 418 18.22 -19.37 3.75
N LYS B 419 19.00 -20.40 3.40
CA LYS B 419 18.57 -21.47 2.50
C LYS B 419 18.96 -22.83 3.03
N ILE B 420 18.20 -23.84 2.63
CA ILE B 420 18.41 -25.22 3.07
C ILE B 420 18.14 -26.20 1.93
N CYS B 421 18.95 -27.26 1.88
CA CYS B 421 18.80 -28.35 0.94
C CYS B 421 19.35 -29.63 1.53
N TYR B 422 18.90 -30.76 1.00
CA TYR B 422 19.29 -32.06 1.46
C TYR B 422 20.06 -32.83 0.38
N GLN B 423 21.15 -33.49 0.80
CA GLN B 423 22.01 -34.31 -0.06
C GLN B 423 22.03 -35.69 0.58
N GLU B 424 21.10 -36.53 0.13
CA GLU B 424 20.90 -37.88 0.65
C GLU B 424 22.13 -38.81 0.52
N VAL B 425 22.95 -38.66 -0.56
CA VAL B 425 24.18 -39.45 -0.77
C VAL B 425 25.22 -39.16 0.32
N SER B 426 25.16 -37.96 0.91
CA SER B 426 26.07 -37.51 1.94
C SER B 426 25.47 -37.59 3.36
N GLN B 427 24.13 -37.79 3.46
CA GLN B 427 23.37 -37.93 4.71
C GLN B 427 23.50 -36.66 5.58
N CYS B 428 23.42 -35.49 4.93
CA CYS B 428 23.56 -34.20 5.58
C CYS B 428 22.81 -33.11 4.82
N PHE B 429 22.70 -31.93 5.45
CA PHE B 429 22.03 -30.75 4.94
C PHE B 429 23.03 -29.66 4.64
N GLY B 430 22.70 -28.88 3.63
CA GLY B 430 23.46 -27.71 3.22
C GLY B 430 22.66 -26.51 3.63
N VAL B 431 23.20 -25.69 4.55
CA VAL B 431 22.50 -24.52 5.07
C VAL B 431 23.30 -23.23 4.85
N LEU B 432 22.70 -22.23 4.20
CA LEU B 432 23.37 -20.93 4.04
C LEU B 432 23.00 -20.13 5.28
N SER B 433 23.98 -19.49 5.91
CA SER B 433 23.74 -18.68 7.11
C SER B 433 24.48 -17.36 7.00
N SER B 434 24.01 -16.36 7.75
CA SER B 434 24.59 -15.02 7.77
C SER B 434 24.73 -14.53 9.19
N ARG B 435 25.96 -14.19 9.59
CA ARG B 435 26.25 -13.65 10.91
C ARG B 435 26.70 -12.19 10.82
N ILE B 436 26.35 -11.40 11.84
CA ILE B 436 26.71 -9.98 11.88
C ILE B 436 28.01 -9.79 12.64
N GLU B 437 28.90 -8.99 12.06
CA GLU B 437 30.19 -8.67 12.65
C GLU B 437 30.40 -7.17 12.76
N VAL B 438 31.08 -6.75 13.83
CA VAL B 438 31.38 -5.36 14.14
C VAL B 438 32.88 -5.09 13.98
N GLN B 439 33.22 -3.98 13.33
CA GLN B 439 34.60 -3.57 13.14
C GLN B 439 35.12 -2.93 14.43
N ASP B 440 36.42 -3.04 14.70
CA ASP B 440 37.04 -2.45 15.88
C ASP B 440 38.18 -1.51 15.46
N THR B 441 39.22 -1.39 16.32
CA THR B 441 40.39 -0.54 16.10
C THR B 441 41.54 -1.35 15.47
N SER B 442 41.28 -2.63 15.12
CA SER B 442 42.26 -3.53 14.49
C SER B 442 42.14 -3.53 12.97
N GLY B 443 41.11 -2.86 12.47
CA GLY B 443 40.83 -2.74 11.05
C GLY B 443 40.06 -3.90 10.46
N GLY B 444 39.82 -4.93 11.26
CA GLY B 444 39.08 -6.12 10.88
C GLY B 444 37.84 -6.29 11.74
N THR B 445 36.91 -7.15 11.32
CA THR B 445 35.65 -7.38 12.06
C THR B 445 35.79 -8.51 13.10
N THR B 446 34.95 -8.47 14.16
CA THR B 446 34.88 -9.51 15.19
C THR B 446 33.43 -9.92 15.35
N ALA B 447 33.18 -11.17 15.77
CA ALA B 447 31.84 -11.69 15.99
C ALA B 447 31.29 -11.23 17.34
N LEU B 448 29.98 -10.92 17.37
CA LEU B 448 29.29 -10.46 18.58
C LEU B 448 29.14 -11.59 19.58
N ARG B 449 28.78 -12.78 19.09
CA ARG B 449 28.58 -13.97 19.90
C ARG B 449 28.98 -15.24 19.15
N PRO B 450 29.38 -16.33 19.85
CA PRO B 450 29.72 -17.57 19.14
C PRO B 450 28.47 -18.18 18.49
N SER B 451 28.50 -18.32 17.16
CA SER B 451 27.40 -18.88 16.40
C SER B 451 27.80 -20.21 15.76
N ALA B 452 26.88 -20.83 14.99
CA ALA B 452 27.11 -22.12 14.31
C ALA B 452 28.30 -22.12 13.33
N SER B 453 28.52 -21.01 12.59
CA SER B 453 29.63 -20.91 11.62
C SER B 453 31.01 -20.81 12.27
N THR B 454 31.09 -20.27 13.50
CA THR B 454 32.35 -20.12 14.25
C THR B 454 32.62 -21.30 15.19
N GLN B 455 31.60 -22.14 15.44
CA GLN B 455 31.70 -23.29 16.35
C GLN B 455 31.74 -24.64 15.61
N ALA B 456 32.01 -24.62 14.29
CA ALA B 456 32.09 -25.84 13.48
C ALA B 456 33.32 -26.67 13.85
N LEU B 457 33.28 -27.98 13.52
CA LEU B 457 34.36 -28.93 13.77
C LEU B 457 35.52 -28.60 12.84
N SER B 458 35.21 -28.36 11.56
CA SER B 458 36.20 -27.98 10.55
C SER B 458 35.68 -26.78 9.77
N SER B 459 36.60 -25.90 9.37
CA SER B 459 36.27 -24.68 8.65
C SER B 459 37.19 -24.46 7.45
N SER B 460 36.75 -23.58 6.55
CA SER B 460 37.49 -23.18 5.36
C SER B 460 37.10 -21.77 4.95
N VAL B 461 37.97 -21.11 4.18
CA VAL B 461 37.75 -19.75 3.68
C VAL B 461 37.93 -19.80 2.17
N SER B 462 37.11 -19.03 1.44
CA SER B 462 37.16 -18.94 -0.02
C SER B 462 38.48 -18.30 -0.44
N SER B 463 39.24 -19.03 -1.27
CA SER B 463 40.55 -18.59 -1.77
C SER B 463 40.47 -18.19 -3.26
N SER B 464 39.35 -17.57 -3.66
CA SER B 464 39.14 -17.12 -5.03
C SER B 464 39.83 -15.78 -5.26
N LYS B 465 40.22 -15.53 -6.52
CA LYS B 465 40.89 -14.29 -6.92
C LYS B 465 40.14 -13.62 -8.08
N LEU B 466 38.84 -13.98 -8.28
CA LEU B 466 38.02 -13.42 -9.36
C LEU B 466 37.88 -11.91 -9.29
N PHE B 467 37.78 -11.38 -8.06
CA PHE B 467 37.64 -9.95 -7.78
C PHE B 467 38.91 -9.47 -7.10
N SER B 468 39.99 -9.34 -7.89
CA SER B 468 41.32 -8.91 -7.46
C SER B 468 41.32 -7.48 -6.89
N SER B 469 40.68 -6.52 -7.61
CA SER B 469 40.62 -5.12 -7.19
C SER B 469 39.20 -4.56 -7.22
N THR B 476 35.74 -0.01 3.99
CA THR B 476 34.85 -0.26 5.13
C THR B 476 34.76 0.96 6.05
N SER B 477 33.82 0.93 7.01
CA SER B 477 33.59 2.01 7.96
C SER B 477 33.52 1.48 9.38
N PHE B 478 34.18 2.17 10.33
CA PHE B 478 34.21 1.80 11.74
C PHE B 478 32.83 1.82 12.39
N GLY B 479 32.57 0.78 13.19
CA GLY B 479 31.32 0.59 13.93
C GLY B 479 30.12 0.27 13.07
N GLU B 480 30.37 -0.22 11.83
CA GLU B 480 29.31 -0.59 10.90
C GLU B 480 29.11 -2.10 10.93
N GLU B 481 27.85 -2.53 10.87
CA GLU B 481 27.50 -3.95 10.88
C GLU B 481 27.67 -4.51 9.49
N VAL B 482 28.44 -5.59 9.39
CA VAL B 482 28.70 -6.27 8.13
C VAL B 482 28.25 -7.72 8.25
N GLU B 483 27.72 -8.27 7.17
CA GLU B 483 27.26 -9.66 7.15
C GLU B 483 28.33 -10.58 6.61
N VAL B 484 28.54 -11.69 7.32
CA VAL B 484 29.51 -12.72 6.96
C VAL B 484 28.69 -13.96 6.63
N HIS B 485 28.73 -14.36 5.34
CA HIS B 485 27.99 -15.50 4.83
C HIS B 485 28.80 -16.78 4.79
N ASN B 486 28.20 -17.88 5.26
CA ASN B 486 28.85 -19.20 5.29
C ASN B 486 27.92 -20.29 4.79
N LEU B 487 28.51 -21.38 4.31
CA LEU B 487 27.79 -22.58 3.87
C LEU B 487 28.05 -23.62 4.94
N LEU B 488 26.97 -24.04 5.63
CA LEU B 488 27.01 -25.00 6.72
C LEU B 488 26.63 -26.40 6.28
N ILE B 489 27.51 -27.37 6.56
CA ILE B 489 27.28 -28.78 6.25
C ILE B 489 26.86 -29.42 7.55
N ILE B 490 25.57 -29.62 7.70
CA ILE B 490 24.97 -30.14 8.93
C ILE B 490 24.55 -31.60 8.83
N ASP B 491 25.01 -32.43 9.79
CA ASP B 491 24.62 -33.83 9.90
C ASP B 491 23.09 -33.99 10.02
N GLN B 492 22.56 -35.12 9.55
CA GLN B 492 21.12 -35.37 9.57
C GLN B 492 20.61 -36.05 10.86
N HIS B 493 21.53 -36.63 11.66
CA HIS B 493 21.15 -37.33 12.89
C HIS B 493 21.38 -36.50 14.15
N THR B 494 22.60 -35.96 14.28
CA THR B 494 23.03 -35.17 15.43
C THR B 494 22.82 -33.67 15.21
N PHE B 495 22.69 -33.25 13.95
CA PHE B 495 22.52 -31.85 13.54
C PHE B 495 23.71 -30.98 13.98
N GLU B 496 24.91 -31.57 14.01
CA GLU B 496 26.13 -30.87 14.38
C GLU B 496 26.71 -30.31 13.11
N VAL B 497 27.21 -29.06 13.18
CA VAL B 497 27.83 -28.39 12.04
C VAL B 497 29.15 -29.09 11.77
N LEU B 498 29.19 -29.90 10.71
CA LEU B 498 30.37 -30.67 10.30
C LEU B 498 31.41 -29.81 9.60
N HIS B 499 30.96 -28.83 8.81
CA HIS B 499 31.86 -27.94 8.08
C HIS B 499 31.19 -26.58 7.83
N ALA B 500 32.00 -25.50 7.85
CA ALA B 500 31.55 -24.13 7.60
C ALA B 500 32.52 -23.48 6.62
N HIS B 501 32.06 -23.24 5.38
CA HIS B 501 32.86 -22.63 4.35
C HIS B 501 32.54 -21.15 4.26
N GLN B 502 33.51 -20.31 4.66
CA GLN B 502 33.35 -18.86 4.65
C GLN B 502 33.61 -18.30 3.26
N PHE B 503 32.64 -17.55 2.75
CA PHE B 503 32.73 -16.93 1.44
C PHE B 503 33.63 -15.68 1.49
N LEU B 504 33.80 -15.01 0.34
CA LEU B 504 34.62 -13.82 0.21
C LEU B 504 34.11 -12.64 1.04
N GLN B 505 35.00 -11.66 1.26
CA GLN B 505 34.69 -10.45 2.00
C GLN B 505 33.70 -9.67 1.14
N ASN B 506 32.57 -9.27 1.74
CA ASN B 506 31.48 -8.52 1.09
C ASN B 506 30.77 -9.36 0.02
N GLU B 507 30.62 -10.67 0.30
CA GLU B 507 29.95 -11.62 -0.58
C GLU B 507 28.76 -12.25 0.14
N TYR B 508 27.58 -12.13 -0.47
CA TYR B 508 26.33 -12.66 0.06
C TYR B 508 25.91 -13.88 -0.74
N ALA B 509 25.73 -15.03 -0.06
CA ALA B 509 25.27 -16.27 -0.70
C ALA B 509 23.75 -16.19 -0.69
N LEU B 510 23.12 -16.28 -1.87
CA LEU B 510 21.67 -16.10 -2.03
C LEU B 510 20.90 -17.38 -2.33
N SER B 511 21.40 -18.18 -3.28
CA SER B 511 20.76 -19.42 -3.71
C SER B 511 21.60 -20.64 -3.43
N LEU B 512 20.93 -21.78 -3.26
CA LEU B 512 21.57 -23.05 -2.96
C LEU B 512 20.78 -24.23 -3.53
N VAL B 513 21.52 -25.21 -4.11
CA VAL B 513 20.95 -26.41 -4.71
C VAL B 513 21.91 -27.62 -4.59
N SER B 514 21.34 -28.81 -4.49
CA SER B 514 22.08 -30.06 -4.42
C SER B 514 21.54 -30.99 -5.49
N CYS B 515 22.39 -31.35 -6.48
CA CYS B 515 22.02 -32.20 -7.62
C CYS B 515 23.26 -32.75 -8.33
N LYS B 516 23.02 -33.55 -9.38
CA LYS B 516 24.05 -34.06 -10.27
C LYS B 516 23.85 -33.35 -11.60
N LEU B 517 24.95 -32.96 -12.22
CA LEU B 517 24.93 -32.21 -13.47
C LEU B 517 25.54 -33.00 -14.62
N GLY B 518 24.77 -33.07 -15.72
CA GLY B 518 25.14 -33.78 -16.94
C GLY B 518 25.34 -35.25 -16.68
N LYS B 519 26.44 -35.79 -17.22
CA LYS B 519 26.82 -37.19 -17.05
C LYS B 519 27.74 -37.43 -15.86
N ASP B 520 27.94 -36.38 -15.03
CA ASP B 520 28.77 -36.47 -13.84
C ASP B 520 28.03 -37.25 -12.75
N PRO B 521 28.63 -38.36 -12.25
CA PRO B 521 27.95 -39.15 -11.22
C PRO B 521 28.07 -38.57 -9.80
N ASN B 522 28.85 -37.49 -9.62
CA ASN B 522 29.02 -36.86 -8.30
C ASN B 522 27.91 -35.89 -8.00
N THR B 523 27.45 -35.87 -6.74
CA THR B 523 26.40 -34.95 -6.27
C THR B 523 27.10 -33.75 -5.66
N TYR B 524 26.75 -32.56 -6.13
CA TYR B 524 27.37 -31.31 -5.68
C TYR B 524 26.47 -30.38 -4.88
N PHE B 525 27.08 -29.39 -4.21
CA PHE B 525 26.44 -28.32 -3.46
C PHE B 525 26.76 -27.06 -4.23
N ILE B 526 25.78 -26.53 -4.96
CA ILE B 526 25.96 -25.36 -5.80
C ILE B 526 25.37 -24.14 -5.14
N VAL B 527 26.20 -23.08 -5.02
CA VAL B 527 25.85 -21.81 -4.37
C VAL B 527 25.97 -20.62 -5.34
N GLY B 528 24.91 -19.80 -5.36
CA GLY B 528 24.84 -18.57 -6.12
C GLY B 528 25.08 -17.41 -5.18
N THR B 529 26.10 -16.60 -5.48
CA THR B 529 26.49 -15.47 -4.62
C THR B 529 26.26 -14.11 -5.29
N ALA B 530 26.57 -13.02 -4.56
CA ALA B 530 26.47 -11.63 -5.01
C ALA B 530 27.40 -10.76 -4.19
N MET B 531 28.09 -9.84 -4.85
CA MET B 531 29.02 -8.92 -4.21
C MET B 531 28.31 -7.68 -3.71
N VAL B 532 28.36 -7.45 -2.39
CA VAL B 532 27.71 -6.32 -1.73
C VAL B 532 28.77 -5.40 -1.12
N TYR B 533 29.25 -4.44 -1.91
CA TYR B 533 30.26 -3.50 -1.41
C TYR B 533 29.58 -2.31 -0.73
N PRO B 534 30.20 -1.72 0.33
CA PRO B 534 29.60 -0.56 0.98
C PRO B 534 29.50 0.68 0.08
N GLU B 535 30.29 0.74 -1.02
CA GLU B 535 30.31 1.87 -1.96
C GLU B 535 29.05 1.94 -2.83
N GLU B 536 28.75 0.86 -3.57
CA GLU B 536 27.61 0.75 -4.47
C GLU B 536 26.44 -0.03 -3.86
N ALA B 537 25.20 0.37 -4.19
CA ALA B 537 23.98 -0.28 -3.71
C ALA B 537 23.52 -1.42 -4.64
N GLU B 538 23.75 -1.27 -5.97
CA GLU B 538 23.36 -2.23 -7.00
C GLU B 538 24.29 -3.45 -7.06
N PRO B 539 23.74 -4.70 -7.15
CA PRO B 539 24.63 -5.87 -7.26
C PRO B 539 25.09 -6.03 -8.71
N LYS B 540 26.34 -5.65 -8.99
CA LYS B 540 26.89 -5.67 -10.36
C LYS B 540 27.64 -6.95 -10.75
N GLN B 541 27.99 -7.80 -9.76
CA GLN B 541 28.74 -9.04 -10.01
C GLN B 541 28.51 -10.08 -8.94
N GLY B 542 28.64 -11.33 -9.33
CA GLY B 542 28.49 -12.46 -8.44
C GLY B 542 29.23 -13.67 -8.94
N ARG B 543 28.94 -14.82 -8.35
CA ARG B 543 29.55 -16.10 -8.71
C ARG B 543 28.57 -17.24 -8.56
N ILE B 544 28.89 -18.37 -9.22
CA ILE B 544 28.16 -19.63 -9.13
C ILE B 544 29.25 -20.63 -8.81
N VAL B 545 29.33 -21.00 -7.53
CA VAL B 545 30.36 -21.89 -7.01
C VAL B 545 29.83 -23.33 -6.85
N VAL B 546 30.65 -24.30 -7.28
CA VAL B 546 30.33 -25.74 -7.21
C VAL B 546 31.21 -26.40 -6.15
N PHE B 547 30.57 -26.92 -5.09
CA PHE B 547 31.26 -27.60 -3.99
C PHE B 547 30.92 -29.07 -3.97
N GLN B 548 31.77 -29.88 -3.35
CA GLN B 548 31.53 -31.31 -3.19
C GLN B 548 32.02 -31.74 -1.82
N TYR B 549 31.10 -32.27 -1.02
CA TYR B 549 31.42 -32.77 0.31
C TYR B 549 31.57 -34.28 0.17
N SER B 550 32.78 -34.70 -0.26
CA SER B 550 33.12 -36.09 -0.51
C SER B 550 33.03 -37.00 0.71
N ASP B 551 33.88 -36.75 1.73
CA ASP B 551 33.94 -37.56 2.95
C ASP B 551 34.58 -36.79 4.10
N GLY B 552 33.79 -35.97 4.78
CA GLY B 552 34.26 -35.20 5.93
C GLY B 552 34.89 -33.87 5.60
N LYS B 553 35.14 -33.61 4.30
CA LYS B 553 35.74 -32.35 3.85
C LYS B 553 35.06 -31.80 2.59
N LEU B 554 35.02 -30.47 2.48
CA LEU B 554 34.44 -29.77 1.34
C LEU B 554 35.54 -29.34 0.38
N GLN B 555 35.27 -29.44 -0.92
CA GLN B 555 36.22 -29.06 -1.98
C GLN B 555 35.57 -28.20 -3.03
N THR B 556 36.27 -27.14 -3.47
CA THR B 556 35.79 -26.25 -4.52
C THR B 556 36.13 -26.91 -5.87
N VAL B 557 35.09 -27.18 -6.66
CA VAL B 557 35.22 -27.84 -7.96
C VAL B 557 35.38 -26.80 -9.05
N ALA B 558 34.43 -25.87 -9.18
CA ALA B 558 34.43 -24.83 -10.20
C ALA B 558 33.70 -23.58 -9.75
N GLU B 559 33.95 -22.48 -10.46
CA GLU B 559 33.32 -21.20 -10.23
C GLU B 559 33.12 -20.47 -11.54
N LYS B 560 31.94 -19.88 -11.69
CA LYS B 560 31.57 -19.13 -12.88
C LYS B 560 31.15 -17.73 -12.49
N GLU B 561 31.88 -16.73 -13.03
CA GLU B 561 31.62 -15.33 -12.76
C GLU B 561 30.39 -14.88 -13.54
N VAL B 562 29.51 -14.13 -12.87
CA VAL B 562 28.28 -13.58 -13.43
C VAL B 562 28.29 -12.06 -13.28
N LYS B 563 27.44 -11.38 -14.06
CA LYS B 563 27.32 -9.92 -14.04
C LYS B 563 26.08 -9.51 -13.26
N GLY B 564 25.93 -10.05 -12.05
CA GLY B 564 24.81 -9.75 -11.19
C GLY B 564 24.65 -10.66 -9.99
N ALA B 565 23.46 -10.64 -9.40
CA ALA B 565 23.12 -11.42 -8.23
C ALA B 565 22.37 -12.68 -8.66
N VAL B 566 22.84 -13.84 -8.19
CA VAL B 566 22.22 -15.13 -8.51
C VAL B 566 21.09 -15.37 -7.50
N TYR B 567 19.88 -14.90 -7.84
CA TYR B 567 18.70 -15.00 -6.98
C TYR B 567 18.19 -16.41 -6.81
N SER B 568 17.68 -17.04 -7.88
CA SER B 568 17.14 -18.39 -7.84
C SER B 568 17.99 -19.32 -8.67
N MET B 569 18.03 -20.59 -8.28
CA MET B 569 18.84 -21.62 -8.90
C MET B 569 18.16 -22.99 -8.70
N VAL B 570 17.75 -23.63 -9.81
CA VAL B 570 17.04 -24.90 -9.81
C VAL B 570 17.67 -25.85 -10.85
N GLU B 571 17.68 -27.15 -10.53
CA GLU B 571 18.19 -28.19 -11.42
C GLU B 571 17.17 -28.41 -12.53
N PHE B 572 17.67 -28.58 -13.75
CA PHE B 572 16.84 -28.73 -14.93
C PHE B 572 17.37 -29.75 -15.92
N ASN B 573 16.86 -31.00 -15.86
CA ASN B 573 17.23 -32.11 -16.75
C ASN B 573 18.76 -32.29 -16.86
N GLY B 574 19.41 -32.36 -15.70
CA GLY B 574 20.86 -32.49 -15.59
C GLY B 574 21.62 -31.23 -15.92
N LYS B 575 20.91 -30.08 -15.93
CA LYS B 575 21.51 -28.78 -16.22
C LYS B 575 21.25 -27.82 -15.05
N LEU B 576 21.95 -26.69 -15.04
CA LEU B 576 21.80 -25.68 -13.99
C LEU B 576 21.06 -24.43 -14.49
N LEU B 577 19.80 -24.30 -14.08
CA LEU B 577 18.98 -23.15 -14.44
C LEU B 577 19.14 -22.12 -13.33
N ALA B 578 19.58 -20.91 -13.69
CA ALA B 578 19.81 -19.84 -12.72
C ALA B 578 19.23 -18.50 -13.16
N SER B 579 18.83 -17.66 -12.20
CA SER B 579 18.32 -16.33 -12.47
C SER B 579 19.34 -15.31 -11.97
N ILE B 580 19.81 -14.45 -12.87
CA ILE B 580 20.82 -13.44 -12.60
C ILE B 580 20.17 -12.11 -12.90
N ASN B 581 19.78 -11.38 -11.85
CA ASN B 581 19.09 -10.09 -11.91
C ASN B 581 17.81 -10.23 -12.74
N SER B 582 17.80 -9.70 -13.97
CA SER B 582 16.66 -9.75 -14.89
C SER B 582 16.83 -10.83 -15.99
N THR B 583 17.84 -11.70 -15.87
CA THR B 583 18.12 -12.75 -16.83
C THR B 583 17.90 -14.16 -16.26
N VAL B 584 17.19 -15.01 -17.02
CA VAL B 584 16.98 -16.42 -16.66
C VAL B 584 17.90 -17.17 -17.61
N ARG B 585 18.96 -17.75 -17.06
CA ARG B 585 20.02 -18.42 -17.81
C ARG B 585 20.11 -19.93 -17.55
N LEU B 586 20.41 -20.68 -18.61
CA LEU B 586 20.63 -22.13 -18.55
C LEU B 586 22.12 -22.43 -18.74
N TYR B 587 22.67 -23.28 -17.88
CA TYR B 587 24.07 -23.68 -17.91
C TYR B 587 24.20 -25.17 -18.18
N GLU B 588 25.27 -25.56 -18.87
CA GLU B 588 25.59 -26.96 -19.16
C GLU B 588 26.89 -27.30 -18.44
N TRP B 589 26.96 -28.52 -17.92
CA TRP B 589 28.13 -29.00 -17.20
C TRP B 589 28.97 -29.81 -18.17
N THR B 590 30.06 -29.19 -18.64
CA THR B 590 30.99 -29.78 -19.60
C THR B 590 31.78 -30.96 -19.02
N THR B 591 32.54 -31.65 -19.89
CA THR B 591 33.40 -32.78 -19.54
C THR B 591 34.57 -32.28 -18.70
N GLU B 592 35.00 -31.03 -18.91
CA GLU B 592 36.07 -30.37 -18.15
C GLU B 592 35.59 -29.90 -16.77
N LYS B 593 34.29 -30.13 -16.46
CA LYS B 593 33.64 -29.79 -15.21
C LYS B 593 33.51 -28.27 -15.04
N GLU B 594 33.06 -27.60 -16.11
CA GLU B 594 32.85 -26.16 -16.12
C GLU B 594 31.42 -25.89 -16.55
N LEU B 595 30.94 -24.68 -16.27
CA LEU B 595 29.60 -24.27 -16.65
C LEU B 595 29.67 -23.48 -17.95
N ARG B 596 28.83 -23.85 -18.91
CA ARG B 596 28.79 -23.17 -20.20
C ARG B 596 27.36 -22.73 -20.48
N THR B 597 27.17 -21.45 -20.81
CA THR B 597 25.85 -20.88 -21.12
C THR B 597 25.26 -21.53 -22.37
N GLU B 598 23.97 -21.87 -22.30
CA GLU B 598 23.26 -22.45 -23.42
C GLU B 598 22.29 -21.44 -24.04
N CYS B 599 21.41 -20.86 -23.22
CA CYS B 599 20.40 -19.89 -23.65
C CYS B 599 20.04 -18.90 -22.56
N ASN B 600 19.45 -17.77 -22.97
CA ASN B 600 19.06 -16.71 -22.05
C ASN B 600 17.65 -16.19 -22.33
N HIS B 601 17.03 -15.58 -21.31
CA HIS B 601 15.73 -14.93 -21.36
C HIS B 601 15.89 -13.62 -20.60
N TYR B 602 15.67 -12.49 -21.29
CA TYR B 602 15.89 -11.14 -20.74
C TYR B 602 14.64 -10.36 -20.37
N ASN B 603 13.45 -10.82 -20.78
CA ASN B 603 12.20 -10.11 -20.50
C ASN B 603 11.67 -10.35 -19.09
N ASN B 604 12.43 -9.86 -18.10
CA ASN B 604 12.10 -9.93 -16.67
C ASN B 604 12.58 -8.63 -16.01
N ILE B 605 12.09 -8.39 -14.79
CA ILE B 605 12.44 -7.21 -13.99
C ILE B 605 13.37 -7.69 -12.89
N MET B 606 12.87 -8.57 -12.00
CA MET B 606 13.63 -9.15 -10.90
C MET B 606 13.19 -10.59 -10.76
N ALA B 607 13.86 -11.49 -11.51
CA ALA B 607 13.57 -12.92 -11.50
C ALA B 607 14.10 -13.53 -10.20
N LEU B 608 13.26 -13.57 -9.17
CA LEU B 608 13.66 -14.08 -7.85
C LEU B 608 13.25 -15.51 -7.62
N TYR B 609 12.15 -15.95 -8.27
CA TYR B 609 11.59 -17.29 -8.06
C TYR B 609 11.52 -18.13 -9.31
N LEU B 610 12.01 -19.37 -9.24
CA LEU B 610 11.98 -20.31 -10.35
C LEU B 610 11.49 -21.66 -9.89
N LYS B 611 10.65 -22.31 -10.72
CA LYS B 611 10.08 -23.64 -10.48
C LYS B 611 9.97 -24.33 -11.82
N THR B 612 10.32 -25.62 -11.89
CA THR B 612 10.29 -26.37 -13.15
C THR B 612 9.55 -27.70 -13.06
N LYS B 613 8.92 -28.10 -14.17
CA LYS B 613 8.22 -29.37 -14.31
C LYS B 613 8.36 -29.79 -15.76
N GLY B 614 9.25 -30.76 -15.99
CA GLY B 614 9.57 -31.27 -17.32
C GLY B 614 10.37 -30.26 -18.10
N ASP B 615 9.80 -29.77 -19.22
CA ASP B 615 10.44 -28.76 -20.08
C ASP B 615 9.90 -27.35 -19.85
N PHE B 616 8.96 -27.22 -18.90
CA PHE B 616 8.36 -25.94 -18.55
C PHE B 616 9.00 -25.32 -17.33
N ILE B 617 9.10 -24.00 -17.35
CA ILE B 617 9.69 -23.20 -16.28
C ILE B 617 8.73 -22.09 -15.89
N LEU B 618 8.37 -22.03 -14.60
CA LEU B 618 7.53 -20.98 -14.04
C LEU B 618 8.45 -19.95 -13.40
N VAL B 619 8.50 -18.77 -14.01
CA VAL B 619 9.32 -17.64 -13.57
C VAL B 619 8.44 -16.71 -12.75
N GLY B 620 8.87 -16.45 -11.54
CA GLY B 620 8.22 -15.54 -10.60
C GLY B 620 9.04 -14.27 -10.52
N ASP B 621 8.41 -13.13 -10.80
CA ASP B 621 9.05 -11.82 -10.78
C ASP B 621 8.55 -11.03 -9.57
N LEU B 622 9.45 -10.31 -8.89
CA LEU B 622 9.09 -9.51 -7.70
C LEU B 622 8.05 -8.41 -7.97
N MET B 623 8.02 -7.86 -9.18
CA MET B 623 7.13 -6.75 -9.53
C MET B 623 6.24 -7.04 -10.74
N ARG B 624 6.70 -7.92 -11.65
CA ARG B 624 5.98 -8.21 -12.88
C ARG B 624 5.32 -9.60 -12.93
N SER B 625 4.52 -9.92 -11.89
CA SER B 625 3.74 -11.16 -11.78
C SER B 625 4.56 -12.43 -12.11
N VAL B 626 3.95 -13.38 -12.81
CA VAL B 626 4.55 -14.66 -13.20
C VAL B 626 4.60 -14.82 -14.73
N LEU B 627 5.50 -15.68 -15.20
CA LEU B 627 5.69 -15.94 -16.63
C LEU B 627 6.09 -17.40 -16.85
N LEU B 628 5.60 -17.98 -17.94
CA LEU B 628 5.89 -19.37 -18.28
C LEU B 628 6.82 -19.52 -19.50
N LEU B 629 8.01 -20.09 -19.27
CA LEU B 629 8.98 -20.36 -20.32
C LEU B 629 8.96 -21.84 -20.64
N ALA B 630 9.26 -22.20 -21.88
CA ALA B 630 9.37 -23.59 -22.31
C ALA B 630 10.70 -23.76 -22.98
N TYR B 631 11.47 -24.75 -22.54
CA TYR B 631 12.78 -25.03 -23.13
C TYR B 631 12.60 -25.96 -24.30
N LYS B 632 13.13 -25.57 -25.46
CA LYS B 632 13.04 -26.35 -26.69
C LYS B 632 14.29 -27.20 -26.85
N PRO B 633 14.19 -28.56 -26.71
CA PRO B 633 15.41 -29.40 -26.80
C PRO B 633 16.07 -29.42 -28.17
N MET B 634 15.30 -29.28 -29.26
CA MET B 634 15.83 -29.27 -30.63
C MET B 634 16.58 -27.99 -30.95
N GLU B 635 15.96 -26.84 -30.62
CA GLU B 635 16.49 -25.50 -30.86
C GLU B 635 17.56 -25.11 -29.84
N GLY B 636 17.36 -25.54 -28.60
CA GLY B 636 18.27 -25.29 -27.48
C GLY B 636 18.12 -23.88 -26.94
N ASN B 637 16.86 -23.42 -26.80
CA ASN B 637 16.54 -22.09 -26.29
C ASN B 637 15.17 -22.07 -25.61
N PHE B 638 14.85 -20.95 -24.92
CA PHE B 638 13.57 -20.79 -24.26
C PHE B 638 12.54 -20.19 -25.20
N GLU B 639 11.26 -20.33 -24.84
CA GLU B 639 10.14 -19.78 -25.58
C GLU B 639 9.11 -19.29 -24.58
N GLU B 640 8.72 -18.02 -24.73
CA GLU B 640 7.74 -17.36 -23.88
C GLU B 640 6.36 -17.87 -24.26
N ILE B 641 5.84 -18.82 -23.47
CA ILE B 641 4.54 -19.43 -23.73
C ILE B 641 3.42 -18.51 -23.35
N ALA B 642 3.30 -18.23 -22.06
CA ALA B 642 2.21 -17.42 -21.54
C ALA B 642 2.69 -16.47 -20.45
N ARG B 643 1.86 -15.47 -20.15
CA ARG B 643 2.15 -14.47 -19.13
C ARG B 643 0.90 -14.13 -18.34
N ASP B 644 1.08 -13.76 -17.07
CA ASP B 644 -0.01 -13.32 -16.22
C ASP B 644 0.03 -11.80 -16.29
N PHE B 645 -0.90 -11.22 -17.06
CA PHE B 645 -0.98 -9.80 -17.34
C PHE B 645 -1.42 -8.94 -16.15
N ASN B 646 -2.02 -9.54 -15.10
CA ASN B 646 -2.44 -8.78 -13.92
C ASN B 646 -1.21 -8.36 -13.13
N PRO B 647 -1.14 -7.09 -12.67
CA PRO B 647 0.05 -6.66 -11.92
C PRO B 647 0.07 -7.28 -10.52
N ASN B 648 1.15 -8.00 -10.20
CA ASN B 648 1.31 -8.64 -8.91
C ASN B 648 2.73 -8.57 -8.42
N TRP B 649 2.90 -8.26 -7.12
CA TRP B 649 4.21 -8.22 -6.50
C TRP B 649 4.32 -9.54 -5.77
N MET B 650 5.04 -10.47 -6.40
CA MET B 650 5.20 -11.84 -5.94
C MET B 650 6.08 -12.03 -4.71
N SER B 651 5.80 -13.10 -3.95
CA SER B 651 6.55 -13.51 -2.77
C SER B 651 7.02 -14.95 -2.92
N ALA B 652 6.19 -15.80 -3.54
CA ALA B 652 6.52 -17.22 -3.77
C ALA B 652 5.62 -17.80 -4.83
N VAL B 653 6.15 -18.76 -5.58
CA VAL B 653 5.44 -19.44 -6.66
C VAL B 653 5.56 -20.94 -6.50
N GLU B 654 4.68 -21.67 -7.20
CA GLU B 654 4.68 -23.14 -7.23
C GLU B 654 3.94 -23.63 -8.46
N ILE B 655 4.41 -24.74 -9.03
CA ILE B 655 3.75 -25.38 -10.17
C ILE B 655 2.82 -26.44 -9.61
N LEU B 656 1.52 -26.31 -9.89
CA LEU B 656 0.52 -27.28 -9.45
C LEU B 656 0.54 -28.47 -10.39
N ASP B 657 0.32 -28.22 -11.70
CA ASP B 657 0.38 -29.21 -12.75
C ASP B 657 0.88 -28.51 -14.02
N ASP B 658 0.87 -29.21 -15.17
CA ASP B 658 1.31 -28.69 -16.45
C ASP B 658 0.58 -27.43 -16.92
N ASP B 659 -0.67 -27.20 -16.46
CA ASP B 659 -1.49 -26.07 -16.90
C ASP B 659 -1.83 -25.03 -15.82
N ASN B 660 -1.79 -25.41 -14.52
CA ASN B 660 -2.12 -24.52 -13.41
C ASN B 660 -0.89 -24.16 -12.59
N PHE B 661 -0.82 -22.90 -12.15
CA PHE B 661 0.30 -22.37 -11.39
C PHE B 661 -0.19 -21.60 -10.19
N LEU B 662 0.46 -21.83 -9.05
CA LEU B 662 0.13 -21.20 -7.78
C LEU B 662 1.07 -20.02 -7.46
N GLY B 663 0.47 -18.94 -6.98
CA GLY B 663 1.21 -17.73 -6.61
C GLY B 663 0.81 -17.11 -5.30
N ALA B 664 1.75 -16.40 -4.66
CA ALA B 664 1.52 -15.69 -3.40
C ALA B 664 2.06 -14.27 -3.53
N GLU B 665 1.18 -13.28 -3.37
CA GLU B 665 1.56 -11.87 -3.51
C GLU B 665 1.81 -11.15 -2.17
N ASN B 666 2.21 -9.87 -2.25
CA ASN B 666 2.52 -8.99 -1.13
C ASN B 666 1.30 -8.54 -0.30
N ALA B 667 0.09 -8.65 -0.86
CA ALA B 667 -1.15 -8.25 -0.17
C ALA B 667 -1.77 -9.45 0.58
N PHE B 668 -0.95 -10.45 0.94
CA PHE B 668 -1.34 -11.65 1.68
C PHE B 668 -2.44 -12.45 0.98
N ASN B 669 -2.31 -12.58 -0.35
CA ASN B 669 -3.28 -13.30 -1.16
C ASN B 669 -2.65 -14.44 -1.93
N LEU B 670 -3.48 -15.38 -2.36
CA LEU B 670 -3.09 -16.52 -3.17
C LEU B 670 -3.89 -16.47 -4.44
N PHE B 671 -3.28 -16.89 -5.54
CA PHE B 671 -3.96 -16.93 -6.81
C PHE B 671 -3.47 -18.09 -7.66
N VAL B 672 -4.32 -18.55 -8.57
CA VAL B 672 -4.03 -19.64 -9.49
C VAL B 672 -4.41 -19.20 -10.90
N CYS B 673 -3.41 -19.12 -11.78
CA CYS B 673 -3.60 -18.78 -13.18
C CYS B 673 -3.31 -19.98 -14.04
N GLN B 674 -4.06 -20.13 -15.14
CA GLN B 674 -3.94 -21.26 -16.04
C GLN B 674 -3.91 -20.88 -17.52
N LYS B 675 -3.55 -21.86 -18.38
CA LYS B 675 -3.52 -21.70 -19.83
C LYS B 675 -4.96 -21.72 -20.31
N ASP B 676 -5.33 -20.74 -21.14
CA ASP B 676 -6.67 -20.63 -21.67
C ASP B 676 -6.96 -21.77 -22.64
N SER B 677 -7.89 -22.66 -22.25
CA SER B 677 -8.27 -23.81 -23.06
C SER B 677 -9.15 -23.43 -24.26
N ALA B 678 -9.93 -22.33 -24.15
CA ALA B 678 -10.82 -21.85 -25.20
C ALA B 678 -10.14 -20.82 -26.13
N ALA B 679 -8.81 -20.68 -26.03
CA ALA B 679 -8.04 -19.76 -26.86
C ALA B 679 -7.85 -20.35 -28.28
N THR B 680 -8.02 -19.51 -29.31
CA THR B 680 -7.93 -19.91 -30.72
C THR B 680 -6.72 -19.29 -31.44
N THR B 681 -6.49 -17.98 -31.22
CA THR B 681 -5.36 -17.25 -31.79
C THR B 681 -4.17 -17.32 -30.83
N ASP B 682 -2.95 -17.20 -31.37
CA ASP B 682 -1.73 -17.25 -30.56
C ASP B 682 -1.61 -16.16 -29.49
N GLU B 683 -2.24 -14.99 -29.70
CA GLU B 683 -2.22 -13.90 -28.71
C GLU B 683 -3.02 -14.30 -27.48
N GLU B 684 -4.11 -15.06 -27.67
CA GLU B 684 -4.94 -15.57 -26.58
C GLU B 684 -4.26 -16.78 -25.92
N ARG B 685 -3.31 -17.42 -26.62
CA ARG B 685 -2.52 -18.55 -26.09
C ARG B 685 -1.53 -18.06 -25.04
N GLN B 686 -1.17 -16.76 -25.11
CA GLN B 686 -0.20 -16.10 -24.22
C GLN B 686 -0.81 -15.44 -22.97
N HIS B 687 -2.14 -15.52 -22.79
CA HIS B 687 -2.80 -14.93 -21.63
C HIS B 687 -3.13 -15.95 -20.55
N LEU B 688 -2.49 -15.81 -19.38
CA LEU B 688 -2.76 -16.67 -18.24
C LEU B 688 -3.92 -16.05 -17.51
N GLN B 689 -5.08 -16.72 -17.53
CA GLN B 689 -6.29 -16.23 -16.88
C GLN B 689 -6.31 -16.71 -15.45
N GLU B 690 -6.48 -15.78 -14.49
CA GLU B 690 -6.54 -16.09 -13.06
C GLU B 690 -7.90 -16.68 -12.74
N VAL B 691 -7.92 -17.97 -12.41
CA VAL B 691 -9.15 -18.71 -12.12
C VAL B 691 -9.41 -18.88 -10.62
N GLY B 692 -8.37 -18.74 -9.81
CA GLY B 692 -8.44 -18.87 -8.36
C GLY B 692 -7.95 -17.62 -7.64
N LEU B 693 -8.75 -17.14 -6.68
CA LEU B 693 -8.46 -15.96 -5.86
C LEU B 693 -8.86 -16.23 -4.43
N PHE B 694 -7.93 -15.95 -3.50
CA PHE B 694 -8.14 -16.20 -2.08
C PHE B 694 -7.27 -15.32 -1.20
N HIS B 695 -7.83 -14.81 -0.10
CA HIS B 695 -7.09 -14.01 0.86
C HIS B 695 -6.67 -14.93 1.99
N LEU B 696 -5.37 -15.21 2.07
CA LEU B 696 -4.84 -16.11 3.10
C LEU B 696 -4.60 -15.43 4.45
N GLY B 697 -4.15 -14.18 4.42
CA GLY B 697 -3.87 -13.40 5.61
C GLY B 697 -2.44 -13.55 6.09
N GLU B 698 -1.63 -14.35 5.37
CA GLU B 698 -0.24 -14.63 5.68
C GLU B 698 0.65 -14.20 4.51
N PHE B 699 1.97 -14.19 4.72
CA PHE B 699 2.95 -13.85 3.71
C PHE B 699 3.83 -15.06 3.46
N VAL B 700 3.55 -15.80 2.38
CA VAL B 700 4.25 -17.04 2.00
C VAL B 700 5.64 -16.77 1.44
N ASN B 701 6.66 -17.42 2.02
CA ASN B 701 8.06 -17.32 1.60
C ASN B 701 8.52 -18.53 0.81
N VAL B 702 7.83 -19.68 0.99
CA VAL B 702 8.25 -20.93 0.37
C VAL B 702 7.11 -21.94 0.15
N PHE B 703 7.12 -22.59 -1.01
CA PHE B 703 6.19 -23.66 -1.36
C PHE B 703 7.01 -24.95 -1.46
N CYS B 704 6.40 -26.07 -1.10
CA CYS B 704 7.03 -27.39 -1.10
C CYS B 704 6.08 -28.46 -1.56
N HIS B 705 6.53 -29.37 -2.42
CA HIS B 705 5.71 -30.50 -2.84
C HIS B 705 5.99 -31.57 -1.82
N GLY B 706 5.01 -31.84 -0.97
CA GLY B 706 5.16 -32.83 0.08
C GLY B 706 3.96 -32.98 0.99
N SER B 707 4.08 -33.90 1.95
CA SER B 707 3.05 -34.21 2.93
C SER B 707 3.71 -34.86 4.15
N LEU B 708 3.22 -34.53 5.35
CA LEU B 708 3.73 -35.04 6.62
C LEU B 708 3.04 -36.34 7.05
N VAL B 709 2.16 -36.87 6.19
CA VAL B 709 1.45 -38.10 6.48
C VAL B 709 1.98 -39.24 5.59
N MET B 710 1.99 -40.48 6.15
CA MET B 710 2.41 -41.70 5.47
C MET B 710 1.62 -41.93 4.18
N GLN B 711 2.31 -42.38 3.12
CA GLN B 711 1.73 -42.70 1.82
C GLN B 711 2.15 -44.10 1.38
N PRO B 719 -8.04 -39.61 -1.57
CA PRO B 719 -9.32 -38.99 -1.92
C PRO B 719 -9.21 -38.13 -3.17
N THR B 720 -8.44 -37.03 -3.09
CA THR B 720 -8.21 -36.08 -4.17
C THR B 720 -6.71 -35.74 -4.26
N GLN B 721 -6.18 -35.66 -5.48
CA GLN B 721 -4.78 -35.35 -5.78
C GLN B 721 -4.34 -33.94 -5.33
N GLY B 722 -3.01 -33.77 -5.28
CA GLY B 722 -2.36 -32.53 -4.89
C GLY B 722 -2.02 -32.47 -3.42
N SER B 723 -0.82 -31.93 -3.10
CA SER B 723 -0.29 -31.75 -1.76
C SER B 723 0.91 -30.80 -1.79
N VAL B 724 0.66 -29.52 -1.48
CA VAL B 724 1.68 -28.47 -1.48
C VAL B 724 1.73 -27.79 -0.11
N LEU B 725 2.86 -27.95 0.59
CA LEU B 725 3.11 -27.33 1.90
C LEU B 725 3.69 -25.95 1.68
N PHE B 726 3.46 -25.04 2.62
CA PHE B 726 3.98 -23.67 2.56
C PHE B 726 4.23 -23.11 3.96
N GLY B 727 5.33 -22.37 4.08
CA GLY B 727 5.78 -21.71 5.30
C GLY B 727 5.59 -20.22 5.22
N THR B 728 5.11 -19.59 6.31
CA THR B 728 4.84 -18.16 6.36
C THR B 728 5.75 -17.42 7.36
N VAL B 729 5.67 -16.06 7.36
CA VAL B 729 6.44 -15.19 8.26
C VAL B 729 6.00 -15.39 9.72
N ASN B 730 4.71 -15.62 9.94
CA ASN B 730 4.17 -15.82 11.28
C ASN B 730 4.37 -17.24 11.86
N GLY B 731 5.04 -18.11 11.11
CA GLY B 731 5.31 -19.48 11.51
C GLY B 731 4.18 -20.46 11.21
N MET B 732 3.16 -19.98 10.46
CA MET B 732 2.02 -20.79 10.05
C MET B 732 2.44 -21.71 8.91
N ILE B 733 2.03 -22.97 8.98
CA ILE B 733 2.30 -24.00 7.99
C ILE B 733 0.96 -24.51 7.50
N GLY B 734 0.74 -24.39 6.19
CA GLY B 734 -0.50 -24.84 5.57
C GLY B 734 -0.31 -25.81 4.44
N LEU B 735 -1.44 -26.29 3.91
CA LEU B 735 -1.47 -27.23 2.79
C LEU B 735 -2.40 -26.75 1.69
N VAL B 736 -2.04 -27.04 0.45
CA VAL B 736 -2.84 -26.71 -0.73
C VAL B 736 -3.04 -28.00 -1.50
N THR B 737 -4.30 -28.44 -1.61
CA THR B 737 -4.62 -29.68 -2.31
C THR B 737 -5.63 -29.37 -3.40
N SER B 738 -5.49 -30.01 -4.57
CA SER B 738 -6.42 -29.82 -5.68
C SER B 738 -7.69 -30.61 -5.45
N LEU B 739 -8.84 -30.02 -5.82
CA LEU B 739 -10.17 -30.61 -5.69
C LEU B 739 -10.80 -30.81 -7.05
N SER B 740 -11.75 -31.74 -7.13
CA SER B 740 -12.50 -31.99 -8.35
C SER B 740 -13.61 -30.94 -8.42
N GLU B 741 -14.17 -30.70 -9.61
CA GLU B 741 -15.26 -29.74 -9.82
C GLU B 741 -16.52 -30.14 -9.05
N SER B 742 -16.77 -31.46 -8.89
CA SER B 742 -17.90 -31.98 -8.14
C SER B 742 -17.68 -31.75 -6.65
N TRP B 743 -16.47 -32.06 -6.13
CA TRP B 743 -16.10 -31.87 -4.73
C TRP B 743 -16.08 -30.42 -4.33
N TYR B 744 -15.66 -29.54 -5.26
CA TYR B 744 -15.63 -28.10 -5.04
C TYR B 744 -17.03 -27.54 -4.88
N ASN B 745 -17.98 -27.89 -5.79
CA ASN B 745 -19.37 -27.42 -5.74
C ASN B 745 -20.09 -27.89 -4.48
N LEU B 746 -19.69 -29.05 -3.96
CA LEU B 746 -20.23 -29.62 -2.73
C LEU B 746 -19.70 -28.83 -1.54
N LEU B 747 -18.36 -28.65 -1.48
CA LEU B 747 -17.69 -27.94 -0.39
C LEU B 747 -18.01 -26.45 -0.37
N LEU B 748 -18.32 -25.85 -1.54
CA LEU B 748 -18.68 -24.43 -1.66
C LEU B 748 -20.04 -24.19 -1.04
N ASP B 749 -21.02 -25.10 -1.31
CA ASP B 749 -22.35 -25.00 -0.75
C ASP B 749 -22.34 -25.27 0.75
N MET B 750 -21.48 -26.22 1.20
CA MET B 750 -21.31 -26.55 2.62
C MET B 750 -20.64 -25.40 3.36
N GLN B 751 -19.71 -24.67 2.67
CA GLN B 751 -19.01 -23.50 3.21
C GLN B 751 -19.98 -22.34 3.39
N ASN B 752 -20.86 -22.10 2.40
CA ASN B 752 -21.88 -21.04 2.44
C ASN B 752 -22.96 -21.35 3.48
N ARG B 753 -23.27 -22.64 3.69
CA ARG B 753 -24.24 -23.09 4.69
C ARG B 753 -23.64 -23.04 6.09
N LEU B 754 -22.31 -23.21 6.22
CA LEU B 754 -21.60 -23.16 7.50
C LEU B 754 -21.52 -21.76 8.07
N ASN B 755 -21.48 -20.73 7.19
CA ASN B 755 -21.42 -19.33 7.62
C ASN B 755 -22.76 -18.82 8.16
N LYS B 756 -23.86 -19.53 7.85
CA LYS B 756 -25.19 -19.17 8.31
C LYS B 756 -25.48 -19.75 9.70
N VAL B 757 -24.59 -20.63 10.20
CA VAL B 757 -24.71 -21.30 11.50
C VAL B 757 -23.57 -20.89 12.44
N ILE B 758 -22.34 -20.79 11.91
CA ILE B 758 -21.17 -20.37 12.65
C ILE B 758 -21.09 -18.85 12.56
N LYS B 759 -21.10 -18.20 13.72
CA LYS B 759 -21.07 -16.74 13.80
C LYS B 759 -19.65 -16.20 13.88
N SER B 760 -19.52 -14.88 13.68
CA SER B 760 -18.23 -14.20 13.70
C SER B 760 -18.19 -13.15 14.79
N VAL B 761 -17.06 -13.12 15.53
CA VAL B 761 -16.82 -12.14 16.58
C VAL B 761 -16.49 -10.85 15.85
N GLY B 762 -17.29 -9.83 16.10
CA GLY B 762 -17.12 -8.52 15.47
C GLY B 762 -18.02 -8.35 14.25
N LYS B 763 -18.84 -9.37 13.96
CA LYS B 763 -19.79 -9.40 12.84
C LYS B 763 -19.13 -9.09 11.49
N ILE B 764 -18.06 -9.83 11.18
CA ILE B 764 -17.30 -9.67 9.94
C ILE B 764 -17.68 -10.83 9.05
N GLU B 765 -18.19 -10.51 7.86
CA GLU B 765 -18.60 -11.51 6.87
C GLU B 765 -17.39 -12.31 6.39
N HIS B 766 -17.51 -13.65 6.41
CA HIS B 766 -16.44 -14.54 5.97
C HIS B 766 -16.13 -14.32 4.50
N SER B 767 -17.18 -14.11 3.66
CA SER B 767 -17.05 -13.83 2.24
C SER B 767 -16.20 -12.59 2.02
N PHE B 768 -16.40 -11.54 2.86
CA PHE B 768 -15.62 -10.29 2.82
C PHE B 768 -14.16 -10.52 3.25
N TRP B 769 -13.95 -11.34 4.29
CA TRP B 769 -12.63 -11.65 4.84
C TRP B 769 -11.74 -12.38 3.85
N ARG B 770 -12.26 -13.43 3.20
CA ARG B 770 -11.52 -14.24 2.24
C ARG B 770 -11.39 -13.61 0.85
N SER B 771 -12.03 -12.44 0.63
CA SER B 771 -12.00 -11.73 -0.65
C SER B 771 -10.62 -11.22 -1.00
N PHE B 772 -10.28 -11.34 -2.30
CA PHE B 772 -9.03 -10.88 -2.87
C PHE B 772 -9.04 -9.37 -2.80
N HIS B 773 -8.20 -8.80 -1.92
CA HIS B 773 -8.15 -7.36 -1.69
C HIS B 773 -6.74 -6.79 -1.89
N THR B 774 -6.66 -5.76 -2.71
CA THR B 774 -5.44 -5.02 -2.99
C THR B 774 -5.79 -3.53 -2.95
N GLU B 775 -4.78 -2.67 -2.94
CA GLU B 775 -4.94 -1.22 -2.96
C GLU B 775 -5.49 -0.75 -4.33
N ARG B 776 -5.48 -1.66 -5.34
CA ARG B 776 -5.96 -1.37 -6.69
C ARG B 776 -7.36 -1.91 -6.98
N LYS B 777 -7.62 -3.16 -6.58
CA LYS B 777 -8.90 -3.82 -6.83
C LYS B 777 -9.36 -4.71 -5.67
N THR B 778 -10.65 -5.08 -5.70
CA THR B 778 -11.28 -5.97 -4.72
C THR B 778 -12.27 -6.85 -5.46
N GLU B 779 -12.09 -8.17 -5.32
CA GLU B 779 -12.93 -9.16 -5.99
C GLU B 779 -13.25 -10.33 -5.05
N PRO B 780 -14.48 -10.91 -5.12
CA PRO B 780 -14.81 -12.06 -4.26
C PRO B 780 -13.91 -13.28 -4.47
N ALA B 781 -13.83 -14.13 -3.44
CA ALA B 781 -13.03 -15.36 -3.47
C ALA B 781 -13.66 -16.34 -4.45
N THR B 782 -12.80 -17.05 -5.19
CA THR B 782 -13.20 -18.03 -6.22
C THR B 782 -12.12 -19.09 -6.40
N GLY B 783 -12.53 -20.31 -6.75
CA GLY B 783 -11.63 -21.44 -6.99
C GLY B 783 -10.84 -21.91 -5.78
N PHE B 784 -11.29 -21.50 -4.57
CA PHE B 784 -10.65 -21.87 -3.32
C PHE B 784 -11.66 -22.23 -2.24
N ILE B 785 -11.27 -23.17 -1.37
CA ILE B 785 -12.09 -23.64 -0.26
C ILE B 785 -11.34 -23.46 1.03
N ASP B 786 -11.95 -22.78 1.99
CA ASP B 786 -11.36 -22.59 3.31
C ASP B 786 -11.59 -23.87 4.12
N GLY B 787 -10.52 -24.65 4.24
CA GLY B 787 -10.45 -25.91 4.97
C GLY B 787 -10.64 -25.77 6.46
N ASP B 788 -10.22 -24.62 7.03
CA ASP B 788 -10.36 -24.33 8.46
C ASP B 788 -11.82 -24.22 8.85
N LEU B 789 -12.63 -23.59 7.98
CA LEU B 789 -14.07 -23.44 8.19
C LEU B 789 -14.80 -24.77 8.02
N ILE B 790 -14.37 -25.59 7.04
CA ILE B 790 -14.96 -26.91 6.75
C ILE B 790 -14.75 -27.87 7.90
N GLU B 791 -13.52 -27.96 8.41
CA GLU B 791 -13.16 -28.83 9.53
C GLU B 791 -13.77 -28.40 10.87
N SER B 792 -14.32 -27.17 10.95
CA SER B 792 -14.97 -26.65 12.15
C SER B 792 -16.32 -27.33 12.37
N PHE B 793 -16.82 -28.04 11.34
CA PHE B 793 -18.08 -28.79 11.36
C PHE B 793 -18.06 -29.90 12.42
N LEU B 794 -16.86 -30.44 12.73
CA LEU B 794 -16.68 -31.50 13.72
C LEU B 794 -16.76 -31.00 15.16
N ASP B 795 -16.51 -29.70 15.39
CA ASP B 795 -16.46 -29.09 16.73
C ASP B 795 -17.78 -28.54 17.25
N ILE B 796 -18.72 -28.25 16.36
CA ILE B 796 -20.04 -27.71 16.72
C ILE B 796 -20.93 -28.78 17.37
N SER B 797 -22.06 -28.36 17.96
CA SER B 797 -23.00 -29.29 18.61
C SER B 797 -23.86 -30.01 17.56
N ARG B 798 -24.24 -31.27 17.87
CA ARG B 798 -25.08 -32.14 17.04
C ARG B 798 -26.40 -31.48 16.56
N PRO B 799 -27.25 -30.82 17.42
CA PRO B 799 -28.50 -30.23 16.89
C PRO B 799 -28.30 -29.06 15.92
N LYS B 800 -27.26 -28.23 16.15
CA LYS B 800 -26.94 -27.09 15.31
C LYS B 800 -26.02 -27.46 14.13
N MET B 801 -26.28 -28.63 13.48
CA MET B 801 -25.51 -29.11 12.33
C MET B 801 -26.35 -29.24 11.07
N GLN B 802 -27.56 -28.65 11.05
CA GLN B 802 -28.51 -28.72 9.94
C GLN B 802 -28.09 -27.95 8.66
N GLU B 803 -26.79 -27.97 8.30
CA GLU B 803 -26.31 -27.36 7.05
C GLU B 803 -26.63 -28.31 5.88
N VAL B 804 -27.30 -29.45 6.19
CA VAL B 804 -27.67 -30.50 5.25
C VAL B 804 -29.14 -30.37 4.84
N VAL B 805 -29.38 -29.88 3.62
CA VAL B 805 -30.73 -29.70 3.06
C VAL B 805 -30.82 -30.49 1.73
N ALA B 806 -30.16 -31.67 1.68
CA ALA B 806 -30.08 -32.57 0.52
C ALA B 806 -29.62 -31.81 -0.73
N THR B 821 -29.59 -37.96 1.63
CA THR B 821 -29.63 -37.11 2.81
C THR B 821 -28.26 -37.09 3.49
N ALA B 822 -27.78 -38.28 3.92
CA ALA B 822 -26.51 -38.53 4.62
C ALA B 822 -26.35 -37.61 5.83
N ASP B 823 -27.26 -37.74 6.83
CA ASP B 823 -27.25 -36.93 8.06
C ASP B 823 -25.89 -37.03 8.72
N ASP B 824 -25.38 -38.27 8.84
CA ASP B 824 -24.06 -38.54 9.39
C ASP B 824 -23.01 -38.19 8.33
N LEU B 825 -22.57 -36.93 8.32
CA LEU B 825 -21.58 -36.43 7.39
C LEU B 825 -20.15 -36.62 7.93
N ILE B 826 -19.96 -37.70 8.71
CA ILE B 826 -18.66 -38.03 9.29
C ILE B 826 -17.76 -38.69 8.24
N LYS B 827 -18.37 -39.36 7.22
CA LYS B 827 -17.62 -39.96 6.11
C LYS B 827 -16.80 -38.87 5.41
N VAL B 828 -17.35 -37.65 5.32
CA VAL B 828 -16.69 -36.49 4.76
C VAL B 828 -16.11 -35.75 5.97
N VAL B 829 -15.15 -34.83 5.75
CA VAL B 829 -14.53 -34.01 6.80
C VAL B 829 -13.54 -34.86 7.60
N GLU B 830 -13.99 -35.99 8.21
CA GLU B 830 -13.12 -36.90 8.95
C GLU B 830 -12.13 -37.53 7.96
N GLU B 831 -12.58 -37.79 6.70
CA GLU B 831 -11.72 -38.28 5.63
C GLU B 831 -10.87 -37.12 5.12
N LEU B 832 -11.41 -35.88 5.18
CA LEU B 832 -10.70 -34.67 4.75
C LEU B 832 -9.58 -34.28 5.72
N THR B 833 -9.73 -34.63 7.02
CA THR B 833 -8.74 -34.34 8.07
C THR B 833 -7.58 -35.32 8.03
N ARG B 834 -7.72 -36.41 7.22
CA ARG B 834 -6.69 -37.43 7.06
C ARG B 834 -5.52 -36.95 6.18
N ILE B 835 -5.67 -35.79 5.51
CA ILE B 835 -4.64 -35.20 4.65
C ILE B 835 -3.46 -34.66 5.50
N HIS B 836 -3.77 -34.19 6.72
CA HIS B 836 -2.80 -33.64 7.66
C HIS B 836 -1.87 -34.77 8.08
N GLY C 1 7.73 34.67 -29.51
CA GLY C 1 7.03 35.95 -29.45
C GLY C 1 7.82 37.09 -28.85
N PRO C 2 7.23 38.29 -28.72
CA PRO C 2 7.95 39.47 -28.20
C PRO C 2 8.60 39.34 -26.82
N MET C 3 7.98 38.62 -25.85
CA MET C 3 8.57 38.52 -24.50
C MET C 3 8.50 37.13 -23.86
N ARG C 4 9.62 36.67 -23.26
CA ARG C 4 9.76 35.40 -22.56
C ARG C 4 10.08 35.67 -21.09
N LEU C 5 9.21 35.18 -20.20
CA LEU C 5 9.34 35.35 -18.76
C LEU C 5 9.83 34.09 -18.08
N TYR C 6 10.53 34.28 -16.95
CA TYR C 6 11.06 33.21 -16.11
C TYR C 6 10.25 33.19 -14.84
N VAL C 7 9.59 32.08 -14.57
CA VAL C 7 8.78 31.88 -13.38
C VAL C 7 9.57 30.89 -12.53
N GLY C 8 9.92 31.29 -11.31
CA GLY C 8 10.71 30.46 -10.41
C GLY C 8 10.20 30.49 -8.98
N SER C 9 10.84 29.69 -8.10
CA SER C 9 10.52 29.56 -6.67
C SER C 9 9.03 29.13 -6.55
N LEU C 10 8.66 28.08 -7.31
CA LEU C 10 7.29 27.58 -7.32
C LEU C 10 7.22 26.35 -6.46
N HIS C 11 6.04 26.09 -5.88
CA HIS C 11 5.82 24.87 -5.09
C HIS C 11 5.85 23.70 -6.06
N PHE C 12 6.42 22.56 -5.67
CA PHE C 12 6.57 21.38 -6.53
C PHE C 12 5.24 20.78 -7.03
N ASN C 13 4.15 21.02 -6.30
CA ASN C 13 2.83 20.50 -6.64
C ASN C 13 2.05 21.39 -7.62
N ILE C 14 2.54 22.63 -7.87
CA ILE C 14 1.93 23.57 -8.81
C ILE C 14 2.14 23.04 -10.21
N THR C 15 1.05 22.91 -10.96
CA THR C 15 1.13 22.35 -12.30
C THR C 15 1.21 23.45 -13.36
N GLU C 16 1.49 23.01 -14.60
CA GLU C 16 1.55 23.85 -15.80
C GLU C 16 0.17 24.43 -16.06
N ASP C 17 -0.89 23.61 -15.88
CA ASP C 17 -2.28 24.04 -16.05
C ASP C 17 -2.63 25.16 -15.07
N MET C 18 -2.08 25.11 -13.83
CA MET C 18 -2.27 26.16 -12.83
C MET C 18 -1.55 27.42 -13.27
N LEU C 19 -0.31 27.27 -13.79
CA LEU C 19 0.50 28.37 -14.30
C LEU C 19 -0.20 29.09 -15.43
N ARG C 20 -0.83 28.31 -16.34
CA ARG C 20 -1.61 28.83 -17.46
C ARG C 20 -2.78 29.66 -16.93
N GLY C 21 -3.52 29.09 -15.98
CA GLY C 21 -4.67 29.70 -15.33
C GLY C 21 -4.39 31.05 -14.69
N ILE C 22 -3.21 31.21 -14.06
CA ILE C 22 -2.84 32.46 -13.39
C ILE C 22 -2.38 33.55 -14.40
N PHE C 23 -1.60 33.16 -15.42
CA PHE C 23 -1.01 34.07 -16.40
C PHE C 23 -1.88 34.42 -17.60
N GLU C 24 -2.71 33.47 -18.10
CA GLU C 24 -3.60 33.68 -19.24
C GLU C 24 -4.49 34.92 -19.13
N PRO C 25 -5.08 35.30 -17.95
CA PRO C 25 -5.88 36.53 -17.89
C PRO C 25 -5.16 37.83 -18.25
N PHE C 26 -3.82 37.84 -18.27
CA PHE C 26 -3.09 39.07 -18.62
C PHE C 26 -3.00 39.30 -20.14
N GLY C 27 -3.03 38.21 -20.89
CA GLY C 27 -2.97 38.23 -22.35
C GLY C 27 -2.70 36.89 -22.98
N ARG C 28 -2.56 36.88 -24.32
CA ARG C 28 -2.29 35.69 -25.10
C ARG C 28 -0.91 35.11 -24.79
N ILE C 29 -0.87 33.79 -24.54
CA ILE C 29 0.35 33.05 -24.27
C ILE C 29 0.70 32.20 -25.47
N GLU C 30 1.92 32.40 -26.01
CA GLU C 30 2.43 31.65 -27.15
C GLU C 30 2.80 30.22 -26.74
N SER C 31 3.48 30.05 -25.58
CA SER C 31 3.91 28.74 -25.06
C SER C 31 4.27 28.79 -23.57
N ILE C 32 4.23 27.61 -22.92
CA ILE C 32 4.60 27.44 -21.51
C ILE C 32 5.58 26.28 -21.42
N GLN C 33 6.58 26.41 -20.52
CA GLN C 33 7.61 25.40 -20.33
C GLN C 33 7.89 25.15 -18.85
N LEU C 34 7.06 24.33 -18.16
CA LEU C 34 7.34 23.99 -16.78
C LEU C 34 8.30 22.82 -16.81
N MET C 35 9.50 23.03 -16.26
CA MET C 35 10.57 22.03 -16.25
C MET C 35 10.33 20.92 -15.24
N MET C 36 10.37 19.68 -15.73
CA MET C 36 10.17 18.48 -14.92
C MET C 36 11.50 17.83 -14.64
N ASP C 37 11.60 17.12 -13.52
CA ASP C 37 12.80 16.39 -13.14
C ASP C 37 12.57 14.95 -13.58
N SER C 38 13.36 14.48 -14.55
CA SER C 38 13.27 13.14 -15.14
C SER C 38 13.26 11.99 -14.12
N GLU C 39 14.19 12.01 -13.14
CA GLU C 39 14.31 10.96 -12.12
C GLU C 39 13.06 10.88 -11.23
N THR C 40 12.69 11.98 -10.55
CA THR C 40 11.53 12.04 -9.66
C THR C 40 10.19 12.02 -10.39
N GLY C 41 10.12 12.68 -11.54
CA GLY C 41 8.92 12.80 -12.35
C GLY C 41 8.10 14.00 -11.94
N ARG C 42 8.59 14.75 -10.93
CA ARG C 42 7.94 15.95 -10.41
C ARG C 42 8.57 17.23 -10.97
N SER C 43 7.97 18.39 -10.68
CA SER C 43 8.44 19.70 -11.15
C SER C 43 9.77 20.11 -10.53
N LYS C 44 10.47 21.06 -11.18
CA LYS C 44 11.74 21.62 -10.73
C LYS C 44 11.49 22.93 -9.97
N GLY C 45 10.26 23.44 -10.07
CA GLY C 45 9.84 24.69 -9.42
C GLY C 45 10.09 25.92 -10.25
N TYR C 46 10.63 25.74 -11.46
CA TYR C 46 10.88 26.85 -12.37
C TYR C 46 10.37 26.56 -13.77
N GLY C 47 10.13 27.62 -14.51
CA GLY C 47 9.64 27.55 -15.88
C GLY C 47 9.77 28.84 -16.67
N PHE C 48 9.31 28.78 -17.92
CA PHE C 48 9.33 29.90 -18.84
C PHE C 48 7.96 30.06 -19.47
N ILE C 49 7.51 31.31 -19.58
CA ILE C 49 6.21 31.65 -20.17
C ILE C 49 6.45 32.74 -21.20
N THR C 50 6.03 32.49 -22.45
CA THR C 50 6.21 33.45 -23.54
C THR C 50 4.87 34.04 -23.94
N PHE C 51 4.73 35.37 -23.83
CA PHE C 51 3.51 36.09 -24.21
C PHE C 51 3.59 36.52 -25.67
N SER C 52 2.42 36.63 -26.33
CA SER C 52 2.32 37.05 -27.73
C SER C 52 2.52 38.54 -27.89
N ASP C 53 2.24 39.32 -26.82
CA ASP C 53 2.43 40.76 -26.81
C ASP C 53 3.27 41.14 -25.59
N SER C 54 4.32 41.98 -25.81
CA SER C 54 5.25 42.48 -24.79
C SER C 54 4.53 43.17 -23.63
N GLU C 55 3.51 44.00 -23.93
CA GLU C 55 2.72 44.78 -22.97
C GLU C 55 2.05 43.93 -21.92
N CYS C 56 1.43 42.81 -22.33
CA CYS C 56 0.76 41.86 -21.43
C CYS C 56 1.74 41.21 -20.48
N ALA C 57 2.94 40.83 -20.99
CA ALA C 57 4.02 40.22 -20.20
C ALA C 57 4.50 41.12 -19.08
N LYS C 58 4.68 42.44 -19.34
CA LYS C 58 5.10 43.41 -18.33
C LYS C 58 4.06 43.59 -17.25
N LYS C 59 2.77 43.65 -17.61
CA LYS C 59 1.66 43.80 -16.67
C LYS C 59 1.55 42.56 -15.78
N ALA C 60 1.76 41.36 -16.36
CA ALA C 60 1.74 40.09 -15.62
C ALA C 60 2.88 40.08 -14.62
N LEU C 61 4.09 40.57 -15.04
CA LEU C 61 5.29 40.68 -14.22
C LEU C 61 5.08 41.57 -12.99
N GLU C 62 4.51 42.77 -13.18
CA GLU C 62 4.26 43.75 -12.10
C GLU C 62 3.30 43.24 -11.01
N GLN C 63 2.28 42.47 -11.40
CA GLN C 63 1.27 41.94 -10.49
C GLN C 63 1.59 40.57 -9.90
N LEU C 64 2.60 39.85 -10.45
CA LEU C 64 2.93 38.51 -9.98
C LEU C 64 4.31 38.34 -9.35
N ASN C 65 5.25 39.25 -9.62
CA ASN C 65 6.59 39.17 -9.04
C ASN C 65 6.62 39.52 -7.54
N GLY C 66 7.08 38.56 -6.74
CA GLY C 66 7.24 38.68 -5.30
C GLY C 66 6.02 38.42 -4.44
N PHE C 67 4.88 38.04 -5.05
CA PHE C 67 3.65 37.76 -4.31
C PHE C 67 3.47 36.27 -4.11
N GLU C 68 3.04 35.89 -2.90
CA GLU C 68 2.86 34.51 -2.48
C GLU C 68 1.88 33.70 -3.31
N LEU C 69 2.29 32.48 -3.65
CA LEU C 69 1.51 31.47 -4.33
C LEU C 69 1.79 30.21 -3.54
N ALA C 70 0.75 29.70 -2.87
CA ALA C 70 0.77 28.53 -1.99
C ALA C 70 1.83 28.69 -0.87
N GLY C 71 1.93 29.91 -0.35
CA GLY C 71 2.85 30.32 0.72
C GLY C 71 4.30 30.57 0.34
N ARG C 72 4.66 30.44 -0.95
CA ARG C 72 6.03 30.66 -1.41
C ARG C 72 6.08 31.84 -2.41
N PRO C 73 6.77 32.98 -2.09
CA PRO C 73 6.84 34.11 -3.03
C PRO C 73 7.35 33.70 -4.40
N MET C 74 6.61 34.08 -5.44
CA MET C 74 6.90 33.75 -6.83
C MET C 74 7.89 34.74 -7.44
N LYS C 75 8.84 34.23 -8.23
CA LYS C 75 9.85 35.04 -8.90
C LYS C 75 9.53 35.07 -10.40
N VAL C 76 9.25 36.28 -10.93
CA VAL C 76 8.91 36.54 -12.34
C VAL C 76 9.89 37.58 -12.91
N GLY C 77 10.61 37.21 -13.96
CA GLY C 77 11.59 38.08 -14.60
C GLY C 77 11.73 37.87 -16.09
N HIS C 78 12.48 38.77 -16.76
CA HIS C 78 12.73 38.73 -18.19
C HIS C 78 13.92 37.85 -18.55
N VAL C 79 13.76 37.01 -19.58
CA VAL C 79 14.79 36.10 -20.11
C VAL C 79 14.67 36.15 -21.63
N THR C 80 15.80 36.36 -22.32
CA THR C 80 15.80 36.42 -23.77
C THR C 80 15.59 34.99 -24.37
N GLU C 81 16.41 33.98 -23.96
CA GLU C 81 16.38 32.57 -24.39
C GLU C 81 17.53 31.78 -23.72
N PHE D 3 16.62 1.04 45.43
CA PHE D 3 17.12 0.29 44.28
C PHE D 3 16.13 0.34 43.11
N LEU D 4 16.53 -0.23 41.95
CA LEU D 4 15.72 -0.28 40.73
C LEU D 4 14.51 -1.18 40.92
N LYS D 5 14.55 -2.05 41.95
CA LYS D 5 13.52 -3.03 42.28
C LYS D 5 12.65 -2.64 43.50
N GLY D 6 11.49 -3.28 43.58
CA GLY D 6 10.42 -3.08 44.55
C GLY D 6 9.16 -3.00 43.72
N LEU D 7 9.12 -3.87 42.69
CA LEU D 7 8.13 -4.03 41.62
C LEU D 7 6.70 -4.24 42.09
N PRO D 8 5.70 -3.74 41.29
CA PRO D 8 4.29 -3.88 41.67
C PRO D 8 3.81 -5.30 41.91
N VAL D 9 2.84 -5.43 42.83
CA VAL D 9 2.24 -6.69 43.24
C VAL D 9 0.72 -6.55 43.22
N TYR D 10 0.06 -7.11 42.19
CA TYR D 10 -1.41 -7.07 42.12
C TYR D 10 -1.96 -8.17 43.03
N ASN D 11 -1.12 -9.17 43.32
CA ASN D 11 -1.43 -10.32 44.17
C ASN D 11 -0.16 -11.10 44.43
N LYS D 12 0.13 -11.41 45.71
CA LYS D 12 1.31 -12.17 46.12
C LYS D 12 1.27 -13.62 45.65
N SER D 13 0.05 -14.20 45.52
CA SER D 13 -0.17 -15.59 45.08
C SER D 13 0.20 -15.85 43.62
N ASN D 14 0.16 -14.83 42.75
CA ASN D 14 0.48 -15.01 41.34
C ASN D 14 1.93 -15.44 41.12
N PHE D 15 2.13 -16.49 40.29
CA PHE D 15 3.43 -17.09 39.94
C PHE D 15 4.17 -17.71 41.15
N SER D 16 3.44 -18.09 42.20
CA SER D 16 4.04 -18.69 43.39
C SER D 16 4.01 -20.23 43.32
N ARG D 17 3.11 -20.79 42.51
CA ARG D 17 2.98 -22.25 42.31
C ARG D 17 3.23 -22.65 40.87
N PHE D 18 3.63 -21.66 40.02
CA PHE D 18 3.95 -21.90 38.62
C PHE D 18 5.19 -22.77 38.53
N HIS D 19 5.10 -23.81 37.70
CA HIS D 19 6.18 -24.74 37.43
C HIS D 19 5.90 -25.42 36.11
N ALA D 20 6.95 -25.64 35.32
CA ALA D 20 6.86 -26.33 34.05
C ALA D 20 8.09 -27.20 33.93
N ASP D 21 7.89 -28.52 33.94
CA ASP D 21 8.98 -29.48 33.86
C ASP D 21 9.46 -29.71 32.45
N SER D 22 10.08 -28.68 31.90
CA SER D 22 10.63 -28.65 30.56
C SER D 22 11.67 -27.54 30.47
N VAL D 23 12.53 -27.61 29.45
CA VAL D 23 13.56 -26.62 29.20
C VAL D 23 13.49 -26.25 27.72
N CYS D 24 13.09 -24.99 27.45
CA CYS D 24 13.01 -24.38 26.11
C CYS D 24 12.12 -25.15 25.11
N LYS D 25 10.94 -25.63 25.56
CA LYS D 25 10.01 -26.36 24.70
C LYS D 25 8.57 -26.18 25.17
N ALA D 26 7.76 -25.41 24.43
CA ALA D 26 6.35 -25.17 24.77
C ALA D 26 5.49 -24.73 23.59
N SER D 27 5.11 -25.70 22.73
CA SER D 27 4.23 -25.43 21.58
C SER D 27 2.77 -25.80 21.95
N ASN D 28 2.45 -25.77 23.25
CA ASN D 28 1.11 -26.06 23.72
C ASN D 28 0.20 -24.85 23.51
N ARG D 29 -0.78 -25.02 22.61
CA ARG D 29 -1.79 -24.00 22.31
C ARG D 29 -3.05 -24.37 23.12
N ARG D 30 -2.83 -24.62 24.44
CA ARG D 30 -3.85 -24.99 25.43
C ARG D 30 -5.20 -24.28 25.28
N PRO D 31 -5.30 -22.92 25.08
CA PRO D 31 -6.63 -22.29 24.97
C PRO D 31 -7.55 -22.95 23.95
N SER D 32 -8.73 -23.36 24.43
CA SER D 32 -9.75 -24.00 23.60
C SER D 32 -10.35 -22.94 22.70
N VAL D 33 -10.45 -23.29 21.41
CA VAL D 33 -11.01 -22.42 20.38
C VAL D 33 -12.49 -22.09 20.66
N TYR D 34 -12.89 -20.86 20.34
CA TYR D 34 -14.24 -20.40 20.56
C TYR D 34 -15.05 -20.53 19.26
N LEU D 35 -16.11 -21.37 19.26
CA LEU D 35 -17.00 -21.62 18.11
C LEU D 35 -18.34 -20.96 18.40
N PRO D 36 -18.52 -19.64 18.12
CA PRO D 36 -19.80 -18.99 18.43
C PRO D 36 -20.95 -19.46 17.53
N THR D 37 -22.04 -19.87 18.18
CA THR D 37 -23.24 -20.38 17.50
C THR D 37 -24.50 -19.58 17.86
N ARG D 38 -24.42 -18.78 18.92
CA ARG D 38 -25.54 -17.98 19.39
C ARG D 38 -25.50 -16.56 18.87
N GLU D 39 -26.67 -16.00 18.61
CA GLU D 39 -26.81 -14.64 18.08
C GLU D 39 -27.24 -13.68 19.18
N TYR D 40 -26.43 -12.64 19.40
CA TYR D 40 -26.73 -11.59 20.36
C TYR D 40 -26.56 -10.25 19.65
N PRO D 41 -27.66 -9.46 19.55
CA PRO D 41 -27.58 -8.18 18.82
C PRO D 41 -26.59 -7.15 19.38
N SER D 42 -26.19 -6.21 18.52
CA SER D 42 -25.26 -5.13 18.87
C SER D 42 -26.02 -3.88 19.26
N GLU D 43 -25.47 -3.11 20.18
CA GLU D 43 -26.08 -1.88 20.67
C GLU D 43 -25.87 -0.74 19.68
N GLN D 44 -24.65 -0.64 19.12
CA GLN D 44 -24.27 0.42 18.20
C GLN D 44 -23.69 -0.12 16.90
N ILE D 45 -23.66 0.74 15.86
CA ILE D 45 -23.11 0.45 14.54
C ILE D 45 -22.23 1.63 14.16
N ILE D 46 -20.93 1.35 13.96
CA ILE D 46 -19.93 2.35 13.60
C ILE D 46 -20.09 2.77 12.13
N VAL D 47 -20.32 4.06 11.92
CA VAL D 47 -20.51 4.68 10.60
C VAL D 47 -19.61 5.90 10.42
N THR D 48 -19.20 6.17 9.18
CA THR D 48 -18.34 7.31 8.85
C THR D 48 -19.19 8.46 8.30
N GLU D 49 -18.83 9.70 8.65
CA GLU D 49 -19.47 10.91 8.15
C GLU D 49 -19.06 11.08 6.69
N LYS D 50 -20.05 11.08 5.78
CA LYS D 50 -19.88 11.14 4.34
C LYS D 50 -19.51 12.54 3.80
N THR D 51 -19.80 13.62 4.54
CA THR D 51 -19.48 14.98 4.11
C THR D 51 -17.97 15.19 4.05
N ASN D 52 -17.50 15.81 2.94
CA ASN D 52 -16.09 16.12 2.72
C ASN D 52 -15.62 17.12 3.79
N ILE D 53 -14.35 16.98 4.21
CA ILE D 53 -13.71 17.81 5.25
C ILE D 53 -13.67 19.29 4.86
N LEU D 54 -13.45 19.61 3.57
CA LEU D 54 -13.43 20.98 3.09
C LEU D 54 -14.83 21.53 3.01
N LEU D 55 -15.75 20.71 2.47
CA LEU D 55 -17.17 21.06 2.35
C LEU D 55 -17.81 21.27 3.72
N ARG D 56 -17.36 20.52 4.75
CA ARG D 56 -17.85 20.63 6.11
C ARG D 56 -17.35 21.92 6.77
N TYR D 57 -16.04 22.22 6.61
CA TYR D 57 -15.39 23.40 7.18
C TYR D 57 -16.00 24.69 6.61
N LEU D 58 -16.17 24.77 5.27
CA LEU D 58 -16.75 25.93 4.60
C LEU D 58 -18.20 26.14 4.98
N HIS D 59 -18.92 25.05 5.32
CA HIS D 59 -20.31 25.11 5.72
C HIS D 59 -20.51 25.66 7.13
N GLN D 60 -19.72 25.18 8.11
CA GLN D 60 -19.84 25.66 9.49
C GLN D 60 -19.25 27.05 9.70
N GLN D 61 -18.22 27.41 8.89
CA GLN D 61 -17.57 28.73 8.97
C GLN D 61 -18.54 29.78 8.45
N TRP D 62 -19.37 29.40 7.45
CA TRP D 62 -20.39 30.28 6.90
C TRP D 62 -21.57 30.39 7.85
N ASP D 63 -21.82 29.33 8.67
CA ASP D 63 -22.90 29.35 9.66
C ASP D 63 -22.53 30.23 10.83
N LYS D 64 -21.23 30.29 11.16
CA LYS D 64 -20.71 31.14 12.24
C LYS D 64 -20.65 32.58 11.81
N LYS D 65 -20.37 32.83 10.52
CA LYS D 65 -20.31 34.18 9.95
C LYS D 65 -21.71 34.79 9.88
N ASN D 66 -22.75 33.93 9.69
CA ASN D 66 -24.13 34.36 9.64
C ASN D 66 -24.64 34.71 11.01
N ALA D 67 -24.28 33.92 12.05
CA ALA D 67 -24.67 34.16 13.44
C ALA D 67 -24.05 35.45 13.99
N ALA D 68 -22.86 35.85 13.48
CA ALA D 68 -22.18 37.09 13.89
C ALA D 68 -22.94 38.30 13.36
N LYS D 69 -23.57 38.18 12.18
CA LYS D 69 -24.38 39.26 11.60
C LYS D 69 -25.88 39.15 11.95
N LYS D 70 -26.40 37.93 12.25
CA LYS D 70 -27.81 37.69 12.60
C LYS D 70 -28.12 37.96 14.09
N ARG D 71 -27.12 38.40 14.86
CA ARG D 71 -27.37 38.75 16.25
C ARG D 71 -27.40 40.27 16.39
N ASP D 72 -28.05 40.96 15.42
CA ASP D 72 -28.13 42.41 15.44
C ASP D 72 -29.56 42.93 15.71
N GLN D 73 -30.38 42.11 16.42
CA GLN D 73 -31.71 42.50 16.87
C GLN D 73 -31.44 43.46 18.04
N GLU D 74 -30.44 43.10 18.85
CA GLU D 74 -29.89 43.86 19.96
C GLU D 74 -28.40 44.08 19.68
N GLN D 75 -27.83 45.19 20.17
CA GLN D 75 -26.41 45.50 20.00
C GLN D 75 -25.57 44.67 20.95
#